data_5CCQ
# 
_entry.id   5CCQ 
# 
_audit_conform.dict_name       mmcif_pdbx.dic 
_audit_conform.dict_version    5.383 
_audit_conform.dict_location   http://mmcif.pdb.org/dictionaries/ascii/mmcif_pdbx.dic 
# 
loop_
_database_2.database_id 
_database_2.database_code 
_database_2.pdbx_database_accession 
_database_2.pdbx_DOI 
PDB   5CCQ         pdb_00005ccq 10.2210/pdb5ccq/pdb 
WWPDB D_1000210735 ?            ?                   
# 
loop_
_pdbx_audit_revision_history.ordinal 
_pdbx_audit_revision_history.data_content_type 
_pdbx_audit_revision_history.major_revision 
_pdbx_audit_revision_history.minor_revision 
_pdbx_audit_revision_history.revision_date 
1 'Structure model' 1 0 2016-07-20 
2 'Structure model' 1 1 2024-01-10 
# 
_pdbx_audit_revision_details.ordinal             1 
_pdbx_audit_revision_details.revision_ordinal    1 
_pdbx_audit_revision_details.data_content_type   'Structure model' 
_pdbx_audit_revision_details.provider            repository 
_pdbx_audit_revision_details.type                'Initial release' 
_pdbx_audit_revision_details.description         ? 
_pdbx_audit_revision_details.details             ? 
# 
loop_
_pdbx_audit_revision_group.ordinal 
_pdbx_audit_revision_group.revision_ordinal 
_pdbx_audit_revision_group.data_content_type 
_pdbx_audit_revision_group.group 
1 2 'Structure model' 'Data collection'        
2 2 'Structure model' 'Database references'    
3 2 'Structure model' 'Derived calculations'   
4 2 'Structure model' 'Refinement description' 
# 
loop_
_pdbx_audit_revision_category.ordinal 
_pdbx_audit_revision_category.revision_ordinal 
_pdbx_audit_revision_category.data_content_type 
_pdbx_audit_revision_category.category 
1 2 'Structure model' chem_comp_atom                
2 2 'Structure model' chem_comp_bond                
3 2 'Structure model' database_2                    
4 2 'Structure model' pdbx_initial_refinement_model 
5 2 'Structure model' struct_conn                   
# 
loop_
_pdbx_audit_revision_item.ordinal 
_pdbx_audit_revision_item.revision_ordinal 
_pdbx_audit_revision_item.data_content_type 
_pdbx_audit_revision_item.item 
1  2 'Structure model' '_database_2.pdbx_DOI'                
2  2 'Structure model' '_database_2.pdbx_database_accession' 
3  2 'Structure model' '_struct_conn.pdbx_dist_value'        
4  2 'Structure model' '_struct_conn.ptnr1_auth_seq_id'      
5  2 'Structure model' '_struct_conn.ptnr1_label_asym_id'    
6  2 'Structure model' '_struct_conn.ptnr2_auth_comp_id'     
7  2 'Structure model' '_struct_conn.ptnr2_auth_seq_id'      
8  2 'Structure model' '_struct_conn.ptnr2_label_asym_id'    
9  2 'Structure model' '_struct_conn.ptnr2_label_atom_id'    
10 2 'Structure model' '_struct_conn.ptnr2_label_comp_id'    
11 2 'Structure model' '_struct_conn.ptnr2_symmetry'         
# 
_pdbx_database_status.status_code                     REL 
_pdbx_database_status.status_code_sf                  REL 
_pdbx_database_status.status_code_mr                  ? 
_pdbx_database_status.entry_id                        5CCQ 
_pdbx_database_status.recvd_initial_deposition_date   2015-07-02 
_pdbx_database_status.SG_entry                        N 
_pdbx_database_status.deposit_site                    RCSB 
_pdbx_database_status.process_site                    PDBE 
_pdbx_database_status.status_code_cs                  ? 
_pdbx_database_status.methods_development_category    ? 
_pdbx_database_status.pdb_format_compatible           Y 
_pdbx_database_status.status_code_nmr_data            ? 
# 
loop_
_audit_author.name 
_audit_author.pdbx_ordinal 
'Gibson, R.P.'    1  
'Shore, E.'       2  
'Kershaw, N.'     3  
'Awais, M.'       4  
'Javed, A.'       5  
'Latawiec, D.'    6  
'Pandalaneni, S.' 7  
'Wen, L.'         8  
'Berry, N.'       9  
;O'Neill, P.
;
10 
'Sutton, R.'      11 
'Lian, L.Y.'      12 
# 
_citation.abstract                  ? 
_citation.abstract_id_CAS           ? 
_citation.book_id_ISBN              ? 
_citation.book_publisher            ? 
_citation.book_publisher_city       ? 
_citation.book_title                ? 
_citation.coordinate_linkage        ? 
_citation.country                   ? 
_citation.database_id_Medline       ? 
_citation.details                   ? 
_citation.id                        primary 
_citation.journal_abbrev            'To Be Published' 
_citation.journal_id_ASTM           ? 
_citation.journal_id_CSD            0353 
_citation.journal_id_ISSN           ? 
_citation.journal_full              ? 
_citation.journal_issue             ? 
_citation.journal_volume            ? 
_citation.language                  ? 
_citation.page_first                ? 
_citation.page_last                 ? 
_citation.title                     'Human Cyclophilin D Complexed with Inhibitor' 
_citation.year                      ? 
_citation.database_id_CSD           ? 
_citation.pdbx_database_id_DOI      ? 
_citation.pdbx_database_id_PubMed   ? 
_citation.unpublished_flag          ? 
# 
loop_
_citation_author.citation_id 
_citation_author.name 
_citation_author.ordinal 
_citation_author.identifier_ORCID 
primary 'Gibson, R.P.'    1  ? 
primary 'Shore, E.'       2  ? 
primary 'Kershaw, N.'     3  ? 
primary 'Awais, M.'       4  ? 
primary 'Javed, A.'       5  ? 
primary 'Latawiec, D.'    6  ? 
primary 'Pandalaneni, S.' 7  ? 
primary 'Wen, L.'         8  ? 
primary 'Berry, N.'       9  ? 
primary 
;O'Neill, P.
;
10 ? 
primary 'Sutton, R.'      11 ? 
primary 'Lian, L.Y.'      12 ? 
# 
loop_
_entity.id 
_entity.type 
_entity.src_method 
_entity.pdbx_description 
_entity.formula_weight 
_entity.pdbx_number_of_molecules 
_entity.pdbx_ec 
_entity.pdbx_mutation 
_entity.pdbx_fragment 
_entity.details 
1 polymer     man 'Peptidyl-prolyl cis-trans isomerase F, mitochondrial'      17652.125 1   5.2.1.8 K133I ? ? 
2 non-polymer syn 'POTASSIUM ION'                                             39.098    2   ?       ?     ? ? 
3 non-polymer syn 'FORMIC ACID'                                               46.025    1   ?       ?     ? ? 
4 non-polymer syn 'TETRAETHYLENE GLYCOL'                                      194.226   1   ?       ?     ? ? 
5 non-polymer syn 'TRIETHYLENE GLYCOL'                                        150.173   1   ?       ?     ? ? 
6 non-polymer syn 'ethyl N-{[(2-aminopyridin-4-yl)methyl]carbamoyl}glycinate' 252.270   1   ?       ?     ? ? 
7 water       nat water                                                       18.015    138 ?       ?     ? ? 
# 
_entity_name_com.entity_id   1 
_entity_name_com.name        'PPIase F,Cyclophilin D,CypD,Cyclophilin F,Mitochondrial cyclophilin,CyP-M,Rotamase F' 
# 
_entity_poly.entity_id                      1 
_entity_poly.type                           'polypeptide(L)' 
_entity_poly.nstd_linkage                   no 
_entity_poly.nstd_monomer                   no 
_entity_poly.pdbx_seq_one_letter_code       
;GNPLVYLDVDANGKPLGRVVLELKADVVPKTAENFRALCTGEKGFGYKGSTFHRVIPSFMCQAGDFTNHNGTGGKSIYGS
RFPDENFTLKHVGPGVLSMANAGPNTNGSQFFICTIKTDWLDGKHVVFGHVIEGMDVVKKIESFGSKSGRTSKKIVITDC
GQLS
;
_entity_poly.pdbx_seq_one_letter_code_can   
;GNPLVYLDVDANGKPLGRVVLELKADVVPKTAENFRALCTGEKGFGYKGSTFHRVIPSFMCQAGDFTNHNGTGGKSIYGS
RFPDENFTLKHVGPGVLSMANAGPNTNGSQFFICTIKTDWLDGKHVVFGHVIEGMDVVKKIESFGSKSGRTSKKIVITDC
GQLS
;
_entity_poly.pdbx_strand_id                 A 
_entity_poly.pdbx_target_identifier         ? 
# 
loop_
_pdbx_entity_nonpoly.entity_id 
_pdbx_entity_nonpoly.name 
_pdbx_entity_nonpoly.comp_id 
2 'POTASSIUM ION'                                             K   
3 'FORMIC ACID'                                               FMT 
4 'TETRAETHYLENE GLYCOL'                                      PG4 
5 'TRIETHYLENE GLYCOL'                                        PGE 
6 'ethyl N-{[(2-aminopyridin-4-yl)methyl]carbamoyl}glycinate' 502 
7 water                                                       HOH 
# 
loop_
_entity_poly_seq.entity_id 
_entity_poly_seq.num 
_entity_poly_seq.mon_id 
_entity_poly_seq.hetero 
1 1   GLY n 
1 2   ASN n 
1 3   PRO n 
1 4   LEU n 
1 5   VAL n 
1 6   TYR n 
1 7   LEU n 
1 8   ASP n 
1 9   VAL n 
1 10  ASP n 
1 11  ALA n 
1 12  ASN n 
1 13  GLY n 
1 14  LYS n 
1 15  PRO n 
1 16  LEU n 
1 17  GLY n 
1 18  ARG n 
1 19  VAL n 
1 20  VAL n 
1 21  LEU n 
1 22  GLU n 
1 23  LEU n 
1 24  LYS n 
1 25  ALA n 
1 26  ASP n 
1 27  VAL n 
1 28  VAL n 
1 29  PRO n 
1 30  LYS n 
1 31  THR n 
1 32  ALA n 
1 33  GLU n 
1 34  ASN n 
1 35  PHE n 
1 36  ARG n 
1 37  ALA n 
1 38  LEU n 
1 39  CYS n 
1 40  THR n 
1 41  GLY n 
1 42  GLU n 
1 43  LYS n 
1 44  GLY n 
1 45  PHE n 
1 46  GLY n 
1 47  TYR n 
1 48  LYS n 
1 49  GLY n 
1 50  SER n 
1 51  THR n 
1 52  PHE n 
1 53  HIS n 
1 54  ARG n 
1 55  VAL n 
1 56  ILE n 
1 57  PRO n 
1 58  SER n 
1 59  PHE n 
1 60  MET n 
1 61  CYS n 
1 62  GLN n 
1 63  ALA n 
1 64  GLY n 
1 65  ASP n 
1 66  PHE n 
1 67  THR n 
1 68  ASN n 
1 69  HIS n 
1 70  ASN n 
1 71  GLY n 
1 72  THR n 
1 73  GLY n 
1 74  GLY n 
1 75  LYS n 
1 76  SER n 
1 77  ILE n 
1 78  TYR n 
1 79  GLY n 
1 80  SER n 
1 81  ARG n 
1 82  PHE n 
1 83  PRO n 
1 84  ASP n 
1 85  GLU n 
1 86  ASN n 
1 87  PHE n 
1 88  THR n 
1 89  LEU n 
1 90  LYS n 
1 91  HIS n 
1 92  VAL n 
1 93  GLY n 
1 94  PRO n 
1 95  GLY n 
1 96  VAL n 
1 97  LEU n 
1 98  SER n 
1 99  MET n 
1 100 ALA n 
1 101 ASN n 
1 102 ALA n 
1 103 GLY n 
1 104 PRO n 
1 105 ASN n 
1 106 THR n 
1 107 ASN n 
1 108 GLY n 
1 109 SER n 
1 110 GLN n 
1 111 PHE n 
1 112 PHE n 
1 113 ILE n 
1 114 CYS n 
1 115 THR n 
1 116 ILE n 
1 117 LYS n 
1 118 THR n 
1 119 ASP n 
1 120 TRP n 
1 121 LEU n 
1 122 ASP n 
1 123 GLY n 
1 124 LYS n 
1 125 HIS n 
1 126 VAL n 
1 127 VAL n 
1 128 PHE n 
1 129 GLY n 
1 130 HIS n 
1 131 VAL n 
1 132 ILE n 
1 133 GLU n 
1 134 GLY n 
1 135 MET n 
1 136 ASP n 
1 137 VAL n 
1 138 VAL n 
1 139 LYS n 
1 140 LYS n 
1 141 ILE n 
1 142 GLU n 
1 143 SER n 
1 144 PHE n 
1 145 GLY n 
1 146 SER n 
1 147 LYS n 
1 148 SER n 
1 149 GLY n 
1 150 ARG n 
1 151 THR n 
1 152 SER n 
1 153 LYS n 
1 154 LYS n 
1 155 ILE n 
1 156 VAL n 
1 157 ILE n 
1 158 THR n 
1 159 ASP n 
1 160 CYS n 
1 161 GLY n 
1 162 GLN n 
1 163 LEU n 
1 164 SER n 
# 
_entity_src_gen.entity_id                          1 
_entity_src_gen.pdbx_src_id                        1 
_entity_src_gen.pdbx_alt_source_flag               sample 
_entity_src_gen.pdbx_seq_type                      'Biological sequence' 
_entity_src_gen.pdbx_beg_seq_num                   1 
_entity_src_gen.pdbx_end_seq_num                   164 
_entity_src_gen.gene_src_common_name               Human 
_entity_src_gen.gene_src_genus                     ? 
_entity_src_gen.pdbx_gene_src_gene                 'PPIF, CYP3' 
_entity_src_gen.gene_src_species                   ? 
_entity_src_gen.gene_src_strain                    ? 
_entity_src_gen.gene_src_tissue                    ? 
_entity_src_gen.gene_src_tissue_fraction           ? 
_entity_src_gen.gene_src_details                   ? 
_entity_src_gen.pdbx_gene_src_fragment             ? 
_entity_src_gen.pdbx_gene_src_scientific_name      'Homo sapiens' 
_entity_src_gen.pdbx_gene_src_ncbi_taxonomy_id     9606 
_entity_src_gen.pdbx_gene_src_variant              ? 
_entity_src_gen.pdbx_gene_src_cell_line            ? 
_entity_src_gen.pdbx_gene_src_atcc                 ? 
_entity_src_gen.pdbx_gene_src_organ                ? 
_entity_src_gen.pdbx_gene_src_organelle            ? 
_entity_src_gen.pdbx_gene_src_cell                 ? 
_entity_src_gen.pdbx_gene_src_cellular_location    ? 
_entity_src_gen.host_org_common_name               ? 
_entity_src_gen.pdbx_host_org_scientific_name      'Escherichia coli BL21(DE3)' 
_entity_src_gen.pdbx_host_org_ncbi_taxonomy_id     469008 
_entity_src_gen.host_org_genus                     ? 
_entity_src_gen.pdbx_host_org_gene                 ? 
_entity_src_gen.pdbx_host_org_organ                ? 
_entity_src_gen.host_org_species                   ? 
_entity_src_gen.pdbx_host_org_tissue               ? 
_entity_src_gen.pdbx_host_org_tissue_fraction      ? 
_entity_src_gen.pdbx_host_org_strain               ? 
_entity_src_gen.pdbx_host_org_variant              ? 
_entity_src_gen.pdbx_host_org_cell_line            ? 
_entity_src_gen.pdbx_host_org_atcc                 ? 
_entity_src_gen.pdbx_host_org_culture_collection   ? 
_entity_src_gen.pdbx_host_org_cell                 ? 
_entity_src_gen.pdbx_host_org_organelle            ? 
_entity_src_gen.pdbx_host_org_cellular_location    ? 
_entity_src_gen.pdbx_host_org_vector_type          ? 
_entity_src_gen.pdbx_host_org_vector               ? 
_entity_src_gen.host_org_details                   ? 
_entity_src_gen.expression_system_id               ? 
_entity_src_gen.plasmid_name                       pET28b 
_entity_src_gen.plasmid_details                    ? 
_entity_src_gen.pdbx_description                   ? 
# 
loop_
_chem_comp.id 
_chem_comp.type 
_chem_comp.mon_nstd_flag 
_chem_comp.name 
_chem_comp.pdbx_synonyms 
_chem_comp.formula 
_chem_comp.formula_weight 
502 non-polymer         . 'ethyl N-{[(2-aminopyridin-4-yl)methyl]carbamoyl}glycinate' ? 'C11 H16 N4 O3'  252.270 
ALA 'L-peptide linking' y ALANINE                                                     ? 'C3 H7 N O2'     89.093  
ARG 'L-peptide linking' y ARGININE                                                    ? 'C6 H15 N4 O2 1' 175.209 
ASN 'L-peptide linking' y ASPARAGINE                                                  ? 'C4 H8 N2 O3'    132.118 
ASP 'L-peptide linking' y 'ASPARTIC ACID'                                             ? 'C4 H7 N O4'     133.103 
CYS 'L-peptide linking' y CYSTEINE                                                    ? 'C3 H7 N O2 S'   121.158 
FMT non-polymer         . 'FORMIC ACID'                                               ? 'C H2 O2'        46.025  
GLN 'L-peptide linking' y GLUTAMINE                                                   ? 'C5 H10 N2 O3'   146.144 
GLU 'L-peptide linking' y 'GLUTAMIC ACID'                                             ? 'C5 H9 N O4'     147.129 
GLY 'peptide linking'   y GLYCINE                                                     ? 'C2 H5 N O2'     75.067  
HIS 'L-peptide linking' y HISTIDINE                                                   ? 'C6 H10 N3 O2 1' 156.162 
HOH non-polymer         . WATER                                                       ? 'H2 O'           18.015  
ILE 'L-peptide linking' y ISOLEUCINE                                                  ? 'C6 H13 N O2'    131.173 
K   non-polymer         . 'POTASSIUM ION'                                             ? 'K 1'            39.098  
LEU 'L-peptide linking' y LEUCINE                                                     ? 'C6 H13 N O2'    131.173 
LYS 'L-peptide linking' y LYSINE                                                      ? 'C6 H15 N2 O2 1' 147.195 
MET 'L-peptide linking' y METHIONINE                                                  ? 'C5 H11 N O2 S'  149.211 
PG4 non-polymer         . 'TETRAETHYLENE GLYCOL'                                      ? 'C8 H18 O5'      194.226 
PGE non-polymer         . 'TRIETHYLENE GLYCOL'                                        ? 'C6 H14 O4'      150.173 
PHE 'L-peptide linking' y PHENYLALANINE                                               ? 'C9 H11 N O2'    165.189 
PRO 'L-peptide linking' y PROLINE                                                     ? 'C5 H9 N O2'     115.130 
SER 'L-peptide linking' y SERINE                                                      ? 'C3 H7 N O3'     105.093 
THR 'L-peptide linking' y THREONINE                                                   ? 'C4 H9 N O3'     119.119 
TRP 'L-peptide linking' y TRYPTOPHAN                                                  ? 'C11 H12 N2 O2'  204.225 
TYR 'L-peptide linking' y TYROSINE                                                    ? 'C9 H11 N O3'    181.189 
VAL 'L-peptide linking' y VALINE                                                      ? 'C5 H11 N O2'    117.146 
# 
loop_
_pdbx_poly_seq_scheme.asym_id 
_pdbx_poly_seq_scheme.entity_id 
_pdbx_poly_seq_scheme.seq_id 
_pdbx_poly_seq_scheme.mon_id 
_pdbx_poly_seq_scheme.ndb_seq_num 
_pdbx_poly_seq_scheme.pdb_seq_num 
_pdbx_poly_seq_scheme.auth_seq_num 
_pdbx_poly_seq_scheme.pdb_mon_id 
_pdbx_poly_seq_scheme.auth_mon_id 
_pdbx_poly_seq_scheme.pdb_strand_id 
_pdbx_poly_seq_scheme.pdb_ins_code 
_pdbx_poly_seq_scheme.hetero 
A 1 1   GLY 1   2   2   GLY GLY A . n 
A 1 2   ASN 2   3   3   ASN ASN A . n 
A 1 3   PRO 3   4   4   PRO PRO A . n 
A 1 4   LEU 4   5   5   LEU LEU A . n 
A 1 5   VAL 5   6   6   VAL VAL A . n 
A 1 6   TYR 6   7   7   TYR TYR A . n 
A 1 7   LEU 7   8   8   LEU LEU A . n 
A 1 8   ASP 8   9   9   ASP ASP A . n 
A 1 9   VAL 9   10  10  VAL VAL A . n 
A 1 10  ASP 10  11  11  ASP ASP A . n 
A 1 11  ALA 11  12  12  ALA ALA A . n 
A 1 12  ASN 12  13  13  ASN ASN A . n 
A 1 13  GLY 13  14  14  GLY GLY A . n 
A 1 14  LYS 14  15  15  LYS LYS A . n 
A 1 15  PRO 15  16  16  PRO PRO A . n 
A 1 16  LEU 16  17  17  LEU LEU A . n 
A 1 17  GLY 17  18  18  GLY GLY A . n 
A 1 18  ARG 18  19  19  ARG ARG A . n 
A 1 19  VAL 19  20  20  VAL VAL A . n 
A 1 20  VAL 20  21  21  VAL VAL A . n 
A 1 21  LEU 21  22  22  LEU LEU A . n 
A 1 22  GLU 22  23  23  GLU GLU A . n 
A 1 23  LEU 23  24  24  LEU LEU A . n 
A 1 24  LYS 24  25  25  LYS LYS A . n 
A 1 25  ALA 25  26  26  ALA ALA A . n 
A 1 26  ASP 26  27  27  ASP ASP A . n 
A 1 27  VAL 27  28  28  VAL VAL A . n 
A 1 28  VAL 28  29  29  VAL VAL A . n 
A 1 29  PRO 29  30  30  PRO PRO A . n 
A 1 30  LYS 30  31  31  LYS LYS A . n 
A 1 31  THR 31  32  32  THR THR A . n 
A 1 32  ALA 32  33  33  ALA ALA A . n 
A 1 33  GLU 33  34  34  GLU GLU A . n 
A 1 34  ASN 34  35  35  ASN ASN A . n 
A 1 35  PHE 35  36  36  PHE PHE A . n 
A 1 36  ARG 36  37  37  ARG ARG A . n 
A 1 37  ALA 37  38  38  ALA ALA A . n 
A 1 38  LEU 38  39  39  LEU LEU A . n 
A 1 39  CYS 39  40  40  CYS CYS A . n 
A 1 40  THR 40  41  41  THR THR A . n 
A 1 41  GLY 41  42  42  GLY GLY A . n 
A 1 42  GLU 42  43  43  GLU GLU A . n 
A 1 43  LYS 43  44  44  LYS LYS A . n 
A 1 44  GLY 44  45  45  GLY GLY A . n 
A 1 45  PHE 45  46  46  PHE PHE A . n 
A 1 46  GLY 46  47  47  GLY GLY A . n 
A 1 47  TYR 47  48  48  TYR TYR A . n 
A 1 48  LYS 48  49  49  LYS LYS A . n 
A 1 49  GLY 49  50  50  GLY GLY A . n 
A 1 50  SER 50  51  51  SER SER A . n 
A 1 51  THR 51  52  52  THR THR A . n 
A 1 52  PHE 52  53  53  PHE PHE A . n 
A 1 53  HIS 53  54  54  HIS HIS A . n 
A 1 54  ARG 54  55  55  ARG ARG A . n 
A 1 55  VAL 55  56  56  VAL VAL A . n 
A 1 56  ILE 56  57  57  ILE ILE A . n 
A 1 57  PRO 57  58  58  PRO PRO A . n 
A 1 58  SER 58  59  59  SER SER A . n 
A 1 59  PHE 59  60  60  PHE PHE A . n 
A 1 60  MET 60  61  61  MET MET A . n 
A 1 61  CYS 61  62  62  CYS CYS A . n 
A 1 62  GLN 62  63  63  GLN GLN A . n 
A 1 63  ALA 63  64  64  ALA ALA A . n 
A 1 64  GLY 64  65  65  GLY GLY A . n 
A 1 65  ASP 65  66  66  ASP ASP A . n 
A 1 66  PHE 66  67  67  PHE PHE A . n 
A 1 67  THR 67  68  68  THR THR A . n 
A 1 68  ASN 68  69  69  ASN ASN A . n 
A 1 69  HIS 69  70  70  HIS HIS A . n 
A 1 70  ASN 70  71  71  ASN ASN A . n 
A 1 71  GLY 71  72  72  GLY GLY A . n 
A 1 72  THR 72  73  73  THR THR A . n 
A 1 73  GLY 73  74  74  GLY GLY A . n 
A 1 74  GLY 74  75  75  GLY GLY A . n 
A 1 75  LYS 75  76  76  LYS LYS A . n 
A 1 76  SER 76  77  77  SER SER A . n 
A 1 77  ILE 77  78  78  ILE ILE A . n 
A 1 78  TYR 78  79  79  TYR TYR A . n 
A 1 79  GLY 79  80  80  GLY GLY A . n 
A 1 80  SER 80  81  81  SER SER A . n 
A 1 81  ARG 81  82  82  ARG ARG A . n 
A 1 82  PHE 82  83  83  PHE PHE A . n 
A 1 83  PRO 83  84  84  PRO PRO A . n 
A 1 84  ASP 84  85  85  ASP ASP A . n 
A 1 85  GLU 85  86  86  GLU GLU A . n 
A 1 86  ASN 86  87  87  ASN ASN A . n 
A 1 87  PHE 87  88  88  PHE PHE A . n 
A 1 88  THR 88  89  89  THR THR A . n 
A 1 89  LEU 89  90  90  LEU LEU A . n 
A 1 90  LYS 90  91  91  LYS LYS A . n 
A 1 91  HIS 91  92  92  HIS HIS A . n 
A 1 92  VAL 92  93  93  VAL VAL A . n 
A 1 93  GLY 93  94  94  GLY GLY A . n 
A 1 94  PRO 94  95  95  PRO PRO A . n 
A 1 95  GLY 95  96  96  GLY GLY A . n 
A 1 96  VAL 96  97  97  VAL VAL A . n 
A 1 97  LEU 97  98  98  LEU LEU A . n 
A 1 98  SER 98  99  99  SER SER A . n 
A 1 99  MET 99  100 100 MET MET A . n 
A 1 100 ALA 100 101 101 ALA ALA A . n 
A 1 101 ASN 101 102 102 ASN ASN A . n 
A 1 102 ALA 102 103 103 ALA ALA A . n 
A 1 103 GLY 103 104 104 GLY GLY A . n 
A 1 104 PRO 104 105 105 PRO PRO A . n 
A 1 105 ASN 105 106 106 ASN ASN A . n 
A 1 106 THR 106 107 107 THR THR A . n 
A 1 107 ASN 107 108 108 ASN ASN A . n 
A 1 108 GLY 108 109 109 GLY GLY A . n 
A 1 109 SER 109 110 110 SER SER A . n 
A 1 110 GLN 110 111 111 GLN GLN A . n 
A 1 111 PHE 111 112 112 PHE PHE A . n 
A 1 112 PHE 112 113 113 PHE PHE A . n 
A 1 113 ILE 113 114 114 ILE ILE A . n 
A 1 114 CYS 114 115 115 CYS CYS A . n 
A 1 115 THR 115 116 116 THR THR A . n 
A 1 116 ILE 116 117 117 ILE ILE A . n 
A 1 117 LYS 117 118 118 LYS LYS A . n 
A 1 118 THR 118 119 119 THR THR A . n 
A 1 119 ASP 119 120 120 ASP ASP A . n 
A 1 120 TRP 120 121 121 TRP TRP A . n 
A 1 121 LEU 121 122 122 LEU LEU A . n 
A 1 122 ASP 122 123 123 ASP ASP A . n 
A 1 123 GLY 123 124 124 GLY GLY A . n 
A 1 124 LYS 124 125 125 LYS LYS A . n 
A 1 125 HIS 125 126 126 HIS HIS A . n 
A 1 126 VAL 126 127 127 VAL VAL A . n 
A 1 127 VAL 127 128 128 VAL VAL A . n 
A 1 128 PHE 128 129 129 PHE PHE A . n 
A 1 129 GLY 129 130 130 GLY GLY A . n 
A 1 130 HIS 130 131 131 HIS HIS A . n 
A 1 131 VAL 131 132 132 VAL VAL A . n 
A 1 132 ILE 132 133 133 ILE ILE A . n 
A 1 133 GLU 133 134 134 GLU GLU A . n 
A 1 134 GLY 134 135 135 GLY GLY A . n 
A 1 135 MET 135 136 136 MET MET A . n 
A 1 136 ASP 136 137 137 ASP ASP A . n 
A 1 137 VAL 137 138 138 VAL VAL A . n 
A 1 138 VAL 138 139 139 VAL VAL A . n 
A 1 139 LYS 139 140 140 LYS LYS A . n 
A 1 140 LYS 140 141 141 LYS LYS A . n 
A 1 141 ILE 141 142 142 ILE ILE A . n 
A 1 142 GLU 142 143 143 GLU GLU A . n 
A 1 143 SER 143 144 144 SER SER A . n 
A 1 144 PHE 144 145 145 PHE PHE A . n 
A 1 145 GLY 145 146 146 GLY GLY A . n 
A 1 146 SER 146 147 147 SER SER A . n 
A 1 147 LYS 147 148 148 LYS LYS A . n 
A 1 148 SER 148 149 149 SER SER A . n 
A 1 149 GLY 149 150 150 GLY GLY A . n 
A 1 150 ARG 150 151 151 ARG ARG A . n 
A 1 151 THR 151 152 152 THR THR A . n 
A 1 152 SER 152 153 153 SER SER A . n 
A 1 153 LYS 153 154 154 LYS LYS A . n 
A 1 154 LYS 154 155 155 LYS LYS A . n 
A 1 155 ILE 155 156 156 ILE ILE A . n 
A 1 156 VAL 156 157 157 VAL VAL A . n 
A 1 157 ILE 157 158 158 ILE ILE A . n 
A 1 158 THR 158 159 159 THR THR A . n 
A 1 159 ASP 159 160 160 ASP ASP A . n 
A 1 160 CYS 160 161 161 CYS CYS A . n 
A 1 161 GLY 161 162 162 GLY GLY A . n 
A 1 162 GLN 162 163 163 GLN GLN A . n 
A 1 163 LEU 163 164 164 LEU LEU A . n 
A 1 164 SER 164 165 165 SER SER A . n 
# 
loop_
_pdbx_nonpoly_scheme.asym_id 
_pdbx_nonpoly_scheme.entity_id 
_pdbx_nonpoly_scheme.mon_id 
_pdbx_nonpoly_scheme.ndb_seq_num 
_pdbx_nonpoly_scheme.pdb_seq_num 
_pdbx_nonpoly_scheme.auth_seq_num 
_pdbx_nonpoly_scheme.pdb_mon_id 
_pdbx_nonpoly_scheme.auth_mon_id 
_pdbx_nonpoly_scheme.pdb_strand_id 
_pdbx_nonpoly_scheme.pdb_ins_code 
B 2 K   1   201 1   K   K   A . 
C 2 K   1   202 2   K   K   A . 
D 3 FMT 1   203 1   FMT FMT A . 
E 4 PG4 1   204 1   PG4 PG4 A . 
F 5 PGE 1   205 1   PGE PGE A . 
G 6 502 1   206 1   502 Z21 A . 
H 7 HOH 1   301 108 HOH HOH A . 
H 7 HOH 2   302 40  HOH HOH A . 
H 7 HOH 3   303 79  HOH HOH A . 
H 7 HOH 4   304 80  HOH HOH A . 
H 7 HOH 5   305 52  HOH HOH A . 
H 7 HOH 6   306 110 HOH HOH A . 
H 7 HOH 7   307 111 HOH HOH A . 
H 7 HOH 8   308 41  HOH HOH A . 
H 7 HOH 9   309 16  HOH HOH A . 
H 7 HOH 10  310 93  HOH HOH A . 
H 7 HOH 11  311 137 HOH HOH A . 
H 7 HOH 12  312 20  HOH HOH A . 
H 7 HOH 13  313 61  HOH HOH A . 
H 7 HOH 14  314 114 HOH HOH A . 
H 7 HOH 15  315 119 HOH HOH A . 
H 7 HOH 16  316 115 HOH HOH A . 
H 7 HOH 17  317 78  HOH HOH A . 
H 7 HOH 18  318 138 HOH HOH A . 
H 7 HOH 19  319 14  HOH HOH A . 
H 7 HOH 20  320 35  HOH HOH A . 
H 7 HOH 21  321 132 HOH HOH A . 
H 7 HOH 22  322 128 HOH HOH A . 
H 7 HOH 23  323 1   HOH HOH A . 
H 7 HOH 24  324 77  HOH HOH A . 
H 7 HOH 25  325 109 HOH HOH A . 
H 7 HOH 26  326 8   HOH HOH A . 
H 7 HOH 27  327 21  HOH HOH A . 
H 7 HOH 28  328 43  HOH HOH A . 
H 7 HOH 29  329 51  HOH HOH A . 
H 7 HOH 30  330 135 HOH HOH A . 
H 7 HOH 31  331 91  HOH HOH A . 
H 7 HOH 32  332 5   HOH HOH A . 
H 7 HOH 33  333 81  HOH HOH A . 
H 7 HOH 34  334 62  HOH HOH A . 
H 7 HOH 35  335 124 HOH HOH A . 
H 7 HOH 36  336 19  HOH HOH A . 
H 7 HOH 37  337 86  HOH HOH A . 
H 7 HOH 38  338 58  HOH HOH A . 
H 7 HOH 39  339 69  HOH HOH A . 
H 7 HOH 40  340 7   HOH HOH A . 
H 7 HOH 41  341 31  HOH HOH A . 
H 7 HOH 42  342 130 HOH HOH A . 
H 7 HOH 43  343 106 HOH HOH A . 
H 7 HOH 44  344 46  HOH HOH A . 
H 7 HOH 45  345 12  HOH HOH A . 
H 7 HOH 46  346 118 HOH HOH A . 
H 7 HOH 47  347 74  HOH HOH A . 
H 7 HOH 48  348 39  HOH HOH A . 
H 7 HOH 49  349 50  HOH HOH A . 
H 7 HOH 50  350 131 HOH HOH A . 
H 7 HOH 51  351 18  HOH HOH A . 
H 7 HOH 52  352 10  HOH HOH A . 
H 7 HOH 53  353 24  HOH HOH A . 
H 7 HOH 54  354 34  HOH HOH A . 
H 7 HOH 55  355 75  HOH HOH A . 
H 7 HOH 56  356 71  HOH HOH A . 
H 7 HOH 57  357 42  HOH HOH A . 
H 7 HOH 58  358 15  HOH HOH A . 
H 7 HOH 59  359 37  HOH HOH A . 
H 7 HOH 60  360 103 HOH HOH A . 
H 7 HOH 61  361 27  HOH HOH A . 
H 7 HOH 62  362 67  HOH HOH A . 
H 7 HOH 63  363 13  HOH HOH A . 
H 7 HOH 64  364 48  HOH HOH A . 
H 7 HOH 65  365 3   HOH HOH A . 
H 7 HOH 66  366 85  HOH HOH A . 
H 7 HOH 67  367 116 HOH HOH A . 
H 7 HOH 68  368 73  HOH HOH A . 
H 7 HOH 69  369 32  HOH HOH A . 
H 7 HOH 70  370 4   HOH HOH A . 
H 7 HOH 71  371 96  HOH HOH A . 
H 7 HOH 72  372 33  HOH HOH A . 
H 7 HOH 73  373 54  HOH HOH A . 
H 7 HOH 74  374 6   HOH HOH A . 
H 7 HOH 75  375 47  HOH HOH A . 
H 7 HOH 76  376 59  HOH HOH A . 
H 7 HOH 77  377 56  HOH HOH A . 
H 7 HOH 78  378 65  HOH HOH A . 
H 7 HOH 79  379 136 HOH HOH A . 
H 7 HOH 80  380 11  HOH HOH A . 
H 7 HOH 81  381 95  HOH HOH A . 
H 7 HOH 82  382 107 HOH HOH A . 
H 7 HOH 83  383 139 HOH HOH A . 
H 7 HOH 84  384 60  HOH HOH A . 
H 7 HOH 85  385 36  HOH HOH A . 
H 7 HOH 86  386 38  HOH HOH A . 
H 7 HOH 87  387 66  HOH HOH A . 
H 7 HOH 88  388 117 HOH HOH A . 
H 7 HOH 89  389 90  HOH HOH A . 
H 7 HOH 90  390 70  HOH HOH A . 
H 7 HOH 91  391 29  HOH HOH A . 
H 7 HOH 92  392 2   HOH HOH A . 
H 7 HOH 93  393 30  HOH HOH A . 
H 7 HOH 94  394 84  HOH HOH A . 
H 7 HOH 95  395 133 HOH HOH A . 
H 7 HOH 96  396 53  HOH HOH A . 
H 7 HOH 97  397 44  HOH HOH A . 
H 7 HOH 98  398 17  HOH HOH A . 
H 7 HOH 99  399 87  HOH HOH A . 
H 7 HOH 100 400 45  HOH HOH A . 
H 7 HOH 101 401 120 HOH HOH A . 
H 7 HOH 102 402 63  HOH HOH A . 
H 7 HOH 103 403 92  HOH HOH A . 
H 7 HOH 104 404 25  HOH HOH A . 
H 7 HOH 105 405 129 HOH HOH A . 
H 7 HOH 106 406 22  HOH HOH A . 
H 7 HOH 107 407 28  HOH HOH A . 
H 7 HOH 108 408 9   HOH HOH A . 
H 7 HOH 109 409 83  HOH HOH A . 
H 7 HOH 110 410 57  HOH HOH A . 
H 7 HOH 111 411 68  HOH HOH A . 
H 7 HOH 112 412 127 HOH HOH A . 
H 7 HOH 113 413 88  HOH HOH A . 
H 7 HOH 114 414 26  HOH HOH A . 
H 7 HOH 115 415 82  HOH HOH A . 
H 7 HOH 116 416 49  HOH HOH A . 
H 7 HOH 117 417 112 HOH HOH A . 
H 7 HOH 118 418 98  HOH HOH A . 
H 7 HOH 119 419 89  HOH HOH A . 
H 7 HOH 120 420 55  HOH HOH A . 
H 7 HOH 121 421 121 HOH HOH A . 
H 7 HOH 122 422 113 HOH HOH A . 
H 7 HOH 123 423 99  HOH HOH A . 
H 7 HOH 124 424 125 HOH HOH A . 
H 7 HOH 125 425 123 HOH HOH A . 
H 7 HOH 126 426 134 HOH HOH A . 
H 7 HOH 127 427 105 HOH HOH A . 
H 7 HOH 128 428 72  HOH HOH A . 
H 7 HOH 129 429 100 HOH HOH A . 
H 7 HOH 130 430 104 HOH HOH A . 
H 7 HOH 131 431 101 HOH HOH A . 
H 7 HOH 132 432 97  HOH HOH A . 
H 7 HOH 133 433 76  HOH HOH A . 
H 7 HOH 134 434 94  HOH HOH A . 
H 7 HOH 135 435 122 HOH HOH A . 
H 7 HOH 136 436 23  HOH HOH A . 
H 7 HOH 137 437 64  HOH HOH A . 
H 7 HOH 138 438 102 HOH HOH A . 
# 
loop_
_software.citation_id 
_software.classification 
_software.compiler_name 
_software.compiler_version 
_software.contact_author 
_software.contact_author_email 
_software.date 
_software.description 
_software.dependencies 
_software.hardware 
_software.language 
_software.location 
_software.mods 
_software.name 
_software.os 
_software.os_version 
_software.type 
_software.version 
_software.pdbx_ordinal 
? refinement       ? ? ? ? ? ? ? ? ? ? ? REFMAC ? ? ? 5.8.0123 1 
? 'data reduction' ? ? ? ? ? ? ? ? ? ? ? MOSFLM ? ? ? .        2 
? 'data scaling'   ? ? ? ? ? ? ? ? ? ? ? SCALA  ? ? ? .        3 
? phasing          ? ? ? ? ? ? ? ? ? ? ? PHASER ? ? ? .        4 
# 
_cell.angle_alpha                  90.00 
_cell.angle_alpha_esd              ? 
_cell.angle_beta                   90.00 
_cell.angle_beta_esd               ? 
_cell.angle_gamma                  90.00 
_cell.angle_gamma_esd              ? 
_cell.entry_id                     5CCQ 
_cell.details                      ? 
_cell.formula_units_Z              ? 
_cell.length_a                     57.460 
_cell.length_a_esd                 ? 
_cell.length_b                     57.460 
_cell.length_b_esd                 ? 
_cell.length_c                     113.860 
_cell.length_c_esd                 ? 
_cell.volume                       ? 
_cell.volume_esd                   ? 
_cell.Z_PDB                        8 
_cell.reciprocal_angle_alpha       ? 
_cell.reciprocal_angle_beta        ? 
_cell.reciprocal_angle_gamma       ? 
_cell.reciprocal_angle_alpha_esd   ? 
_cell.reciprocal_angle_beta_esd    ? 
_cell.reciprocal_angle_gamma_esd   ? 
_cell.reciprocal_length_a          ? 
_cell.reciprocal_length_b          ? 
_cell.reciprocal_length_c          ? 
_cell.reciprocal_length_a_esd      ? 
_cell.reciprocal_length_b_esd      ? 
_cell.reciprocal_length_c_esd      ? 
_cell.pdbx_unique_axis             ? 
# 
_symmetry.entry_id                         5CCQ 
_symmetry.cell_setting                     ? 
_symmetry.Int_Tables_number                96 
_symmetry.space_group_name_Hall            ? 
_symmetry.space_group_name_H-M             'P 43 21 2' 
_symmetry.pdbx_full_space_group_name_H-M   ? 
# 
_exptl.absorpt_coefficient_mu     ? 
_exptl.absorpt_correction_T_max   ? 
_exptl.absorpt_correction_T_min   ? 
_exptl.absorpt_correction_type    ? 
_exptl.absorpt_process_details    ? 
_exptl.entry_id                   5CCQ 
_exptl.crystals_number            ? 
_exptl.details                    ? 
_exptl.method                     'X-RAY DIFFRACTION' 
_exptl.method_details             ? 
# 
_exptl_crystal.colour                      ? 
_exptl_crystal.density_diffrn              ? 
_exptl_crystal.density_Matthews            2.66 
_exptl_crystal.density_method              ? 
_exptl_crystal.density_percent_sol         53.79 
_exptl_crystal.description                 ? 
_exptl_crystal.F_000                       ? 
_exptl_crystal.id                          1 
_exptl_crystal.preparation                 ? 
_exptl_crystal.size_max                    ? 
_exptl_crystal.size_mid                    ? 
_exptl_crystal.size_min                    ? 
_exptl_crystal.size_rad                    ? 
_exptl_crystal.colour_lustre               ? 
_exptl_crystal.colour_modifier             ? 
_exptl_crystal.colour_primary              ? 
_exptl_crystal.density_meas                ? 
_exptl_crystal.density_meas_esd            ? 
_exptl_crystal.density_meas_gt             ? 
_exptl_crystal.density_meas_lt             ? 
_exptl_crystal.density_meas_temp           ? 
_exptl_crystal.density_meas_temp_esd       ? 
_exptl_crystal.density_meas_temp_gt        ? 
_exptl_crystal.density_meas_temp_lt        ? 
_exptl_crystal.pdbx_crystal_image_url      ? 
_exptl_crystal.pdbx_crystal_image_format   ? 
_exptl_crystal.pdbx_mosaicity              ? 
_exptl_crystal.pdbx_mosaicity_esd          ? 
# 
_exptl_crystal_grow.apparatus       ? 
_exptl_crystal_grow.atmosphere      ? 
_exptl_crystal_grow.crystal_id      1 
_exptl_crystal_grow.details         ? 
_exptl_crystal_grow.method          'VAPOR DIFFUSION, SITTING DROP' 
_exptl_crystal_grow.method_ref      ? 
_exptl_crystal_grow.pH              9 
_exptl_crystal_grow.pressure        ? 
_exptl_crystal_grow.pressure_esd    ? 
_exptl_crystal_grow.seeding         ? 
_exptl_crystal_grow.seeding_ref     ? 
_exptl_crystal_grow.temp            294 
_exptl_crystal_grow.temp_details    ? 
_exptl_crystal_grow.temp_esd        ? 
_exptl_crystal_grow.time            ? 
_exptl_crystal_grow.pdbx_details    '4M potassium formate, 0.1M BIS-TRIS propane pH 9, 2% w/v PEG2000mme' 
_exptl_crystal_grow.pdbx_pH_range   ? 
# 
_diffrn.ambient_environment    ? 
_diffrn.ambient_temp           100 
_diffrn.ambient_temp_details   ? 
_diffrn.ambient_temp_esd       ? 
_diffrn.crystal_id             1 
_diffrn.crystal_support        ? 
_diffrn.crystal_treatment      ? 
_diffrn.details                ? 
_diffrn.id                     1 
_diffrn.ambient_pressure       ? 
_diffrn.ambient_pressure_esd   ? 
_diffrn.ambient_pressure_gt    ? 
_diffrn.ambient_pressure_lt    ? 
_diffrn.ambient_temp_gt        ? 
_diffrn.ambient_temp_lt        ? 
# 
_diffrn_detector.details                      ? 
_diffrn_detector.detector                     PIXEL 
_diffrn_detector.diffrn_id                    1 
_diffrn_detector.type                         'PSI PILATUS 6M' 
_diffrn_detector.area_resol_mean              ? 
_diffrn_detector.dtime                        ? 
_diffrn_detector.pdbx_frames_total            ? 
_diffrn_detector.pdbx_collection_time_total   ? 
_diffrn_detector.pdbx_collection_date         2013-09-15 
# 
_diffrn_radiation.collimation                      ? 
_diffrn_radiation.diffrn_id                        1 
_diffrn_radiation.filter_edge                      ? 
_diffrn_radiation.inhomogeneity                    ? 
_diffrn_radiation.monochromator                    ? 
_diffrn_radiation.polarisn_norm                    ? 
_diffrn_radiation.polarisn_ratio                   ? 
_diffrn_radiation.probe                            ? 
_diffrn_radiation.type                             ? 
_diffrn_radiation.xray_symbol                      ? 
_diffrn_radiation.wavelength_id                    1 
_diffrn_radiation.pdbx_monochromatic_or_laue_m_l   M 
_diffrn_radiation.pdbx_wavelength_list             ? 
_diffrn_radiation.pdbx_wavelength                  ? 
_diffrn_radiation.pdbx_diffrn_protocol             'SINGLE WAVELENGTH' 
_diffrn_radiation.pdbx_analyzer                    ? 
_diffrn_radiation.pdbx_scattering_type             x-ray 
# 
_diffrn_radiation_wavelength.id           1 
_diffrn_radiation_wavelength.wavelength   0.9 
_diffrn_radiation_wavelength.wt           1.0 
# 
_diffrn_source.current                     ? 
_diffrn_source.details                     ? 
_diffrn_source.diffrn_id                   1 
_diffrn_source.power                       ? 
_diffrn_source.size                        ? 
_diffrn_source.source                      SYNCHROTRON 
_diffrn_source.target                      ? 
_diffrn_source.type                        'SOLEIL BEAMLINE PROXIMA 1' 
_diffrn_source.voltage                     ? 
_diffrn_source.take-off_angle              ? 
_diffrn_source.pdbx_wavelength_list        0.9 
_diffrn_source.pdbx_wavelength             ? 
_diffrn_source.pdbx_synchrotron_beamline   'PROXIMA 1' 
_diffrn_source.pdbx_synchrotron_site       SOLEIL 
# 
_reflns.B_iso_Wilson_estimate            ? 
_reflns.entry_id                         5CCQ 
_reflns.data_reduction_details           ? 
_reflns.data_reduction_method            ? 
_reflns.d_resolution_high                1.8 
_reflns.d_resolution_low                 38.2 
_reflns.details                          ? 
_reflns.limit_h_max                      ? 
_reflns.limit_h_min                      ? 
_reflns.limit_k_max                      ? 
_reflns.limit_k_min                      ? 
_reflns.limit_l_max                      ? 
_reflns.limit_l_min                      ? 
_reflns.number_all                       18447 
_reflns.number_obs                       18447 
_reflns.observed_criterion               ? 
_reflns.observed_criterion_F_max         ? 
_reflns.observed_criterion_F_min         ? 
_reflns.observed_criterion_I_max         ? 
_reflns.observed_criterion_I_min         ? 
_reflns.observed_criterion_sigma_F       ? 
_reflns.observed_criterion_sigma_I       ? 
_reflns.percent_possible_obs             100.0 
_reflns.R_free_details                   ? 
_reflns.Rmerge_F_all                     ? 
_reflns.Rmerge_F_obs                     ? 
_reflns.Friedel_coverage                 ? 
_reflns.number_gt                        ? 
_reflns.threshold_expression             ? 
_reflns.pdbx_redundancy                  12 
_reflns.pdbx_Rmerge_I_obs                0.048 
_reflns.pdbx_Rmerge_I_all                ? 
_reflns.pdbx_Rsym_value                  0.014 
_reflns.pdbx_netI_over_av_sigmaI         ? 
_reflns.pdbx_netI_over_sigmaI            36.8 
_reflns.pdbx_res_netI_over_av_sigmaI_2   ? 
_reflns.pdbx_res_netI_over_sigmaI_2      ? 
_reflns.pdbx_chi_squared                 ? 
_reflns.pdbx_scaling_rejects             ? 
_reflns.pdbx_d_res_high_opt              ? 
_reflns.pdbx_d_res_low_opt               ? 
_reflns.pdbx_d_res_opt_method            ? 
_reflns.phase_calculation_details        ? 
_reflns.pdbx_Rrim_I_all                  ? 
_reflns.pdbx_Rpim_I_all                  ? 
_reflns.pdbx_d_opt                       ? 
_reflns.pdbx_number_measured_all         221032 
_reflns.pdbx_diffrn_id                   1 
_reflns.pdbx_ordinal                     1 
_reflns.pdbx_CC_half                     ? 
_reflns.pdbx_R_split                     ? 
# 
_reflns_shell.Rmerge_F_all                ? 
_reflns_shell.Rmerge_F_gt                 ? 
_reflns_shell.Rmerge_F_obs                ? 
_reflns_shell.Rmerge_I_all                ? 
_reflns_shell.Rmerge_I_gt                 ? 
_reflns_shell.Rmerge_I_obs                0.088 
_reflns_shell.d_res_high                  1.8 
_reflns_shell.d_res_low                   1.9 
_reflns_shell.meanI_over_sigI_all         ? 
_reflns_shell.meanI_over_sigI_gt          ? 
_reflns_shell.meanI_over_sigI_obs         19.5 
_reflns_shell.meanI_over_uI_all           ? 
_reflns_shell.meanI_over_uI_gt            ? 
_reflns_shell.number_measured_all         ? 
_reflns_shell.number_measured_gt          ? 
_reflns_shell.number_measured_obs         ? 
_reflns_shell.number_possible             ? 
_reflns_shell.number_unique_all           ? 
_reflns_shell.number_unique_gt            ? 
_reflns_shell.number_unique_obs           ? 
_reflns_shell.pdbx_CC_half                ? 
_reflns_shell.pdbx_R_split                ? 
_reflns_shell.pdbx_Rpim_I_all             ? 
_reflns_shell.pdbx_Rrim_I_all             ? 
_reflns_shell.pdbx_Rsym_value             ? 
_reflns_shell.pdbx_chi_squared            ? 
_reflns_shell.pdbx_diffrn_id              1 
_reflns_shell.pdbx_netI_over_sigmaI_all   ? 
_reflns_shell.pdbx_netI_over_sigmaI_obs   ? 
_reflns_shell.pdbx_ordinal                1 
_reflns_shell.pdbx_redundancy             12.0 
_reflns_shell.pdbx_rejects                ? 
_reflns_shell.percent_possible_all        100 
_reflns_shell.percent_possible_gt         ? 
_reflns_shell.percent_possible_obs        ? 
# 
_refine.aniso_B[1][1]                            0.00 
_refine.aniso_B[1][2]                            0.00 
_refine.aniso_B[1][3]                            0.00 
_refine.aniso_B[2][2]                            0.00 
_refine.aniso_B[2][3]                            0.00 
_refine.aniso_B[3][3]                            0.00 
_refine.B_iso_max                                ? 
_refine.B_iso_mean                               16.281 
_refine.B_iso_min                                ? 
_refine.correlation_coeff_Fo_to_Fc               0.958 
_refine.correlation_coeff_Fo_to_Fc_free          0.940 
_refine.details                                  'HYDROGENS HAVE BEEN ADDED IN THE RIDING POSITIONS' 
_refine.diff_density_max                         ? 
_refine.diff_density_max_esd                     ? 
_refine.diff_density_min                         ? 
_refine.diff_density_min_esd                     ? 
_refine.diff_density_rms                         ? 
_refine.diff_density_rms_esd                     ? 
_refine.entry_id                                 5CCQ 
_refine.pdbx_refine_id                           'X-RAY DIFFRACTION' 
_refine.ls_abs_structure_details                 ? 
_refine.ls_abs_structure_Flack                   ? 
_refine.ls_abs_structure_Flack_esd               ? 
_refine.ls_abs_structure_Rogers                  ? 
_refine.ls_abs_structure_Rogers_esd              ? 
_refine.ls_d_res_high                            1.80 
_refine.ls_d_res_low                             38.2 
_refine.ls_extinction_coef                       ? 
_refine.ls_extinction_coef_esd                   ? 
_refine.ls_extinction_expression                 ? 
_refine.ls_extinction_method                     ? 
_refine.ls_goodness_of_fit_all                   ? 
_refine.ls_goodness_of_fit_all_esd               ? 
_refine.ls_goodness_of_fit_obs                   ? 
_refine.ls_goodness_of_fit_obs_esd               ? 
_refine.ls_hydrogen_treatment                    ? 
_refine.ls_matrix_type                           ? 
_refine.ls_number_constraints                    ? 
_refine.ls_number_parameters                     ? 
_refine.ls_number_reflns_all                     ? 
_refine.ls_number_reflns_obs                     17447 
_refine.ls_number_reflns_R_free                  940 
_refine.ls_number_reflns_R_work                  ? 
_refine.ls_number_restraints                     ? 
_refine.ls_percent_reflns_obs                    99.98 
_refine.ls_percent_reflns_R_free                 5.1 
_refine.ls_R_factor_all                          ? 
_refine.ls_R_factor_obs                          0.16577 
_refine.ls_R_factor_R_free                       0.20270 
_refine.ls_R_factor_R_free_error                 ? 
_refine.ls_R_factor_R_free_error_details         ? 
_refine.ls_R_factor_R_work                       0.16381 
_refine.ls_R_Fsqd_factor_obs                     ? 
_refine.ls_R_I_factor_obs                        ? 
_refine.ls_redundancy_reflns_all                 ? 
_refine.ls_redundancy_reflns_obs                 ? 
_refine.ls_restrained_S_all                      ? 
_refine.ls_restrained_S_obs                      ? 
_refine.ls_shift_over_esd_max                    ? 
_refine.ls_shift_over_esd_mean                   ? 
_refine.ls_structure_factor_coef                 ? 
_refine.ls_weighting_details                     ? 
_refine.ls_weighting_scheme                      ? 
_refine.ls_wR_factor_all                         ? 
_refine.ls_wR_factor_obs                         ? 
_refine.ls_wR_factor_R_free                      ? 
_refine.ls_wR_factor_R_work                      ? 
_refine.occupancy_max                            ? 
_refine.occupancy_min                            ? 
_refine.solvent_model_details                    MASK 
_refine.solvent_model_param_bsol                 ? 
_refine.solvent_model_param_ksol                 ? 
_refine.ls_R_factor_gt                           ? 
_refine.ls_goodness_of_fit_gt                    ? 
_refine.ls_goodness_of_fit_ref                   ? 
_refine.ls_shift_over_su_max                     ? 
_refine.ls_shift_over_su_max_lt                  ? 
_refine.ls_shift_over_su_mean                    ? 
_refine.ls_shift_over_su_mean_lt                 ? 
_refine.pdbx_ls_sigma_I                          ? 
_refine.pdbx_ls_sigma_F                          ? 
_refine.pdbx_ls_sigma_Fsqd                       ? 
_refine.pdbx_data_cutoff_high_absF               ? 
_refine.pdbx_data_cutoff_high_rms_absF           ? 
_refine.pdbx_data_cutoff_low_absF                ? 
_refine.pdbx_isotropic_thermal_model             ? 
_refine.pdbx_ls_cross_valid_method               THROUGHOUT 
_refine.pdbx_method_to_determine_struct          'MOLECULAR REPLACEMENT' 
_refine.pdbx_starting_model                      2BIT 
_refine.pdbx_stereochemistry_target_values       'MAXIMUM LIKELIHOOD' 
_refine.pdbx_R_Free_selection_details            RANDOM 
_refine.pdbx_stereochem_target_val_spec_case     ? 
_refine.pdbx_overall_ESU_R                       0.104 
_refine.pdbx_overall_ESU_R_Free                  0.106 
_refine.pdbx_solvent_vdw_probe_radii             1.20 
_refine.pdbx_solvent_ion_probe_radii             0.80 
_refine.pdbx_solvent_shrinkage_radii             0.80 
_refine.pdbx_real_space_R                        ? 
_refine.pdbx_density_correlation                 ? 
_refine.pdbx_pd_number_of_powder_patterns        ? 
_refine.pdbx_pd_number_of_points                 ? 
_refine.pdbx_pd_meas_number_of_points            ? 
_refine.pdbx_pd_proc_ls_prof_R_factor            ? 
_refine.pdbx_pd_proc_ls_prof_wR_factor           ? 
_refine.pdbx_pd_Marquardt_correlation_coeff      ? 
_refine.pdbx_pd_Fsqrd_R_factor                   ? 
_refine.pdbx_pd_ls_matrix_band_width             ? 
_refine.pdbx_overall_phase_error                 ? 
_refine.pdbx_overall_SU_R_free_Cruickshank_DPI   ? 
_refine.pdbx_overall_SU_R_free_Blow_DPI          ? 
_refine.pdbx_overall_SU_R_Blow_DPI               ? 
_refine.pdbx_TLS_residual_ADP_flag               ? 
_refine.pdbx_diffrn_id                           1 
_refine.overall_SU_B                             2.030 
_refine.overall_SU_ML                            0.065 
_refine.overall_SU_R_Cruickshank_DPI             ? 
_refine.overall_SU_R_free                        ? 
_refine.overall_FOM_free_R_set                   ? 
_refine.overall_FOM_work_R_set                   ? 
_refine.pdbx_average_fsc_overall                 ? 
_refine.pdbx_average_fsc_work                    ? 
_refine.pdbx_average_fsc_free                    ? 
# 
_refine_hist.pdbx_refine_id                   'X-RAY DIFFRACTION' 
_refine_hist.cycle_id                         1 
_refine_hist.pdbx_number_atoms_protein        1240 
_refine_hist.pdbx_number_atoms_nucleic_acid   0 
_refine_hist.pdbx_number_atoms_ligand         46 
_refine_hist.number_atoms_solvent             138 
_refine_hist.number_atoms_total               1424 
_refine_hist.d_res_high                       1.80 
_refine_hist.d_res_low                        38.2 
# 
loop_
_refine_ls_restr.pdbx_refine_id 
_refine_ls_restr.criterion 
_refine_ls_restr.dev_ideal 
_refine_ls_restr.dev_ideal_target 
_refine_ls_restr.number 
_refine_ls_restr.rejects 
_refine_ls_restr.type 
_refine_ls_restr.weight 
_refine_ls_restr.pdbx_restraint_function 
'X-RAY DIFFRACTION' ? 0.021  0.019  1308 ? r_bond_refined_d             ? ? 
'X-RAY DIFFRACTION' ? 0.002  0.020  1256 ? r_bond_other_d               ? ? 
'X-RAY DIFFRACTION' ? 2.024  1.975  1750 ? r_angle_refined_deg          ? ? 
'X-RAY DIFFRACTION' ? 1.120  3.000  2900 ? r_angle_other_deg            ? ? 
'X-RAY DIFFRACTION' ? 6.824  5.000  163  ? r_dihedral_angle_1_deg       ? ? 
'X-RAY DIFFRACTION' ? 34.133 24.231 52   ? r_dihedral_angle_2_deg       ? ? 
'X-RAY DIFFRACTION' ? 14.270 15.000 213  ? r_dihedral_angle_3_deg       ? ? 
'X-RAY DIFFRACTION' ? 25.615 15.000 5    ? r_dihedral_angle_4_deg       ? ? 
'X-RAY DIFFRACTION' ? 0.132  0.200  186  ? r_chiral_restr               ? ? 
'X-RAY DIFFRACTION' ? 0.011  0.021  1475 ? r_gen_planes_refined         ? ? 
'X-RAY DIFFRACTION' ? 0.002  0.020  301  ? r_gen_planes_other           ? ? 
'X-RAY DIFFRACTION' ? ?      ?      ?    ? r_nbd_refined                ? ? 
'X-RAY DIFFRACTION' ? ?      ?      ?    ? r_nbd_other                  ? ? 
'X-RAY DIFFRACTION' ? ?      ?      ?    ? r_nbtor_refined              ? ? 
'X-RAY DIFFRACTION' ? ?      ?      ?    ? r_nbtor_other                ? ? 
'X-RAY DIFFRACTION' ? ?      ?      ?    ? r_xyhbond_nbd_refined        ? ? 
'X-RAY DIFFRACTION' ? ?      ?      ?    ? r_xyhbond_nbd_other          ? ? 
'X-RAY DIFFRACTION' ? ?      ?      ?    ? r_metal_ion_refined          ? ? 
'X-RAY DIFFRACTION' ? ?      ?      ?    ? r_metal_ion_other            ? ? 
'X-RAY DIFFRACTION' ? ?      ?      ?    ? r_symmetry_vdw_refined       ? ? 
'X-RAY DIFFRACTION' ? ?      ?      ?    ? r_symmetry_vdw_other         ? ? 
'X-RAY DIFFRACTION' ? ?      ?      ?    ? r_symmetry_hbond_refined     ? ? 
'X-RAY DIFFRACTION' ? ?      ?      ?    ? r_symmetry_hbond_other       ? ? 
'X-RAY DIFFRACTION' ? ?      ?      ?    ? r_symmetry_metal_ion_refined ? ? 
'X-RAY DIFFRACTION' ? ?      ?      ?    ? r_symmetry_metal_ion_other   ? ? 
'X-RAY DIFFRACTION' ? 1.327  1.385  655  ? r_mcbond_it                  ? ? 
'X-RAY DIFFRACTION' ? 1.327  1.388  656  ? r_mcbond_other               ? ? 
'X-RAY DIFFRACTION' ? 1.840  2.069  817  ? r_mcangle_it                 ? ? 
'X-RAY DIFFRACTION' ? 1.839  2.070  818  ? r_mcangle_other              ? ? 
'X-RAY DIFFRACTION' ? 2.284  1.663  653  ? r_scbond_it                  ? ? 
'X-RAY DIFFRACTION' ? 2.283  1.663  654  ? r_scbond_other               ? ? 
'X-RAY DIFFRACTION' ? ?      ?      ?    ? r_scangle_it                 ? ? 
'X-RAY DIFFRACTION' ? 3.345  2.351  934  ? r_scangle_other              ? ? 
'X-RAY DIFFRACTION' ? 5.277  12.331 1508 ? r_long_range_B_refined       ? ? 
'X-RAY DIFFRACTION' ? 5.275  12.336 1509 ? r_long_range_B_other         ? ? 
'X-RAY DIFFRACTION' ? ?      ?      ?    ? r_rigid_bond_restr           ? ? 
'X-RAY DIFFRACTION' ? ?      ?      ?    ? r_sphericity_free            ? ? 
'X-RAY DIFFRACTION' ? ?      ?      ?    ? r_sphericity_bonded          ? ? 
# 
_refine_ls_shell.pdbx_refine_id                   'X-RAY DIFFRACTION' 
_refine_ls_shell.d_res_high                       1.800 
_refine_ls_shell.d_res_low                        1.847 
_refine_ls_shell.number_reflns_all                ? 
_refine_ls_shell.number_reflns_obs                ? 
_refine_ls_shell.number_reflns_R_free             70 
_refine_ls_shell.number_reflns_R_work             1249 
_refine_ls_shell.percent_reflns_obs               100.00 
_refine_ls_shell.percent_reflns_R_free            ? 
_refine_ls_shell.R_factor_all                     ? 
_refine_ls_shell.R_factor_obs                     ? 
_refine_ls_shell.R_factor_R_free                  0.224 
_refine_ls_shell.R_factor_R_free_error            ? 
_refine_ls_shell.R_factor_R_work                  0.149 
_refine_ls_shell.redundancy_reflns_all            ? 
_refine_ls_shell.redundancy_reflns_obs            ? 
_refine_ls_shell.wR_factor_all                    ? 
_refine_ls_shell.wR_factor_obs                    ? 
_refine_ls_shell.wR_factor_R_free                 ? 
_refine_ls_shell.wR_factor_R_work                 ? 
_refine_ls_shell.pdbx_total_number_of_bins_used   20 
_refine_ls_shell.pdbx_phase_error                 ? 
_refine_ls_shell.pdbx_fsc_work                    ? 
_refine_ls_shell.pdbx_fsc_free                    ? 
# 
_struct.entry_id                     5CCQ 
_struct.title                        'Human Cyclophilin D Complexed with Inhibitor' 
_struct.pdbx_model_details           ? 
_struct.pdbx_formula_weight          ? 
_struct.pdbx_formula_weight_method   ? 
_struct.pdbx_model_type_details      ? 
_struct.pdbx_CASP_flag               ? 
# 
_struct_keywords.entry_id        5CCQ 
_struct_keywords.text            'Cyclophilin, isomerase, complex, inhibitor' 
_struct_keywords.pdbx_keywords   ISOMERASE 
# 
loop_
_struct_asym.id 
_struct_asym.pdbx_blank_PDB_chainid_flag 
_struct_asym.pdbx_modified 
_struct_asym.entity_id 
_struct_asym.details 
A N N 1 ? 
B N N 2 ? 
C N N 2 ? 
D N N 3 ? 
E N N 4 ? 
F N N 5 ? 
G N N 6 ? 
H N N 7 ? 
# 
_struct_ref.id                         1 
_struct_ref.db_name                    UNP 
_struct_ref.db_code                    PPIF_HUMAN 
_struct_ref.pdbx_db_accession          P30405 
_struct_ref.pdbx_db_isoform            ? 
_struct_ref.entity_id                  1 
_struct_ref.pdbx_seq_one_letter_code   
;GNPLVYLDVDANGKPLGRVVLELKADVVPKTAENFRALCTGEKGFGYKGSTFHRVIPSFMCQAGDFTNHNGTGGKSIYGS
RFPDENFTLKHVGPGVLSMANAGPNTNGSQFFICTIKTDWLDGKHVVFGHVKEGMDVVKKIESFGSKSGRTSKKIVITDC
GQLS
;
_struct_ref.pdbx_align_begin           44 
# 
_struct_ref_seq.align_id                      1 
_struct_ref_seq.ref_id                        1 
_struct_ref_seq.pdbx_PDB_id_code              5CCQ 
_struct_ref_seq.pdbx_strand_id                A 
_struct_ref_seq.seq_align_beg                 1 
_struct_ref_seq.pdbx_seq_align_beg_ins_code   ? 
_struct_ref_seq.seq_align_end                 164 
_struct_ref_seq.pdbx_seq_align_end_ins_code   ? 
_struct_ref_seq.pdbx_db_accession             P30405 
_struct_ref_seq.db_align_beg                  44 
_struct_ref_seq.pdbx_db_align_beg_ins_code    ? 
_struct_ref_seq.db_align_end                  207 
_struct_ref_seq.pdbx_db_align_end_ins_code    ? 
_struct_ref_seq.pdbx_auth_seq_align_beg       2 
_struct_ref_seq.pdbx_auth_seq_align_end       165 
# 
_struct_ref_seq_dif.align_id                     1 
_struct_ref_seq_dif.pdbx_pdb_id_code             5CCQ 
_struct_ref_seq_dif.mon_id                       ILE 
_struct_ref_seq_dif.pdbx_pdb_strand_id           A 
_struct_ref_seq_dif.seq_num                      132 
_struct_ref_seq_dif.pdbx_pdb_ins_code            ? 
_struct_ref_seq_dif.pdbx_seq_db_name             UNP 
_struct_ref_seq_dif.pdbx_seq_db_accession_code   P30405 
_struct_ref_seq_dif.db_mon_id                    LYS 
_struct_ref_seq_dif.pdbx_seq_db_seq_num          175 
_struct_ref_seq_dif.details                      'engineered mutation' 
_struct_ref_seq_dif.pdbx_auth_seq_num            133 
_struct_ref_seq_dif.pdbx_ordinal                 1 
# 
_pdbx_struct_assembly.id                   1 
_pdbx_struct_assembly.details              software_defined_assembly 
_pdbx_struct_assembly.method_details       PISA 
_pdbx_struct_assembly.oligomeric_details   monomeric 
_pdbx_struct_assembly.oligomeric_count     1 
# 
loop_
_pdbx_struct_assembly_prop.biol_id 
_pdbx_struct_assembly_prop.type 
_pdbx_struct_assembly_prop.value 
_pdbx_struct_assembly_prop.details 
1 'ABSA (A^2)' 1280 ? 
1 MORE         7    ? 
1 'SSA (A^2)'  7070 ? 
# 
_pdbx_struct_assembly_gen.assembly_id       1 
_pdbx_struct_assembly_gen.oper_expression   1 
_pdbx_struct_assembly_gen.asym_id_list      A,B,C,D,E,F,G,H 
# 
_pdbx_struct_oper_list.id                   1 
_pdbx_struct_oper_list.type                 'identity operation' 
_pdbx_struct_oper_list.name                 1_555 
_pdbx_struct_oper_list.symmetry_operation   x,y,z 
_pdbx_struct_oper_list.matrix[1][1]         1.0000000000 
_pdbx_struct_oper_list.matrix[1][2]         0.0000000000 
_pdbx_struct_oper_list.matrix[1][3]         0.0000000000 
_pdbx_struct_oper_list.vector[1]            0.0000000000 
_pdbx_struct_oper_list.matrix[2][1]         0.0000000000 
_pdbx_struct_oper_list.matrix[2][2]         1.0000000000 
_pdbx_struct_oper_list.matrix[2][3]         0.0000000000 
_pdbx_struct_oper_list.vector[2]            0.0000000000 
_pdbx_struct_oper_list.matrix[3][1]         0.0000000000 
_pdbx_struct_oper_list.matrix[3][2]         0.0000000000 
_pdbx_struct_oper_list.matrix[3][3]         1.0000000000 
_pdbx_struct_oper_list.vector[3]            0.0000000000 
# 
loop_
_struct_conf.conf_type_id 
_struct_conf.id 
_struct_conf.pdbx_PDB_helix_id 
_struct_conf.beg_label_comp_id 
_struct_conf.beg_label_asym_id 
_struct_conf.beg_label_seq_id 
_struct_conf.pdbx_beg_PDB_ins_code 
_struct_conf.end_label_comp_id 
_struct_conf.end_label_asym_id 
_struct_conf.end_label_seq_id 
_struct_conf.pdbx_end_PDB_ins_code 
_struct_conf.beg_auth_comp_id 
_struct_conf.beg_auth_asym_id 
_struct_conf.beg_auth_seq_id 
_struct_conf.end_auth_comp_id 
_struct_conf.end_auth_asym_id 
_struct_conf.end_auth_seq_id 
_struct_conf.pdbx_PDB_helix_class 
_struct_conf.details 
_struct_conf.pdbx_PDB_helix_length 
HELX_P HELX_P1 AA1 VAL A 28  ? GLY A 41  ? VAL A 29  GLY A 42  1 ? 14 
HELX_P HELX_P2 AA2 THR A 118 ? ASP A 122 ? THR A 119 ASP A 123 5 ? 5  
HELX_P HELX_P3 AA3 GLY A 134 ? PHE A 144 ? GLY A 135 PHE A 145 1 ? 11 
# 
_struct_conf_type.id          HELX_P 
_struct_conf_type.criteria    ? 
_struct_conf_type.reference   ? 
# 
loop_
_struct_conn.id 
_struct_conn.conn_type_id 
_struct_conn.pdbx_leaving_atom_flag 
_struct_conn.pdbx_PDB_id 
_struct_conn.ptnr1_label_asym_id 
_struct_conn.ptnr1_label_comp_id 
_struct_conn.ptnr1_label_seq_id 
_struct_conn.ptnr1_label_atom_id 
_struct_conn.pdbx_ptnr1_label_alt_id 
_struct_conn.pdbx_ptnr1_PDB_ins_code 
_struct_conn.pdbx_ptnr1_standard_comp_id 
_struct_conn.ptnr1_symmetry 
_struct_conn.ptnr2_label_asym_id 
_struct_conn.ptnr2_label_comp_id 
_struct_conn.ptnr2_label_seq_id 
_struct_conn.ptnr2_label_atom_id 
_struct_conn.pdbx_ptnr2_label_alt_id 
_struct_conn.pdbx_ptnr2_PDB_ins_code 
_struct_conn.ptnr1_auth_asym_id 
_struct_conn.ptnr1_auth_comp_id 
_struct_conn.ptnr1_auth_seq_id 
_struct_conn.ptnr2_auth_asym_id 
_struct_conn.ptnr2_auth_comp_id 
_struct_conn.ptnr2_auth_seq_id 
_struct_conn.ptnr2_symmetry 
_struct_conn.pdbx_ptnr3_label_atom_id 
_struct_conn.pdbx_ptnr3_label_seq_id 
_struct_conn.pdbx_ptnr3_label_comp_id 
_struct_conn.pdbx_ptnr3_label_asym_id 
_struct_conn.pdbx_ptnr3_label_alt_id 
_struct_conn.pdbx_ptnr3_PDB_ins_code 
_struct_conn.details 
_struct_conn.pdbx_dist_value 
_struct_conn.pdbx_value_order 
_struct_conn.pdbx_role 
metalc1  metalc ? ? A TYR 6   OH  ? ? ? 1_555 C K   . K  ? ? A TYR 7   A K   202 1_555 ? ? ? ? ? ? ? 3.242 ? ? 
metalc2  metalc ? ? A ASP 159 OD1 ? ? ? 1_555 C K   . K  ? ? A ASP 160 A K   202 1_555 ? ? ? ? ? ? ? 2.871 ? ? 
metalc3  metalc ? ? A CYS 160 O   ? ? ? 1_555 C K   . K  ? ? A CYS 161 A K   202 1_555 ? ? ? ? ? ? ? 2.700 ? ? 
metalc4  metalc ? ? B K   .   K   ? ? ? 1_555 F PGE . O4 ? ? A K   201 A PGE 205 1_555 ? ? ? ? ? ? ? 2.979 ? ? 
metalc5  metalc ? ? B K   .   K   ? ? ? 1_555 F PGE . O1 ? ? A K   201 A PGE 205 1_555 ? ? ? ? ? ? ? 3.125 ? ? 
metalc6  metalc ? ? B K   .   K   ? ? ? 1_555 F PGE . O2 ? ? A K   201 A PGE 205 1_555 ? ? ? ? ? ? ? 2.648 ? ? 
metalc7  metalc ? ? B K   .   K   ? ? ? 1_555 F PGE . O3 ? ? A K   201 A PGE 205 1_555 ? ? ? ? ? ? ? 2.855 ? ? 
metalc8  metalc ? ? B K   .   K   ? ? ? 1_555 F PGE . O1 ? ? A K   201 A PGE 205 7_555 ? ? ? ? ? ? ? 3.125 ? ? 
metalc9  metalc ? ? B K   .   K   ? ? ? 1_555 F PGE . O2 ? ? A K   201 A PGE 205 7_555 ? ? ? ? ? ? ? 2.648 ? ? 
metalc10 metalc ? ? B K   .   K   ? ? ? 1_555 F PGE . O3 ? ? A K   201 A PGE 205 7_555 ? ? ? ? ? ? ? 2.855 ? ? 
metalc11 metalc ? ? B K   .   K   ? ? ? 1_555 F PGE . O4 ? ? A K   201 A PGE 205 7_555 ? ? ? ? ? ? ? 2.979 ? ? 
metalc12 metalc ? ? C K   .   K   ? ? ? 1_555 D FMT . O1 ? ? A K   202 A FMT 203 1_555 ? ? ? ? ? ? ? 2.843 ? ? 
metalc13 metalc ? ? C K   .   K   ? ? ? 1_555 H HOH . O  ? ? A K   202 A HOH 420 1_555 ? ? ? ? ? ? ? 2.758 ? ? 
# 
_struct_conn_type.id          metalc 
_struct_conn_type.criteria    ? 
_struct_conn_type.reference   ? 
# 
loop_
_pdbx_struct_conn_angle.id 
_pdbx_struct_conn_angle.ptnr1_label_atom_id 
_pdbx_struct_conn_angle.ptnr1_label_alt_id 
_pdbx_struct_conn_angle.ptnr1_label_asym_id 
_pdbx_struct_conn_angle.ptnr1_label_comp_id 
_pdbx_struct_conn_angle.ptnr1_label_seq_id 
_pdbx_struct_conn_angle.ptnr1_auth_atom_id 
_pdbx_struct_conn_angle.ptnr1_auth_asym_id 
_pdbx_struct_conn_angle.ptnr1_auth_comp_id 
_pdbx_struct_conn_angle.ptnr1_auth_seq_id 
_pdbx_struct_conn_angle.ptnr1_PDB_ins_code 
_pdbx_struct_conn_angle.ptnr1_symmetry 
_pdbx_struct_conn_angle.ptnr2_label_atom_id 
_pdbx_struct_conn_angle.ptnr2_label_alt_id 
_pdbx_struct_conn_angle.ptnr2_label_asym_id 
_pdbx_struct_conn_angle.ptnr2_label_comp_id 
_pdbx_struct_conn_angle.ptnr2_label_seq_id 
_pdbx_struct_conn_angle.ptnr2_auth_atom_id 
_pdbx_struct_conn_angle.ptnr2_auth_asym_id 
_pdbx_struct_conn_angle.ptnr2_auth_comp_id 
_pdbx_struct_conn_angle.ptnr2_auth_seq_id 
_pdbx_struct_conn_angle.ptnr2_PDB_ins_code 
_pdbx_struct_conn_angle.ptnr2_symmetry 
_pdbx_struct_conn_angle.ptnr3_label_atom_id 
_pdbx_struct_conn_angle.ptnr3_label_alt_id 
_pdbx_struct_conn_angle.ptnr3_label_asym_id 
_pdbx_struct_conn_angle.ptnr3_label_comp_id 
_pdbx_struct_conn_angle.ptnr3_label_seq_id 
_pdbx_struct_conn_angle.ptnr3_auth_atom_id 
_pdbx_struct_conn_angle.ptnr3_auth_asym_id 
_pdbx_struct_conn_angle.ptnr3_auth_comp_id 
_pdbx_struct_conn_angle.ptnr3_auth_seq_id 
_pdbx_struct_conn_angle.ptnr3_PDB_ins_code 
_pdbx_struct_conn_angle.ptnr3_symmetry 
_pdbx_struct_conn_angle.value 
_pdbx_struct_conn_angle.value_esd 
1  OH  ? A TYR 6   ? A TYR 7   ? 1_555 K ? C K . ? A K 202 ? 1_555 OD1 ? A ASP 159 ? A ASP 160 ? 1_555 90.1  ? 
2  OH  ? A TYR 6   ? A TYR 7   ? 1_555 K ? C K . ? A K 202 ? 1_555 O   ? A CYS 160 ? A CYS 161 ? 1_555 76.2  ? 
3  OD1 ? A ASP 159 ? A ASP 160 ? 1_555 K ? C K . ? A K 202 ? 1_555 O   ? A CYS 160 ? A CYS 161 ? 1_555 78.5  ? 
4  OH  ? A TYR 6   ? A TYR 7   ? 1_555 K ? C K . ? A K 202 ? 1_555 O1  ? D FMT .   ? A FMT 203 ? 1_555 150.9 ? 
5  OD1 ? A ASP 159 ? A ASP 160 ? 1_555 K ? C K . ? A K 202 ? 1_555 O1  ? D FMT .   ? A FMT 203 ? 1_555 84.1  ? 
6  O   ? A CYS 160 ? A CYS 161 ? 1_555 K ? C K . ? A K 202 ? 1_555 O1  ? D FMT .   ? A FMT 203 ? 1_555 74.7  ? 
7  OH  ? A TYR 6   ? A TYR 7   ? 1_555 K ? C K . ? A K 202 ? 1_555 O   ? H HOH .   ? A HOH 420 ? 1_555 102.6 ? 
8  OD1 ? A ASP 159 ? A ASP 160 ? 1_555 K ? C K . ? A K 202 ? 1_555 O   ? H HOH .   ? A HOH 420 ? 1_555 145.8 ? 
9  O   ? A CYS 160 ? A CYS 161 ? 1_555 K ? C K . ? A K 202 ? 1_555 O   ? H HOH .   ? A HOH 420 ? 1_555 74.2  ? 
10 O1  ? D FMT .   ? A FMT 203 ? 1_555 K ? C K . ? A K 202 ? 1_555 O   ? H HOH .   ? A HOH 420 ? 1_555 69.3  ? 
11 O4  ? F PGE .   ? A PGE 205 ? 1_555 K ? B K . ? A K 201 ? 1_555 O1  ? F PGE .   ? A PGE 205 ? 1_555 134.8 ? 
12 O4  ? F PGE .   ? A PGE 205 ? 1_555 K ? B K . ? A K 201 ? 1_555 O2  ? F PGE .   ? A PGE 205 ? 1_555 114.0 ? 
13 O1  ? F PGE .   ? A PGE 205 ? 1_555 K ? B K . ? A K 201 ? 1_555 O2  ? F PGE .   ? A PGE 205 ? 1_555 63.9  ? 
14 O4  ? F PGE .   ? A PGE 205 ? 1_555 K ? B K . ? A K 201 ? 1_555 O3  ? F PGE .   ? A PGE 205 ? 1_555 55.6  ? 
15 O1  ? F PGE .   ? A PGE 205 ? 1_555 K ? B K . ? A K 201 ? 1_555 O3  ? F PGE .   ? A PGE 205 ? 1_555 100.1 ? 
16 O2  ? F PGE .   ? A PGE 205 ? 1_555 K ? B K . ? A K 201 ? 1_555 O3  ? F PGE .   ? A PGE 205 ? 1_555 59.0  ? 
17 O4  ? F PGE .   ? A PGE 205 ? 1_555 K ? B K . ? A K 201 ? 1_555 O1  ? F PGE .   ? A PGE 205 ? 7_555 98.4  ? 
18 O1  ? F PGE .   ? A PGE 205 ? 1_555 K ? B K . ? A K 201 ? 1_555 O1  ? F PGE .   ? A PGE 205 ? 7_555 43.2  ? 
19 O2  ? F PGE .   ? A PGE 205 ? 1_555 K ? B K . ? A K 201 ? 1_555 O1  ? F PGE .   ? A PGE 205 ? 7_555 98.4  ? 
20 O3  ? F PGE .   ? A PGE 205 ? 1_555 K ? B K . ? A K 201 ? 1_555 O1  ? F PGE .   ? A PGE 205 ? 7_555 98.5  ? 
21 O4  ? F PGE .   ? A PGE 205 ? 1_555 K ? B K . ? A K 201 ? 1_555 O2  ? F PGE .   ? A PGE 205 ? 7_555 74.8  ? 
22 O1  ? F PGE .   ? A PGE 205 ? 1_555 K ? B K . ? A K 201 ? 1_555 O2  ? F PGE .   ? A PGE 205 ? 7_555 98.4  ? 
23 O2  ? F PGE .   ? A PGE 205 ? 1_555 K ? B K . ? A K 201 ? 1_555 O2  ? F PGE .   ? A PGE 205 ? 7_555 161.8 ? 
24 O3  ? F PGE .   ? A PGE 205 ? 1_555 K ? B K . ? A K 201 ? 1_555 O2  ? F PGE .   ? A PGE 205 ? 7_555 124.8 ? 
25 O1  ? F PGE .   ? A PGE 205 ? 7_555 K ? B K . ? A K 201 ? 1_555 O2  ? F PGE .   ? A PGE 205 ? 7_555 63.9  ? 
26 O4  ? F PGE .   ? A PGE 205 ? 1_555 K ? B K . ? A K 201 ? 1_555 O3  ? F PGE .   ? A PGE 205 ? 7_555 113.9 ? 
27 O1  ? F PGE .   ? A PGE 205 ? 1_555 K ? B K . ? A K 201 ? 1_555 O3  ? F PGE .   ? A PGE 205 ? 7_555 98.5  ? 
28 O2  ? F PGE .   ? A PGE 205 ? 1_555 K ? B K . ? A K 201 ? 1_555 O3  ? F PGE .   ? A PGE 205 ? 7_555 124.8 ? 
29 O3  ? F PGE .   ? A PGE 205 ? 1_555 K ? B K . ? A K 201 ? 1_555 O3  ? F PGE .   ? A PGE 205 ? 7_555 159.9 ? 
30 O1  ? F PGE .   ? A PGE 205 ? 7_555 K ? B K . ? A K 201 ? 1_555 O3  ? F PGE .   ? A PGE 205 ? 7_555 100.1 ? 
31 O2  ? F PGE .   ? A PGE 205 ? 7_555 K ? B K . ? A K 201 ? 1_555 O3  ? F PGE .   ? A PGE 205 ? 7_555 59.0  ? 
32 O4  ? F PGE .   ? A PGE 205 ? 1_555 K ? B K . ? A K 201 ? 1_555 O4  ? F PGE .   ? A PGE 205 ? 7_555 125.6 ? 
33 O1  ? F PGE .   ? A PGE 205 ? 1_555 K ? B K . ? A K 201 ? 1_555 O4  ? F PGE .   ? A PGE 205 ? 7_555 98.4  ? 
34 O2  ? F PGE .   ? A PGE 205 ? 1_555 K ? B K . ? A K 201 ? 1_555 O4  ? F PGE .   ? A PGE 205 ? 7_555 74.8  ? 
35 O3  ? F PGE .   ? A PGE 205 ? 1_555 K ? B K . ? A K 201 ? 1_555 O4  ? F PGE .   ? A PGE 205 ? 7_555 113.9 ? 
36 O1  ? F PGE .   ? A PGE 205 ? 7_555 K ? B K . ? A K 201 ? 1_555 O4  ? F PGE .   ? A PGE 205 ? 7_555 134.8 ? 
37 O2  ? F PGE .   ? A PGE 205 ? 7_555 K ? B K . ? A K 201 ? 1_555 O4  ? F PGE .   ? A PGE 205 ? 7_555 114.0 ? 
38 O3  ? F PGE .   ? A PGE 205 ? 7_555 K ? B K . ? A K 201 ? 1_555 O4  ? F PGE .   ? A PGE 205 ? 7_555 55.6  ? 
# 
_struct_sheet.id               AA1 
_struct_sheet.type             ? 
_struct_sheet.number_strands   8 
_struct_sheet.details          ? 
# 
loop_
_struct_sheet_order.sheet_id 
_struct_sheet_order.range_id_1 
_struct_sheet_order.range_id_2 
_struct_sheet_order.offset 
_struct_sheet_order.sense 
AA1 1 2 ? anti-parallel 
AA1 2 3 ? anti-parallel 
AA1 3 4 ? anti-parallel 
AA1 4 5 ? anti-parallel 
AA1 5 6 ? anti-parallel 
AA1 6 7 ? anti-parallel 
AA1 7 8 ? anti-parallel 
# 
loop_
_struct_sheet_range.sheet_id 
_struct_sheet_range.id 
_struct_sheet_range.beg_label_comp_id 
_struct_sheet_range.beg_label_asym_id 
_struct_sheet_range.beg_label_seq_id 
_struct_sheet_range.pdbx_beg_PDB_ins_code 
_struct_sheet_range.end_label_comp_id 
_struct_sheet_range.end_label_asym_id 
_struct_sheet_range.end_label_seq_id 
_struct_sheet_range.pdbx_end_PDB_ins_code 
_struct_sheet_range.beg_auth_comp_id 
_struct_sheet_range.beg_auth_asym_id 
_struct_sheet_range.beg_auth_seq_id 
_struct_sheet_range.end_auth_comp_id 
_struct_sheet_range.end_auth_asym_id 
_struct_sheet_range.end_auth_seq_id 
AA1 1 PHE A 52  ? ILE A 56  ? PHE A 53  ILE A 57  
AA1 2 MET A 60  ? ALA A 63  ? MET A 61  ALA A 64  
AA1 3 PHE A 111 ? CYS A 114 ? PHE A 112 CYS A 115 
AA1 4 VAL A 96  ? MET A 99  ? VAL A 97  MET A 100 
AA1 5 VAL A 127 ? GLU A 133 ? VAL A 128 GLU A 134 
AA1 6 LYS A 14  ? LEU A 23  ? LYS A 15  LEU A 24  
AA1 7 LEU A 4   ? ALA A 11  ? LEU A 5   ALA A 12  
AA1 8 ILE A 155 ? GLN A 162 ? ILE A 156 GLN A 163 
# 
loop_
_pdbx_struct_sheet_hbond.sheet_id 
_pdbx_struct_sheet_hbond.range_id_1 
_pdbx_struct_sheet_hbond.range_id_2 
_pdbx_struct_sheet_hbond.range_1_label_atom_id 
_pdbx_struct_sheet_hbond.range_1_label_comp_id 
_pdbx_struct_sheet_hbond.range_1_label_asym_id 
_pdbx_struct_sheet_hbond.range_1_label_seq_id 
_pdbx_struct_sheet_hbond.range_1_PDB_ins_code 
_pdbx_struct_sheet_hbond.range_1_auth_atom_id 
_pdbx_struct_sheet_hbond.range_1_auth_comp_id 
_pdbx_struct_sheet_hbond.range_1_auth_asym_id 
_pdbx_struct_sheet_hbond.range_1_auth_seq_id 
_pdbx_struct_sheet_hbond.range_2_label_atom_id 
_pdbx_struct_sheet_hbond.range_2_label_comp_id 
_pdbx_struct_sheet_hbond.range_2_label_asym_id 
_pdbx_struct_sheet_hbond.range_2_label_seq_id 
_pdbx_struct_sheet_hbond.range_2_PDB_ins_code 
_pdbx_struct_sheet_hbond.range_2_auth_atom_id 
_pdbx_struct_sheet_hbond.range_2_auth_comp_id 
_pdbx_struct_sheet_hbond.range_2_auth_asym_id 
_pdbx_struct_sheet_hbond.range_2_auth_seq_id 
AA1 1 2 N ARG A 54  ? N ARG A 55  O GLN A 62  ? O GLN A 63  
AA1 2 3 N ALA A 63  ? N ALA A 64  O PHE A 111 ? O PHE A 112 
AA1 3 4 O PHE A 112 ? O PHE A 113 N SER A 98  ? N SER A 99  
AA1 4 5 N LEU A 97  ? N LEU A 98  O PHE A 128 ? O PHE A 129 
AA1 5 6 O ILE A 132 ? O ILE A 133 N VAL A 20  ? N VAL A 21  
AA1 6 7 O LEU A 16  ? O LEU A 17  N VAL A 9   ? N VAL A 10  
AA1 7 8 N ASP A 8   ? N ASP A 9   O ASP A 159 ? O ASP A 160 
# 
loop_
_struct_site.id 
_struct_site.pdbx_evidence_code 
_struct_site.pdbx_auth_asym_id 
_struct_site.pdbx_auth_comp_id 
_struct_site.pdbx_auth_seq_id 
_struct_site.pdbx_auth_ins_code 
_struct_site.pdbx_num_residues 
_struct_site.details 
AC1 Software A K   201 ? 2  'binding site for residue K A 201'   
AC2 Software A K   202 ? 5  'binding site for residue K A 202'   
AC3 Software A FMT 203 ? 7  'binding site for residue FMT A 203' 
AC4 Software A PG4 204 ? 3  'binding site for residue PG4 A 204' 
AC5 Software A PGE 205 ? 6  'binding site for residue PGE A 205' 
AC6 Software A 502 206 ? 12 'binding site for residue 502 A 206' 
# 
loop_
_struct_site_gen.id 
_struct_site_gen.site_id 
_struct_site_gen.pdbx_num_res 
_struct_site_gen.label_comp_id 
_struct_site_gen.label_asym_id 
_struct_site_gen.label_seq_id 
_struct_site_gen.pdbx_auth_ins_code 
_struct_site_gen.auth_comp_id 
_struct_site_gen.auth_asym_id 
_struct_site_gen.auth_seq_id 
_struct_site_gen.label_atom_id 
_struct_site_gen.label_alt_id 
_struct_site_gen.symmetry 
_struct_site_gen.details 
1  AC1 2  PGE F .   ? PGE A 205 . ? 7_555 ? 
2  AC1 2  PGE F .   ? PGE A 205 . ? 1_555 ? 
3  AC2 5  TYR A 6   ? TYR A 7   . ? 1_555 ? 
4  AC2 5  ASP A 159 ? ASP A 160 . ? 1_555 ? 
5  AC2 5  CYS A 160 ? CYS A 161 . ? 1_555 ? 
6  AC2 5  FMT D .   ? FMT A 203 . ? 1_555 ? 
7  AC2 5  HOH H .   ? HOH A 420 . ? 1_555 ? 
8  AC3 7  CYS A 39  ? CYS A 40  . ? 1_555 ? 
9  AC3 7  THR A 40  ? THR A 41  . ? 1_555 ? 
10 AC3 7  LYS A 48  ? LYS A 49  . ? 1_555 ? 
11 AC3 7  CYS A 160 ? CYS A 161 . ? 1_555 ? 
12 AC3 7  K   C .   ? K   A 202 . ? 1_555 ? 
13 AC3 7  HOH H .   ? HOH A 309 . ? 1_555 ? 
14 AC3 7  HOH H .   ? HOH A 343 . ? 1_555 ? 
15 AC4 3  PRO A 94  ? PRO A 95  . ? 1_555 ? 
16 AC4 3  HIS A 130 ? HIS A 131 . ? 1_555 ? 
17 AC4 3  HOH H .   ? HOH A 382 . ? 1_555 ? 
18 AC5 6  PRO A 57  ? PRO A 58  . ? 1_555 ? 
19 AC5 6  SER A 58  ? SER A 59  . ? 1_555 ? 
20 AC5 6  TRP A 120 ? TRP A 121 . ? 1_555 ? 
21 AC5 6  LYS A 147 ? LYS A 148 . ? 7_555 ? 
22 AC5 6  K   B .   ? K   A 201 . ? 7_555 ? 
23 AC5 6  K   B .   ? K   A 201 . ? 1_555 ? 
24 AC6 12 ARG A 54  ? ARG A 55  . ? 1_555 ? 
25 AC6 12 GLN A 62  ? GLN A 63  . ? 1_555 ? 
26 AC6 12 GLY A 71  ? GLY A 72  . ? 1_555 ? 
27 AC6 12 THR A 72  ? THR A 73  . ? 1_555 ? 
28 AC6 12 GLY A 73  ? GLY A 74  . ? 1_555 ? 
29 AC6 12 ALA A 100 ? ALA A 101 . ? 1_555 ? 
30 AC6 12 ASN A 101 ? ASN A 102 . ? 1_555 ? 
31 AC6 12 GLN A 110 ? GLN A 111 . ? 1_555 ? 
32 AC6 12 PHE A 112 ? PHE A 113 . ? 1_555 ? 
33 AC6 12 HIS A 125 ? HIS A 126 . ? 1_555 ? 
34 AC6 12 HOH H .   ? HOH A 318 . ? 1_555 ? 
35 AC6 12 HOH H .   ? HOH A 408 . ? 1_555 ? 
# 
_pdbx_validate_close_contact.id               1 
_pdbx_validate_close_contact.PDB_model_num    1 
_pdbx_validate_close_contact.auth_atom_id_1   O 
_pdbx_validate_close_contact.auth_asym_id_1   A 
_pdbx_validate_close_contact.auth_comp_id_1   HOH 
_pdbx_validate_close_contact.auth_seq_id_1    314 
_pdbx_validate_close_contact.PDB_ins_code_1   ? 
_pdbx_validate_close_contact.label_alt_id_1   ? 
_pdbx_validate_close_contact.auth_atom_id_2   O 
_pdbx_validate_close_contact.auth_asym_id_2   A 
_pdbx_validate_close_contact.auth_comp_id_2   HOH 
_pdbx_validate_close_contact.auth_seq_id_2    411 
_pdbx_validate_close_contact.PDB_ins_code_2   ? 
_pdbx_validate_close_contact.label_alt_id_2   ? 
_pdbx_validate_close_contact.dist             1.76 
# 
loop_
_pdbx_validate_rmsd_angle.id 
_pdbx_validate_rmsd_angle.PDB_model_num 
_pdbx_validate_rmsd_angle.auth_atom_id_1 
_pdbx_validate_rmsd_angle.auth_asym_id_1 
_pdbx_validate_rmsd_angle.auth_comp_id_1 
_pdbx_validate_rmsd_angle.auth_seq_id_1 
_pdbx_validate_rmsd_angle.PDB_ins_code_1 
_pdbx_validate_rmsd_angle.label_alt_id_1 
_pdbx_validate_rmsd_angle.auth_atom_id_2 
_pdbx_validate_rmsd_angle.auth_asym_id_2 
_pdbx_validate_rmsd_angle.auth_comp_id_2 
_pdbx_validate_rmsd_angle.auth_seq_id_2 
_pdbx_validate_rmsd_angle.PDB_ins_code_2 
_pdbx_validate_rmsd_angle.label_alt_id_2 
_pdbx_validate_rmsd_angle.auth_atom_id_3 
_pdbx_validate_rmsd_angle.auth_asym_id_3 
_pdbx_validate_rmsd_angle.auth_comp_id_3 
_pdbx_validate_rmsd_angle.auth_seq_id_3 
_pdbx_validate_rmsd_angle.PDB_ins_code_3 
_pdbx_validate_rmsd_angle.label_alt_id_3 
_pdbx_validate_rmsd_angle.angle_value 
_pdbx_validate_rmsd_angle.angle_target_value 
_pdbx_validate_rmsd_angle.angle_deviation 
_pdbx_validate_rmsd_angle.angle_standard_deviation 
_pdbx_validate_rmsd_angle.linker_flag 
1 1 NE A ARG 37  ? ? CZ A ARG 37  ? ? NH1 A ARG 37  ? ? 124.64 120.30 4.34  0.50 N 
2 1 NE A ARG 37  ? ? CZ A ARG 37  ? ? NH2 A ARG 37  ? ? 116.68 120.30 -3.62 0.50 N 
3 1 NE A ARG 55  ? ? CZ A ARG 55  ? ? NH1 A ARG 55  ? ? 117.23 120.30 -3.07 0.50 N 
4 1 NE A ARG 55  ? ? CZ A ARG 55  ? ? NH2 A ARG 55  ? ? 126.16 120.30 5.86  0.50 N 
5 1 NE A ARG 151 ? ? CZ A ARG 151 ? ? NH2 A ARG 151 ? ? 116.43 120.30 -3.87 0.50 N 
# 
loop_
_pdbx_validate_torsion.id 
_pdbx_validate_torsion.PDB_model_num 
_pdbx_validate_torsion.auth_comp_id 
_pdbx_validate_torsion.auth_asym_id 
_pdbx_validate_torsion.auth_seq_id 
_pdbx_validate_torsion.PDB_ins_code 
_pdbx_validate_torsion.label_alt_id 
_pdbx_validate_torsion.phi 
_pdbx_validate_torsion.psi 
1 1 ASN A 13  ? ? 37.71   50.05  
2 1 PHE A 60  ? ? -143.21 -77.34 
3 1 ASN A 71  ? ? -149.38 12.07  
4 1 THR A 119 ? ? -114.80 51.38  
# 
_pdbx_struct_special_symmetry.id              1 
_pdbx_struct_special_symmetry.PDB_model_num   1 
_pdbx_struct_special_symmetry.auth_asym_id    A 
_pdbx_struct_special_symmetry.auth_comp_id    K 
_pdbx_struct_special_symmetry.auth_seq_id     201 
_pdbx_struct_special_symmetry.PDB_ins_code    ? 
_pdbx_struct_special_symmetry.label_asym_id   B 
_pdbx_struct_special_symmetry.label_comp_id   K 
_pdbx_struct_special_symmetry.label_seq_id    . 
# 
loop_
_chem_comp_atom.comp_id 
_chem_comp_atom.atom_id 
_chem_comp_atom.type_symbol 
_chem_comp_atom.pdbx_aromatic_flag 
_chem_comp_atom.pdbx_stereo_config 
_chem_comp_atom.pdbx_ordinal 
502 C1   C N N 1   
502 C2   C Y N 2   
502 C6   C Y N 3   
502 C7   C Y N 4   
502 C3   C Y N 5   
502 C4   C Y N 6   
502 C9   C N N 7   
502 N5   N Y N 8   
502 N8   N N N 9   
502 N10  N N N 10  
502 O11  O N N 11  
502 C12  C N N 12  
502 C13  C N N 13  
502 O14  O N N 14  
502 O15  O N N 15  
502 C16  C N N 16  
502 C17  C N N 17  
502 N18  N N N 18  
502 H1   H N N 19  
502 H2   H N N 20  
502 H3   H N N 21  
502 H4   H N N 22  
502 H5   H N N 23  
502 H6   H N N 24  
502 H7   H N N 25  
502 H8   H N N 26  
502 H9   H N N 27  
502 H10  H N N 28  
502 H11  H N N 29  
502 H12  H N N 30  
502 H13  H N N 31  
502 H14  H N N 32  
502 H15  H N N 33  
502 H16  H N N 34  
ALA N    N N N 35  
ALA CA   C N S 36  
ALA C    C N N 37  
ALA O    O N N 38  
ALA CB   C N N 39  
ALA OXT  O N N 40  
ALA H    H N N 41  
ALA H2   H N N 42  
ALA HA   H N N 43  
ALA HB1  H N N 44  
ALA HB2  H N N 45  
ALA HB3  H N N 46  
ALA HXT  H N N 47  
ARG N    N N N 48  
ARG CA   C N S 49  
ARG C    C N N 50  
ARG O    O N N 51  
ARG CB   C N N 52  
ARG CG   C N N 53  
ARG CD   C N N 54  
ARG NE   N N N 55  
ARG CZ   C N N 56  
ARG NH1  N N N 57  
ARG NH2  N N N 58  
ARG OXT  O N N 59  
ARG H    H N N 60  
ARG H2   H N N 61  
ARG HA   H N N 62  
ARG HB2  H N N 63  
ARG HB3  H N N 64  
ARG HG2  H N N 65  
ARG HG3  H N N 66  
ARG HD2  H N N 67  
ARG HD3  H N N 68  
ARG HE   H N N 69  
ARG HH11 H N N 70  
ARG HH12 H N N 71  
ARG HH21 H N N 72  
ARG HH22 H N N 73  
ARG HXT  H N N 74  
ASN N    N N N 75  
ASN CA   C N S 76  
ASN C    C N N 77  
ASN O    O N N 78  
ASN CB   C N N 79  
ASN CG   C N N 80  
ASN OD1  O N N 81  
ASN ND2  N N N 82  
ASN OXT  O N N 83  
ASN H    H N N 84  
ASN H2   H N N 85  
ASN HA   H N N 86  
ASN HB2  H N N 87  
ASN HB3  H N N 88  
ASN HD21 H N N 89  
ASN HD22 H N N 90  
ASN HXT  H N N 91  
ASP N    N N N 92  
ASP CA   C N S 93  
ASP C    C N N 94  
ASP O    O N N 95  
ASP CB   C N N 96  
ASP CG   C N N 97  
ASP OD1  O N N 98  
ASP OD2  O N N 99  
ASP OXT  O N N 100 
ASP H    H N N 101 
ASP H2   H N N 102 
ASP HA   H N N 103 
ASP HB2  H N N 104 
ASP HB3  H N N 105 
ASP HD2  H N N 106 
ASP HXT  H N N 107 
CYS N    N N N 108 
CYS CA   C N R 109 
CYS C    C N N 110 
CYS O    O N N 111 
CYS CB   C N N 112 
CYS SG   S N N 113 
CYS OXT  O N N 114 
CYS H    H N N 115 
CYS H2   H N N 116 
CYS HA   H N N 117 
CYS HB2  H N N 118 
CYS HB3  H N N 119 
CYS HG   H N N 120 
CYS HXT  H N N 121 
FMT C    C N N 122 
FMT O1   O N N 123 
FMT O2   O N N 124 
FMT H    H N N 125 
FMT HO2  H N N 126 
GLN N    N N N 127 
GLN CA   C N S 128 
GLN C    C N N 129 
GLN O    O N N 130 
GLN CB   C N N 131 
GLN CG   C N N 132 
GLN CD   C N N 133 
GLN OE1  O N N 134 
GLN NE2  N N N 135 
GLN OXT  O N N 136 
GLN H    H N N 137 
GLN H2   H N N 138 
GLN HA   H N N 139 
GLN HB2  H N N 140 
GLN HB3  H N N 141 
GLN HG2  H N N 142 
GLN HG3  H N N 143 
GLN HE21 H N N 144 
GLN HE22 H N N 145 
GLN HXT  H N N 146 
GLU N    N N N 147 
GLU CA   C N S 148 
GLU C    C N N 149 
GLU O    O N N 150 
GLU CB   C N N 151 
GLU CG   C N N 152 
GLU CD   C N N 153 
GLU OE1  O N N 154 
GLU OE2  O N N 155 
GLU OXT  O N N 156 
GLU H    H N N 157 
GLU H2   H N N 158 
GLU HA   H N N 159 
GLU HB2  H N N 160 
GLU HB3  H N N 161 
GLU HG2  H N N 162 
GLU HG3  H N N 163 
GLU HE2  H N N 164 
GLU HXT  H N N 165 
GLY N    N N N 166 
GLY CA   C N N 167 
GLY C    C N N 168 
GLY O    O N N 169 
GLY OXT  O N N 170 
GLY H    H N N 171 
GLY H2   H N N 172 
GLY HA2  H N N 173 
GLY HA3  H N N 174 
GLY HXT  H N N 175 
HIS N    N N N 176 
HIS CA   C N S 177 
HIS C    C N N 178 
HIS O    O N N 179 
HIS CB   C N N 180 
HIS CG   C Y N 181 
HIS ND1  N Y N 182 
HIS CD2  C Y N 183 
HIS CE1  C Y N 184 
HIS NE2  N Y N 185 
HIS OXT  O N N 186 
HIS H    H N N 187 
HIS H2   H N N 188 
HIS HA   H N N 189 
HIS HB2  H N N 190 
HIS HB3  H N N 191 
HIS HD1  H N N 192 
HIS HD2  H N N 193 
HIS HE1  H N N 194 
HIS HE2  H N N 195 
HIS HXT  H N N 196 
HOH O    O N N 197 
HOH H1   H N N 198 
HOH H2   H N N 199 
ILE N    N N N 200 
ILE CA   C N S 201 
ILE C    C N N 202 
ILE O    O N N 203 
ILE CB   C N S 204 
ILE CG1  C N N 205 
ILE CG2  C N N 206 
ILE CD1  C N N 207 
ILE OXT  O N N 208 
ILE H    H N N 209 
ILE H2   H N N 210 
ILE HA   H N N 211 
ILE HB   H N N 212 
ILE HG12 H N N 213 
ILE HG13 H N N 214 
ILE HG21 H N N 215 
ILE HG22 H N N 216 
ILE HG23 H N N 217 
ILE HD11 H N N 218 
ILE HD12 H N N 219 
ILE HD13 H N N 220 
ILE HXT  H N N 221 
K   K    K N N 222 
LEU N    N N N 223 
LEU CA   C N S 224 
LEU C    C N N 225 
LEU O    O N N 226 
LEU CB   C N N 227 
LEU CG   C N N 228 
LEU CD1  C N N 229 
LEU CD2  C N N 230 
LEU OXT  O N N 231 
LEU H    H N N 232 
LEU H2   H N N 233 
LEU HA   H N N 234 
LEU HB2  H N N 235 
LEU HB3  H N N 236 
LEU HG   H N N 237 
LEU HD11 H N N 238 
LEU HD12 H N N 239 
LEU HD13 H N N 240 
LEU HD21 H N N 241 
LEU HD22 H N N 242 
LEU HD23 H N N 243 
LEU HXT  H N N 244 
LYS N    N N N 245 
LYS CA   C N S 246 
LYS C    C N N 247 
LYS O    O N N 248 
LYS CB   C N N 249 
LYS CG   C N N 250 
LYS CD   C N N 251 
LYS CE   C N N 252 
LYS NZ   N N N 253 
LYS OXT  O N N 254 
LYS H    H N N 255 
LYS H2   H N N 256 
LYS HA   H N N 257 
LYS HB2  H N N 258 
LYS HB3  H N N 259 
LYS HG2  H N N 260 
LYS HG3  H N N 261 
LYS HD2  H N N 262 
LYS HD3  H N N 263 
LYS HE2  H N N 264 
LYS HE3  H N N 265 
LYS HZ1  H N N 266 
LYS HZ2  H N N 267 
LYS HZ3  H N N 268 
LYS HXT  H N N 269 
MET N    N N N 270 
MET CA   C N S 271 
MET C    C N N 272 
MET O    O N N 273 
MET CB   C N N 274 
MET CG   C N N 275 
MET SD   S N N 276 
MET CE   C N N 277 
MET OXT  O N N 278 
MET H    H N N 279 
MET H2   H N N 280 
MET HA   H N N 281 
MET HB2  H N N 282 
MET HB3  H N N 283 
MET HG2  H N N 284 
MET HG3  H N N 285 
MET HE1  H N N 286 
MET HE2  H N N 287 
MET HE3  H N N 288 
MET HXT  H N N 289 
PG4 O1   O N N 290 
PG4 C1   C N N 291 
PG4 C2   C N N 292 
PG4 O2   O N N 293 
PG4 C3   C N N 294 
PG4 C4   C N N 295 
PG4 O3   O N N 296 
PG4 C5   C N N 297 
PG4 C6   C N N 298 
PG4 O4   O N N 299 
PG4 C7   C N N 300 
PG4 C8   C N N 301 
PG4 O5   O N N 302 
PG4 HO1  H N N 303 
PG4 H11  H N N 304 
PG4 H12  H N N 305 
PG4 H21  H N N 306 
PG4 H22  H N N 307 
PG4 H31  H N N 308 
PG4 H32  H N N 309 
PG4 H41  H N N 310 
PG4 H42  H N N 311 
PG4 H51  H N N 312 
PG4 H52  H N N 313 
PG4 H61  H N N 314 
PG4 H62  H N N 315 
PG4 H71  H N N 316 
PG4 H72  H N N 317 
PG4 H81  H N N 318 
PG4 H82  H N N 319 
PG4 HO5  H N N 320 
PGE C1   C N N 321 
PGE O1   O N N 322 
PGE C2   C N N 323 
PGE O2   O N N 324 
PGE C3   C N N 325 
PGE C4   C N N 326 
PGE O4   O N N 327 
PGE C6   C N N 328 
PGE C5   C N N 329 
PGE O3   O N N 330 
PGE H1   H N N 331 
PGE H12  H N N 332 
PGE HO1  H N N 333 
PGE H2   H N N 334 
PGE H22  H N N 335 
PGE H3   H N N 336 
PGE H32  H N N 337 
PGE H4   H N N 338 
PGE H42  H N N 339 
PGE HO4  H N N 340 
PGE H6   H N N 341 
PGE H62  H N N 342 
PGE H5   H N N 343 
PGE H52  H N N 344 
PHE N    N N N 345 
PHE CA   C N S 346 
PHE C    C N N 347 
PHE O    O N N 348 
PHE CB   C N N 349 
PHE CG   C Y N 350 
PHE CD1  C Y N 351 
PHE CD2  C Y N 352 
PHE CE1  C Y N 353 
PHE CE2  C Y N 354 
PHE CZ   C Y N 355 
PHE OXT  O N N 356 
PHE H    H N N 357 
PHE H2   H N N 358 
PHE HA   H N N 359 
PHE HB2  H N N 360 
PHE HB3  H N N 361 
PHE HD1  H N N 362 
PHE HD2  H N N 363 
PHE HE1  H N N 364 
PHE HE2  H N N 365 
PHE HZ   H N N 366 
PHE HXT  H N N 367 
PRO N    N N N 368 
PRO CA   C N S 369 
PRO C    C N N 370 
PRO O    O N N 371 
PRO CB   C N N 372 
PRO CG   C N N 373 
PRO CD   C N N 374 
PRO OXT  O N N 375 
PRO H    H N N 376 
PRO HA   H N N 377 
PRO HB2  H N N 378 
PRO HB3  H N N 379 
PRO HG2  H N N 380 
PRO HG3  H N N 381 
PRO HD2  H N N 382 
PRO HD3  H N N 383 
PRO HXT  H N N 384 
SER N    N N N 385 
SER CA   C N S 386 
SER C    C N N 387 
SER O    O N N 388 
SER CB   C N N 389 
SER OG   O N N 390 
SER OXT  O N N 391 
SER H    H N N 392 
SER H2   H N N 393 
SER HA   H N N 394 
SER HB2  H N N 395 
SER HB3  H N N 396 
SER HG   H N N 397 
SER HXT  H N N 398 
THR N    N N N 399 
THR CA   C N S 400 
THR C    C N N 401 
THR O    O N N 402 
THR CB   C N R 403 
THR OG1  O N N 404 
THR CG2  C N N 405 
THR OXT  O N N 406 
THR H    H N N 407 
THR H2   H N N 408 
THR HA   H N N 409 
THR HB   H N N 410 
THR HG1  H N N 411 
THR HG21 H N N 412 
THR HG22 H N N 413 
THR HG23 H N N 414 
THR HXT  H N N 415 
TRP N    N N N 416 
TRP CA   C N S 417 
TRP C    C N N 418 
TRP O    O N N 419 
TRP CB   C N N 420 
TRP CG   C Y N 421 
TRP CD1  C Y N 422 
TRP CD2  C Y N 423 
TRP NE1  N Y N 424 
TRP CE2  C Y N 425 
TRP CE3  C Y N 426 
TRP CZ2  C Y N 427 
TRP CZ3  C Y N 428 
TRP CH2  C Y N 429 
TRP OXT  O N N 430 
TRP H    H N N 431 
TRP H2   H N N 432 
TRP HA   H N N 433 
TRP HB2  H N N 434 
TRP HB3  H N N 435 
TRP HD1  H N N 436 
TRP HE1  H N N 437 
TRP HE3  H N N 438 
TRP HZ2  H N N 439 
TRP HZ3  H N N 440 
TRP HH2  H N N 441 
TRP HXT  H N N 442 
TYR N    N N N 443 
TYR CA   C N S 444 
TYR C    C N N 445 
TYR O    O N N 446 
TYR CB   C N N 447 
TYR CG   C Y N 448 
TYR CD1  C Y N 449 
TYR CD2  C Y N 450 
TYR CE1  C Y N 451 
TYR CE2  C Y N 452 
TYR CZ   C Y N 453 
TYR OH   O N N 454 
TYR OXT  O N N 455 
TYR H    H N N 456 
TYR H2   H N N 457 
TYR HA   H N N 458 
TYR HB2  H N N 459 
TYR HB3  H N N 460 
TYR HD1  H N N 461 
TYR HD2  H N N 462 
TYR HE1  H N N 463 
TYR HE2  H N N 464 
TYR HH   H N N 465 
TYR HXT  H N N 466 
VAL N    N N N 467 
VAL CA   C N S 468 
VAL C    C N N 469 
VAL O    O N N 470 
VAL CB   C N N 471 
VAL CG1  C N N 472 
VAL CG2  C N N 473 
VAL OXT  O N N 474 
VAL H    H N N 475 
VAL H2   H N N 476 
VAL HA   H N N 477 
VAL HB   H N N 478 
VAL HG11 H N N 479 
VAL HG12 H N N 480 
VAL HG13 H N N 481 
VAL HG21 H N N 482 
VAL HG22 H N N 483 
VAL HG23 H N N 484 
VAL HXT  H N N 485 
# 
loop_
_chem_comp_bond.comp_id 
_chem_comp_bond.atom_id_1 
_chem_comp_bond.atom_id_2 
_chem_comp_bond.value_order 
_chem_comp_bond.pdbx_aromatic_flag 
_chem_comp_bond.pdbx_stereo_config 
_chem_comp_bond.pdbx_ordinal 
502 O11 C9   doub N N 1   
502 C1  N8   sing N N 2   
502 C1  C2   sing N N 3   
502 C9  N8   sing N N 4   
502 C9  N10  sing N N 5   
502 C3  C2   doub Y N 6   
502 C3  C4   sing Y N 7   
502 C2  C7   sing Y N 8   
502 C12 N10  sing N N 9   
502 C12 C13  sing N N 10  
502 N18 C4   sing N N 11  
502 C4  N5   doub Y N 12  
502 O14 C13  sing N N 13  
502 O14 C16  sing N N 14  
502 C7  C6   doub Y N 15  
502 C13 O15  doub N N 16  
502 C17 C16  sing N N 17  
502 N5  C6   sing Y N 18  
502 C1  H1   sing N N 19  
502 C1  H2   sing N N 20  
502 C6  H3   sing N N 21  
502 C7  H4   sing N N 22  
502 C3  H5   sing N N 23  
502 N8  H6   sing N N 24  
502 N10 H7   sing N N 25  
502 C12 H8   sing N N 26  
502 C12 H9   sing N N 27  
502 C16 H10  sing N N 28  
502 C16 H11  sing N N 29  
502 C17 H12  sing N N 30  
502 C17 H13  sing N N 31  
502 C17 H14  sing N N 32  
502 N18 H15  sing N N 33  
502 N18 H16  sing N N 34  
ALA N   CA   sing N N 35  
ALA N   H    sing N N 36  
ALA N   H2   sing N N 37  
ALA CA  C    sing N N 38  
ALA CA  CB   sing N N 39  
ALA CA  HA   sing N N 40  
ALA C   O    doub N N 41  
ALA C   OXT  sing N N 42  
ALA CB  HB1  sing N N 43  
ALA CB  HB2  sing N N 44  
ALA CB  HB3  sing N N 45  
ALA OXT HXT  sing N N 46  
ARG N   CA   sing N N 47  
ARG N   H    sing N N 48  
ARG N   H2   sing N N 49  
ARG CA  C    sing N N 50  
ARG CA  CB   sing N N 51  
ARG CA  HA   sing N N 52  
ARG C   O    doub N N 53  
ARG C   OXT  sing N N 54  
ARG CB  CG   sing N N 55  
ARG CB  HB2  sing N N 56  
ARG CB  HB3  sing N N 57  
ARG CG  CD   sing N N 58  
ARG CG  HG2  sing N N 59  
ARG CG  HG3  sing N N 60  
ARG CD  NE   sing N N 61  
ARG CD  HD2  sing N N 62  
ARG CD  HD3  sing N N 63  
ARG NE  CZ   sing N N 64  
ARG NE  HE   sing N N 65  
ARG CZ  NH1  sing N N 66  
ARG CZ  NH2  doub N N 67  
ARG NH1 HH11 sing N N 68  
ARG NH1 HH12 sing N N 69  
ARG NH2 HH21 sing N N 70  
ARG NH2 HH22 sing N N 71  
ARG OXT HXT  sing N N 72  
ASN N   CA   sing N N 73  
ASN N   H    sing N N 74  
ASN N   H2   sing N N 75  
ASN CA  C    sing N N 76  
ASN CA  CB   sing N N 77  
ASN CA  HA   sing N N 78  
ASN C   O    doub N N 79  
ASN C   OXT  sing N N 80  
ASN CB  CG   sing N N 81  
ASN CB  HB2  sing N N 82  
ASN CB  HB3  sing N N 83  
ASN CG  OD1  doub N N 84  
ASN CG  ND2  sing N N 85  
ASN ND2 HD21 sing N N 86  
ASN ND2 HD22 sing N N 87  
ASN OXT HXT  sing N N 88  
ASP N   CA   sing N N 89  
ASP N   H    sing N N 90  
ASP N   H2   sing N N 91  
ASP CA  C    sing N N 92  
ASP CA  CB   sing N N 93  
ASP CA  HA   sing N N 94  
ASP C   O    doub N N 95  
ASP C   OXT  sing N N 96  
ASP CB  CG   sing N N 97  
ASP CB  HB2  sing N N 98  
ASP CB  HB3  sing N N 99  
ASP CG  OD1  doub N N 100 
ASP CG  OD2  sing N N 101 
ASP OD2 HD2  sing N N 102 
ASP OXT HXT  sing N N 103 
CYS N   CA   sing N N 104 
CYS N   H    sing N N 105 
CYS N   H2   sing N N 106 
CYS CA  C    sing N N 107 
CYS CA  CB   sing N N 108 
CYS CA  HA   sing N N 109 
CYS C   O    doub N N 110 
CYS C   OXT  sing N N 111 
CYS CB  SG   sing N N 112 
CYS CB  HB2  sing N N 113 
CYS CB  HB3  sing N N 114 
CYS SG  HG   sing N N 115 
CYS OXT HXT  sing N N 116 
FMT C   O1   doub N N 117 
FMT C   O2   sing N N 118 
FMT C   H    sing N N 119 
FMT O2  HO2  sing N N 120 
GLN N   CA   sing N N 121 
GLN N   H    sing N N 122 
GLN N   H2   sing N N 123 
GLN CA  C    sing N N 124 
GLN CA  CB   sing N N 125 
GLN CA  HA   sing N N 126 
GLN C   O    doub N N 127 
GLN C   OXT  sing N N 128 
GLN CB  CG   sing N N 129 
GLN CB  HB2  sing N N 130 
GLN CB  HB3  sing N N 131 
GLN CG  CD   sing N N 132 
GLN CG  HG2  sing N N 133 
GLN CG  HG3  sing N N 134 
GLN CD  OE1  doub N N 135 
GLN CD  NE2  sing N N 136 
GLN NE2 HE21 sing N N 137 
GLN NE2 HE22 sing N N 138 
GLN OXT HXT  sing N N 139 
GLU N   CA   sing N N 140 
GLU N   H    sing N N 141 
GLU N   H2   sing N N 142 
GLU CA  C    sing N N 143 
GLU CA  CB   sing N N 144 
GLU CA  HA   sing N N 145 
GLU C   O    doub N N 146 
GLU C   OXT  sing N N 147 
GLU CB  CG   sing N N 148 
GLU CB  HB2  sing N N 149 
GLU CB  HB3  sing N N 150 
GLU CG  CD   sing N N 151 
GLU CG  HG2  sing N N 152 
GLU CG  HG3  sing N N 153 
GLU CD  OE1  doub N N 154 
GLU CD  OE2  sing N N 155 
GLU OE2 HE2  sing N N 156 
GLU OXT HXT  sing N N 157 
GLY N   CA   sing N N 158 
GLY N   H    sing N N 159 
GLY N   H2   sing N N 160 
GLY CA  C    sing N N 161 
GLY CA  HA2  sing N N 162 
GLY CA  HA3  sing N N 163 
GLY C   O    doub N N 164 
GLY C   OXT  sing N N 165 
GLY OXT HXT  sing N N 166 
HIS N   CA   sing N N 167 
HIS N   H    sing N N 168 
HIS N   H2   sing N N 169 
HIS CA  C    sing N N 170 
HIS CA  CB   sing N N 171 
HIS CA  HA   sing N N 172 
HIS C   O    doub N N 173 
HIS C   OXT  sing N N 174 
HIS CB  CG   sing N N 175 
HIS CB  HB2  sing N N 176 
HIS CB  HB3  sing N N 177 
HIS CG  ND1  sing Y N 178 
HIS CG  CD2  doub Y N 179 
HIS ND1 CE1  doub Y N 180 
HIS ND1 HD1  sing N N 181 
HIS CD2 NE2  sing Y N 182 
HIS CD2 HD2  sing N N 183 
HIS CE1 NE2  sing Y N 184 
HIS CE1 HE1  sing N N 185 
HIS NE2 HE2  sing N N 186 
HIS OXT HXT  sing N N 187 
HOH O   H1   sing N N 188 
HOH O   H2   sing N N 189 
ILE N   CA   sing N N 190 
ILE N   H    sing N N 191 
ILE N   H2   sing N N 192 
ILE CA  C    sing N N 193 
ILE CA  CB   sing N N 194 
ILE CA  HA   sing N N 195 
ILE C   O    doub N N 196 
ILE C   OXT  sing N N 197 
ILE CB  CG1  sing N N 198 
ILE CB  CG2  sing N N 199 
ILE CB  HB   sing N N 200 
ILE CG1 CD1  sing N N 201 
ILE CG1 HG12 sing N N 202 
ILE CG1 HG13 sing N N 203 
ILE CG2 HG21 sing N N 204 
ILE CG2 HG22 sing N N 205 
ILE CG2 HG23 sing N N 206 
ILE CD1 HD11 sing N N 207 
ILE CD1 HD12 sing N N 208 
ILE CD1 HD13 sing N N 209 
ILE OXT HXT  sing N N 210 
LEU N   CA   sing N N 211 
LEU N   H    sing N N 212 
LEU N   H2   sing N N 213 
LEU CA  C    sing N N 214 
LEU CA  CB   sing N N 215 
LEU CA  HA   sing N N 216 
LEU C   O    doub N N 217 
LEU C   OXT  sing N N 218 
LEU CB  CG   sing N N 219 
LEU CB  HB2  sing N N 220 
LEU CB  HB3  sing N N 221 
LEU CG  CD1  sing N N 222 
LEU CG  CD2  sing N N 223 
LEU CG  HG   sing N N 224 
LEU CD1 HD11 sing N N 225 
LEU CD1 HD12 sing N N 226 
LEU CD1 HD13 sing N N 227 
LEU CD2 HD21 sing N N 228 
LEU CD2 HD22 sing N N 229 
LEU CD2 HD23 sing N N 230 
LEU OXT HXT  sing N N 231 
LYS N   CA   sing N N 232 
LYS N   H    sing N N 233 
LYS N   H2   sing N N 234 
LYS CA  C    sing N N 235 
LYS CA  CB   sing N N 236 
LYS CA  HA   sing N N 237 
LYS C   O    doub N N 238 
LYS C   OXT  sing N N 239 
LYS CB  CG   sing N N 240 
LYS CB  HB2  sing N N 241 
LYS CB  HB3  sing N N 242 
LYS CG  CD   sing N N 243 
LYS CG  HG2  sing N N 244 
LYS CG  HG3  sing N N 245 
LYS CD  CE   sing N N 246 
LYS CD  HD2  sing N N 247 
LYS CD  HD3  sing N N 248 
LYS CE  NZ   sing N N 249 
LYS CE  HE2  sing N N 250 
LYS CE  HE3  sing N N 251 
LYS NZ  HZ1  sing N N 252 
LYS NZ  HZ2  sing N N 253 
LYS NZ  HZ3  sing N N 254 
LYS OXT HXT  sing N N 255 
MET N   CA   sing N N 256 
MET N   H    sing N N 257 
MET N   H2   sing N N 258 
MET CA  C    sing N N 259 
MET CA  CB   sing N N 260 
MET CA  HA   sing N N 261 
MET C   O    doub N N 262 
MET C   OXT  sing N N 263 
MET CB  CG   sing N N 264 
MET CB  HB2  sing N N 265 
MET CB  HB3  sing N N 266 
MET CG  SD   sing N N 267 
MET CG  HG2  sing N N 268 
MET CG  HG3  sing N N 269 
MET SD  CE   sing N N 270 
MET CE  HE1  sing N N 271 
MET CE  HE2  sing N N 272 
MET CE  HE3  sing N N 273 
MET OXT HXT  sing N N 274 
PG4 O1  C1   sing N N 275 
PG4 O1  HO1  sing N N 276 
PG4 C1  C2   sing N N 277 
PG4 C1  H11  sing N N 278 
PG4 C1  H12  sing N N 279 
PG4 C2  O2   sing N N 280 
PG4 C2  H21  sing N N 281 
PG4 C2  H22  sing N N 282 
PG4 O2  C3   sing N N 283 
PG4 C3  C4   sing N N 284 
PG4 C3  H31  sing N N 285 
PG4 C3  H32  sing N N 286 
PG4 C4  O3   sing N N 287 
PG4 C4  H41  sing N N 288 
PG4 C4  H42  sing N N 289 
PG4 O3  C5   sing N N 290 
PG4 C5  C6   sing N N 291 
PG4 C5  H51  sing N N 292 
PG4 C5  H52  sing N N 293 
PG4 C6  O4   sing N N 294 
PG4 C6  H61  sing N N 295 
PG4 C6  H62  sing N N 296 
PG4 O4  C7   sing N N 297 
PG4 C7  C8   sing N N 298 
PG4 C7  H71  sing N N 299 
PG4 C7  H72  sing N N 300 
PG4 C8  O5   sing N N 301 
PG4 C8  H81  sing N N 302 
PG4 C8  H82  sing N N 303 
PG4 O5  HO5  sing N N 304 
PGE C1  O1   sing N N 305 
PGE C1  C2   sing N N 306 
PGE C1  H1   sing N N 307 
PGE C1  H12  sing N N 308 
PGE O1  HO1  sing N N 309 
PGE C2  O2   sing N N 310 
PGE C2  H2   sing N N 311 
PGE C2  H22  sing N N 312 
PGE O2  C3   sing N N 313 
PGE C3  C4   sing N N 314 
PGE C3  H3   sing N N 315 
PGE C3  H32  sing N N 316 
PGE C4  O3   sing N N 317 
PGE C4  H4   sing N N 318 
PGE C4  H42  sing N N 319 
PGE O4  C6   sing N N 320 
PGE O4  HO4  sing N N 321 
PGE C6  C5   sing N N 322 
PGE C6  H6   sing N N 323 
PGE C6  H62  sing N N 324 
PGE C5  O3   sing N N 325 
PGE C5  H5   sing N N 326 
PGE C5  H52  sing N N 327 
PHE N   CA   sing N N 328 
PHE N   H    sing N N 329 
PHE N   H2   sing N N 330 
PHE CA  C    sing N N 331 
PHE CA  CB   sing N N 332 
PHE CA  HA   sing N N 333 
PHE C   O    doub N N 334 
PHE C   OXT  sing N N 335 
PHE CB  CG   sing N N 336 
PHE CB  HB2  sing N N 337 
PHE CB  HB3  sing N N 338 
PHE CG  CD1  doub Y N 339 
PHE CG  CD2  sing Y N 340 
PHE CD1 CE1  sing Y N 341 
PHE CD1 HD1  sing N N 342 
PHE CD2 CE2  doub Y N 343 
PHE CD2 HD2  sing N N 344 
PHE CE1 CZ   doub Y N 345 
PHE CE1 HE1  sing N N 346 
PHE CE2 CZ   sing Y N 347 
PHE CE2 HE2  sing N N 348 
PHE CZ  HZ   sing N N 349 
PHE OXT HXT  sing N N 350 
PRO N   CA   sing N N 351 
PRO N   CD   sing N N 352 
PRO N   H    sing N N 353 
PRO CA  C    sing N N 354 
PRO CA  CB   sing N N 355 
PRO CA  HA   sing N N 356 
PRO C   O    doub N N 357 
PRO C   OXT  sing N N 358 
PRO CB  CG   sing N N 359 
PRO CB  HB2  sing N N 360 
PRO CB  HB3  sing N N 361 
PRO CG  CD   sing N N 362 
PRO CG  HG2  sing N N 363 
PRO CG  HG3  sing N N 364 
PRO CD  HD2  sing N N 365 
PRO CD  HD3  sing N N 366 
PRO OXT HXT  sing N N 367 
SER N   CA   sing N N 368 
SER N   H    sing N N 369 
SER N   H2   sing N N 370 
SER CA  C    sing N N 371 
SER CA  CB   sing N N 372 
SER CA  HA   sing N N 373 
SER C   O    doub N N 374 
SER C   OXT  sing N N 375 
SER CB  OG   sing N N 376 
SER CB  HB2  sing N N 377 
SER CB  HB3  sing N N 378 
SER OG  HG   sing N N 379 
SER OXT HXT  sing N N 380 
THR N   CA   sing N N 381 
THR N   H    sing N N 382 
THR N   H2   sing N N 383 
THR CA  C    sing N N 384 
THR CA  CB   sing N N 385 
THR CA  HA   sing N N 386 
THR C   O    doub N N 387 
THR C   OXT  sing N N 388 
THR CB  OG1  sing N N 389 
THR CB  CG2  sing N N 390 
THR CB  HB   sing N N 391 
THR OG1 HG1  sing N N 392 
THR CG2 HG21 sing N N 393 
THR CG2 HG22 sing N N 394 
THR CG2 HG23 sing N N 395 
THR OXT HXT  sing N N 396 
TRP N   CA   sing N N 397 
TRP N   H    sing N N 398 
TRP N   H2   sing N N 399 
TRP CA  C    sing N N 400 
TRP CA  CB   sing N N 401 
TRP CA  HA   sing N N 402 
TRP C   O    doub N N 403 
TRP C   OXT  sing N N 404 
TRP CB  CG   sing N N 405 
TRP CB  HB2  sing N N 406 
TRP CB  HB3  sing N N 407 
TRP CG  CD1  doub Y N 408 
TRP CG  CD2  sing Y N 409 
TRP CD1 NE1  sing Y N 410 
TRP CD1 HD1  sing N N 411 
TRP CD2 CE2  doub Y N 412 
TRP CD2 CE3  sing Y N 413 
TRP NE1 CE2  sing Y N 414 
TRP NE1 HE1  sing N N 415 
TRP CE2 CZ2  sing Y N 416 
TRP CE3 CZ3  doub Y N 417 
TRP CE3 HE3  sing N N 418 
TRP CZ2 CH2  doub Y N 419 
TRP CZ2 HZ2  sing N N 420 
TRP CZ3 CH2  sing Y N 421 
TRP CZ3 HZ3  sing N N 422 
TRP CH2 HH2  sing N N 423 
TRP OXT HXT  sing N N 424 
TYR N   CA   sing N N 425 
TYR N   H    sing N N 426 
TYR N   H2   sing N N 427 
TYR CA  C    sing N N 428 
TYR CA  CB   sing N N 429 
TYR CA  HA   sing N N 430 
TYR C   O    doub N N 431 
TYR C   OXT  sing N N 432 
TYR CB  CG   sing N N 433 
TYR CB  HB2  sing N N 434 
TYR CB  HB3  sing N N 435 
TYR CG  CD1  doub Y N 436 
TYR CG  CD2  sing Y N 437 
TYR CD1 CE1  sing Y N 438 
TYR CD1 HD1  sing N N 439 
TYR CD2 CE2  doub Y N 440 
TYR CD2 HD2  sing N N 441 
TYR CE1 CZ   doub Y N 442 
TYR CE1 HE1  sing N N 443 
TYR CE2 CZ   sing Y N 444 
TYR CE2 HE2  sing N N 445 
TYR CZ  OH   sing N N 446 
TYR OH  HH   sing N N 447 
TYR OXT HXT  sing N N 448 
VAL N   CA   sing N N 449 
VAL N   H    sing N N 450 
VAL N   H2   sing N N 451 
VAL CA  C    sing N N 452 
VAL CA  CB   sing N N 453 
VAL CA  HA   sing N N 454 
VAL C   O    doub N N 455 
VAL C   OXT  sing N N 456 
VAL CB  CG1  sing N N 457 
VAL CB  CG2  sing N N 458 
VAL CB  HB   sing N N 459 
VAL CG1 HG11 sing N N 460 
VAL CG1 HG12 sing N N 461 
VAL CG1 HG13 sing N N 462 
VAL CG2 HG21 sing N N 463 
VAL CG2 HG22 sing N N 464 
VAL CG2 HG23 sing N N 465 
VAL OXT HXT  sing N N 466 
# 
_pdbx_initial_refinement_model.id               1 
_pdbx_initial_refinement_model.entity_id_list   ? 
_pdbx_initial_refinement_model.type             'experimental model' 
_pdbx_initial_refinement_model.source_name      PDB 
_pdbx_initial_refinement_model.accession_code   2BIT 
_pdbx_initial_refinement_model.details          ? 
# 
_atom_sites.entry_id                    5CCQ 
_atom_sites.fract_transf_matrix[1][1]   -0.00066596 
_atom_sites.fract_transf_matrix[1][2]   0.00540412 
_atom_sites.fract_transf_matrix[1][3]   -0.01652926 
_atom_sites.fract_transf_matrix[2][1]   -0.01084733 
_atom_sites.fract_transf_matrix[2][2]   0.01279993 
_atom_sites.fract_transf_matrix[2][3]   0.00462188 
_atom_sites.fract_transf_matrix[3][1]   0.00685991 
_atom_sites.fract_transf_matrix[3][2]   0.00528887 
_atom_sites.fract_transf_matrix[3][3]   0.00145277 
_atom_sites.fract_transf_vector[1]      0.150475 
_atom_sites.fract_transf_vector[2]      -0.183835 
_atom_sites.fract_transf_vector[3]      0.050634 
# 
loop_
_atom_type.symbol 
C 
K 
N 
O 
S 
# 
loop_
_atom_site.group_PDB 
_atom_site.id 
_atom_site.type_symbol 
_atom_site.label_atom_id 
_atom_site.label_alt_id 
_atom_site.label_comp_id 
_atom_site.label_asym_id 
_atom_site.label_entity_id 
_atom_site.label_seq_id 
_atom_site.pdbx_PDB_ins_code 
_atom_site.Cartn_x 
_atom_site.Cartn_y 
_atom_site.Cartn_z 
_atom_site.occupancy 
_atom_site.B_iso_or_equiv 
_atom_site.pdbx_formal_charge 
_atom_site.auth_seq_id 
_atom_site.auth_comp_id 
_atom_site.auth_asym_id 
_atom_site.auth_atom_id 
_atom_site.pdbx_PDB_model_num 
ATOM   1    N N   . GLY A 1 1   ? 19.140  4.873   -7.264  1.00 26.52 ? 2   GLY A N   1 
ATOM   2    C CA  . GLY A 1 1   ? 17.944  5.743   -7.208  1.00 22.18 ? 2   GLY A CA  1 
ATOM   3    C C   . GLY A 1 1   ? 16.867  5.120   -6.323  1.00 20.56 ? 2   GLY A C   1 
ATOM   4    O O   . GLY A 1 1   ? 17.029  4.026   -5.793  1.00 20.85 ? 2   GLY A O   1 
ATOM   5    N N   . ASN A 1 2   ? 15.739  5.797   -6.244  1.00 15.78 ? 3   ASN A N   1 
ATOM   6    C CA  . ASN A 1 2   ? 14.566  5.291   -5.510  1.00 15.18 ? 3   ASN A CA  1 
ATOM   7    C C   . ASN A 1 2   ? 14.068  4.049   -6.127  1.00 14.98 ? 3   ASN A C   1 
ATOM   8    O O   . ASN A 1 2   ? 13.913  3.958   -7.351  1.00 15.89 ? 3   ASN A O   1 
ATOM   9    C CB  . ASN A 1 2   ? 13.504  6.394   -5.515  1.00 13.00 ? 3   ASN A CB  1 
ATOM   10   C CG  . ASN A 1 2   ? 13.770  7.457   -4.525  1.00 13.34 ? 3   ASN A CG  1 
ATOM   11   O OD1 . ASN A 1 2   ? 14.587  7.292   -3.607  1.00 15.17 ? 3   ASN A OD1 1 
ATOM   12   N ND2 . ASN A 1 2   ? 13.082  8.553   -4.680  1.00 13.84 ? 3   ASN A ND2 1 
ATOM   13   N N   . PRO A 1 3   ? 13.700  3.028   -5.322  1.00 13.48 ? 4   PRO A N   1 
ATOM   14   C CA  . PRO A 1 3   ? 13.137  1.849   -5.908  1.00 12.18 ? 4   PRO A CA  1 
ATOM   15   C C   . PRO A 1 3   ? 11.834  2.108   -6.716  1.00 12.45 ? 4   PRO A C   1 
ATOM   16   O O   . PRO A 1 3   ? 11.017  2.956   -6.315  1.00 13.32 ? 4   PRO A O   1 
ATOM   17   C CB  . PRO A 1 3   ? 12.756  0.988   -4.689  1.00 13.36 ? 4   PRO A CB  1 
ATOM   18   C CG  . PRO A 1 3   ? 13.670  1.443   -3.637  1.00 13.17 ? 4   PRO A CG  1 
ATOM   19   C CD  . PRO A 1 3   ? 13.918  2.894   -3.874  1.00 13.80 ? 4   PRO A CD  1 
ATOM   20   N N   . LEU A 1 4   ? 11.710  1.367   -7.781  1.00 12.72 ? 5   LEU A N   1 
ATOM   21   C CA  . LEU A 1 4   ? 10.521  1.211   -8.579  1.00 14.21 ? 5   LEU A CA  1 
ATOM   22   C C   . LEU A 1 4   ? 10.009  -0.204  -8.397  1.00 12.20 ? 5   LEU A C   1 
ATOM   23   O O   . LEU A 1 4   ? 10.702  -1.183  -8.694  1.00 12.55 ? 5   LEU A O   1 
ATOM   24   C CB  . LEU A 1 4   ? 10.812  1.367   -10.109 1.00 17.73 ? 5   LEU A CB  1 
ATOM   25   C CG  . LEU A 1 4   ? 10.494  2.593   -10.855 1.00 20.27 ? 5   LEU A CG  1 
ATOM   26   C CD1 . LEU A 1 4   ? 10.510  2.262   -12.383 1.00 17.99 ? 5   LEU A CD1 1 
ATOM   27   C CD2 . LEU A 1 4   ? 9.228   3.272   -10.403 1.00 19.66 ? 5   LEU A CD2 1 
ATOM   28   N N   . VAL A 1 5   ? 8.772   -0.346  -7.867  1.00 12.00 ? 6   VAL A N   1 
ATOM   29   C CA  . VAL A 1 5   ? 8.223   -1.645  -7.554  1.00 11.33 ? 6   VAL A CA  1 
ATOM   30   C C   . VAL A 1 5   ? 6.848   -1.770  -8.215  1.00 11.66 ? 6   VAL A C   1 
ATOM   31   O O   . VAL A 1 5   ? 6.291   -0.759  -8.673  1.00 10.03 ? 6   VAL A O   1 
ATOM   32   C CB  . VAL A 1 5   ? 8.136   -1.924  -6.016  1.00 12.18 ? 6   VAL A CB  1 
ATOM   33   C CG1 . VAL A 1 5   ? 9.517   -1.879  -5.397  1.00 13.29 ? 6   VAL A CG1 1 
ATOM   34   C CG2 . VAL A 1 5   ? 7.229   -0.936  -5.341  1.00 11.97 ? 6   VAL A CG2 1 
ATOM   35   N N   . TYR A 1 6   ? 6.345   -2.982  -8.255  1.00 11.09 ? 7   TYR A N   1 
ATOM   36   C CA  . TYR A 1 6   ? 5.033   -3.274  -8.883  1.00 13.45 ? 7   TYR A CA  1 
ATOM   37   C C   . TYR A 1 6   ? 4.164   -4.239  -8.093  1.00 13.66 ? 7   TYR A C   1 
ATOM   38   O O   . TYR A 1 6   ? 4.678   -5.050  -7.341  1.00 12.92 ? 7   TYR A O   1 
ATOM   39   C CB  . TYR A 1 6   ? 5.236   -3.852  -10.265 1.00 13.02 ? 7   TYR A CB  1 
ATOM   40   C CG  . TYR A 1 6   ? 5.780   -5.246  -10.308 1.00 13.90 ? 7   TYR A CG  1 
ATOM   41   C CD1 . TYR A 1 6   ? 7.154   -5.460  -10.324 1.00 14.70 ? 7   TYR A CD1 1 
ATOM   42   C CD2 . TYR A 1 6   ? 4.951   -6.360  -10.419 1.00 15.70 ? 7   TYR A CD2 1 
ATOM   43   C CE1 . TYR A 1 6   ? 7.644   -6.756  -10.415 1.00 15.25 ? 7   TYR A CE1 1 
ATOM   44   C CE2 . TYR A 1 6   ? 5.451   -7.661  -10.422 1.00 15.06 ? 7   TYR A CE2 1 
ATOM   45   C CZ  . TYR A 1 6   ? 6.827   -7.815  -10.453 1.00 16.06 ? 7   TYR A CZ  1 
ATOM   46   O OH  . TYR A 1 6   ? 7.391   -9.038  -10.460 1.00 19.11 ? 7   TYR A OH  1 
ATOM   47   N N   . LEU A 1 7   ? 2.856   -4.048  -8.275  1.00 13.19 ? 8   LEU A N   1 
ATOM   48   C CA  . LEU A 1 7   ? 1.817   -4.917  -7.788  1.00 12.88 ? 8   LEU A CA  1 
ATOM   49   C C   . LEU A 1 7   ? 0.964   -5.283  -9.012  1.00 13.50 ? 8   LEU A C   1 
ATOM   50   O O   . LEU A 1 7   ? 0.446   -4.368  -9.662  1.00 13.29 ? 8   LEU A O   1 
ATOM   51   C CB  . LEU A 1 7   ? 0.901   -4.163  -6.790  1.00 12.99 ? 8   LEU A CB  1 
ATOM   52   C CG  . LEU A 1 7   ? 1.558   -3.397  -5.614  1.00 14.03 ? 8   LEU A CG  1 
ATOM   53   C CD1 . LEU A 1 7   ? 0.528   -2.642  -4.749  1.00 15.40 ? 8   LEU A CD1 1 
ATOM   54   C CD2 . LEU A 1 7   ? 2.393   -4.395  -4.820  1.00 13.84 ? 8   LEU A CD2 1 
ATOM   55   N N   . ASP A 1 8   ? 0.856   -6.576  -9.287  1.00 13.74 ? 9   ASP A N   1 
ATOM   56   C CA  . ASP A 1 8   ? -0.099  -7.119  -10.273 1.00 14.90 ? 9   ASP A CA  1 
ATOM   57   C C   . ASP A 1 8   ? -1.335  -7.505  -9.485  1.00 14.38 ? 9   ASP A C   1 
ATOM   58   O O   . ASP A 1 8   ? -1.240  -8.255  -8.546  1.00 14.69 ? 9   ASP A O   1 
ATOM   59   C CB  . ASP A 1 8   ? 0.479   -8.281  -11.033 1.00 14.96 ? 9   ASP A CB  1 
ATOM   60   C CG  . ASP A 1 8   ? 1.573   -7.867  -12.003 1.00 17.14 ? 9   ASP A CG  1 
ATOM   61   O OD1 . ASP A 1 8   ? 1.504   -6.718  -12.531 1.00 19.90 ? 9   ASP A OD1 1 
ATOM   62   O OD2 . ASP A 1 8   ? 2.572   -8.632  -12.130 1.00 20.96 ? 9   ASP A OD2 1 
ATOM   63   N N   . VAL A 1 9   ? -2.480  -6.919  -9.819  1.00 14.62 ? 10  VAL A N   1 
ATOM   64   C CA  . VAL A 1 9   ? -3.717  -7.109  -9.019  1.00 15.31 ? 10  VAL A CA  1 
ATOM   65   C C   . VAL A 1 9   ? -4.835  -7.784  -9.837  1.00 17.43 ? 10  VAL A C   1 
ATOM   66   O O   . VAL A 1 9   ? -5.056  -7.371  -10.970 1.00 15.10 ? 10  VAL A O   1 
ATOM   67   C CB  . VAL A 1 9   ? -4.216  -5.765  -8.509  1.00 16.17 ? 10  VAL A CB  1 
ATOM   68   C CG1 . VAL A 1 9   ? -5.409  -5.903  -7.598  1.00 17.06 ? 10  VAL A CG1 1 
ATOM   69   C CG2 . VAL A 1 9   ? -3.079  -5.023  -7.734  1.00 16.51 ? 10  VAL A CG2 1 
ATOM   70   N N   . ASP A 1 10  ? -5.499  -8.771  -9.237  1.00 17.60 ? 11  ASP A N   1 
ATOM   71   C CA  . ASP A 1 10  ? -6.706  -9.361  -9.860  1.00 19.80 ? 11  ASP A CA  1 
ATOM   72   C C   . ASP A 1 10  ? -7.972  -9.113  -9.040  1.00 20.15 ? 11  ASP A C   1 
ATOM   73   O O   . ASP A 1 10  ? -7.917  -8.822  -7.811  1.00 17.60 ? 11  ASP A O   1 
ATOM   74   C CB  . ASP A 1 10  ? -6.441  -10.854 -10.076 1.00 23.32 ? 11  ASP A CB  1 
ATOM   75   C CG  . ASP A 1 10  ? -6.525  -11.624 -8.854  1.00 29.72 ? 11  ASP A CG  1 
ATOM   76   O OD1 . ASP A 1 10  ? -7.644  -11.901 -8.363  1.00 36.37 ? 11  ASP A OD1 1 
ATOM   77   O OD2 . ASP A 1 10  ? -5.448  -11.954 -8.300  1.00 36.73 ? 11  ASP A OD2 1 
ATOM   78   N N   . ALA A 1 11  ? -9.129  -9.349  -9.678  1.00 18.70 ? 12  ALA A N   1 
ATOM   79   C CA  . ALA A 1 11  ? -10.412 -9.331  -8.986  1.00 17.74 ? 12  ALA A CA  1 
ATOM   80   C C   . ALA A 1 11  ? -11.138 -10.641 -9.315  1.00 17.43 ? 12  ALA A C   1 
ATOM   81   O O   . ALA A 1 11  ? -11.347 -10.944 -10.507 1.00 16.06 ? 12  ALA A O   1 
ATOM   82   C CB  . ALA A 1 11  ? -11.228 -8.194  -9.483  1.00 20.90 ? 12  ALA A CB  1 
ATOM   83   N N   . ASN A 1 12  ? -11.407 -11.414 -8.253  1.00 18.13 ? 13  ASN A N   1 
ATOM   84   C CA  . ASN A 1 12  ? -11.822 -12.816 -8.371  1.00 24.74 ? 13  ASN A CA  1 
ATOM   85   C C   . ASN A 1 12  ? -11.122 -13.558 -9.482  1.00 26.65 ? 13  ASN A C   1 
ATOM   86   O O   . ASN A 1 12  ? -11.779 -14.135 -10.375 1.00 25.19 ? 13  ASN A O   1 
ATOM   87   C CB  . ASN A 1 12  ? -13.287 -12.822 -8.644  1.00 28.40 ? 13  ASN A CB  1 
ATOM   88   C CG  . ASN A 1 12  ? -14.103 -12.379 -7.469  1.00 29.39 ? 13  ASN A CG  1 
ATOM   89   O OD1 . ASN A 1 12  ? -13.710 -12.480 -6.317  1.00 28.38 ? 13  ASN A OD1 1 
ATOM   90   N ND2 . ASN A 1 12  ? -15.311 -12.000 -7.766  1.00 33.79 ? 13  ASN A ND2 1 
ATOM   91   N N   . GLY A 1 13  ? -9.811  -13.441 -9.486  1.00 25.60 ? 14  GLY A N   1 
ATOM   92   C CA  . GLY A 1 13  ? -8.949  -14.173 -10.354 1.00 25.01 ? 14  GLY A CA  1 
ATOM   93   C C   . GLY A 1 13  ? -8.803  -13.646 -11.732 1.00 24.46 ? 14  GLY A C   1 
ATOM   94   O O   . GLY A 1 13  ? -8.057  -14.231 -12.525 1.00 23.38 ? 14  GLY A O   1 
ATOM   95   N N   . LYS A 1 14  ? -9.437  -12.526 -12.022 1.00 22.17 ? 15  LYS A N   1 
ATOM   96   C CA  . LYS A 1 14  ? -9.276  -11.914 -13.319 1.00 23.96 ? 15  LYS A CA  1 
ATOM   97   C C   . LYS A 1 14  ? -8.293  -10.696 -13.232 1.00 23.07 ? 15  LYS A C   1 
ATOM   98   O O   . LYS A 1 14  ? -8.506  -9.836  -12.411 1.00 18.40 ? 15  LYS A O   1 
ATOM   99   C CB  . LYS A 1 14  ? -10.678 -11.590 -13.796 1.00 30.25 ? 15  LYS A CB  1 
ATOM   100  C CG  . LYS A 1 14  ? -11.007 -10.169 -14.221 1.00 41.38 ? 15  LYS A CG  1 
ATOM   101  C CD  . LYS A 1 14  ? -10.307 -9.714  -15.508 1.00 45.79 ? 15  LYS A CD  1 
ATOM   102  C CE  . LYS A 1 14  ? -11.277 -9.024  -16.463 1.00 47.12 ? 15  LYS A CE  1 
ATOM   103  N NZ  . LYS A 1 14  ? -11.644 -9.976  -17.519 1.00 46.33 ? 15  LYS A NZ  1 
ATOM   104  N N   . PRO A 1 15  ? -7.235  -10.623 -14.087 1.00 22.12 ? 16  PRO A N   1 
ATOM   105  C CA  . PRO A 1 15  ? -6.239  -9.517  -13.938 1.00 20.78 ? 16  PRO A CA  1 
ATOM   106  C C   . PRO A 1 15  ? -6.777  -8.156  -14.206 1.00 19.93 ? 16  PRO A C   1 
ATOM   107  O O   . PRO A 1 15  ? -7.524  -7.968  -15.195 1.00 19.56 ? 16  PRO A O   1 
ATOM   108  C CB  . PRO A 1 15  ? -5.197  -9.807  -14.995 1.00 21.60 ? 16  PRO A CB  1 
ATOM   109  C CG  . PRO A 1 15  ? -5.572  -11.079 -15.599 1.00 25.45 ? 16  PRO A CG  1 
ATOM   110  C CD  . PRO A 1 15  ? -6.769  -11.672 -14.994 1.00 24.34 ? 16  PRO A CD  1 
ATOM   111  N N   . LEU A 1 16  ? -6.457  -7.193  -13.355 1.00 16.77 ? 17  LEU A N   1 
ATOM   112  C CA  . LEU A 1 16  ? -6.814  -5.814  -13.554 1.00 15.78 ? 17  LEU A CA  1 
ATOM   113  C C   . LEU A 1 16  ? -5.674  -5.019  -14.172 1.00 17.18 ? 17  LEU A C   1 
ATOM   114  O O   . LEU A 1 16  ? -5.909  -3.928  -14.673 1.00 17.30 ? 17  LEU A O   1 
ATOM   115  C CB  . LEU A 1 16  ? -7.256  -5.138  -12.234 1.00 14.88 ? 17  LEU A CB  1 
ATOM   116  C CG  . LEU A 1 16  ? -8.355  -5.824  -11.431 1.00 16.59 ? 17  LEU A CG  1 
ATOM   117  C CD1 . LEU A 1 16  ? -8.636  -5.028  -10.189 1.00 16.20 ? 17  LEU A CD1 1 
ATOM   118  C CD2 . LEU A 1 16  ? -9.617  -5.904  -12.292 1.00 18.38 ? 17  LEU A CD2 1 
ATOM   119  N N   . GLY A 1 17  ? -4.448  -5.547  -14.053 1.00 16.68 ? 18  GLY A N   1 
ATOM   120  C CA  . GLY A 1 17  ? -3.287  -4.855  -14.505 1.00 16.38 ? 18  GLY A CA  1 
ATOM   121  C C   . GLY A 1 17  ? -2.248  -4.635  -13.408 1.00 15.10 ? 18  GLY A C   1 
ATOM   122  O O   . GLY A 1 17  ? -2.316  -5.251  -12.355 1.00 14.47 ? 18  GLY A O   1 
ATOM   123  N N   . ARG A 1 18  ? -1.346  -3.725  -13.714 1.00 15.36 ? 19  ARG A N   1 
ATOM   124  C CA  . ARG A 1 18  ? -0.147  -3.477  -12.888 1.00 15.31 ? 19  ARG A CA  1 
ATOM   125  C C   . ARG A 1 18  ? -0.141  -2.063  -12.350 1.00 13.87 ? 19  ARG A C   1 
ATOM   126  O O   . ARG A 1 18  ? -0.281  -1.064  -13.097 1.00 15.47 ? 19  ARG A O   1 
ATOM   127  C CB  . ARG A 1 18  ? 1.141   -3.728  -13.732 1.00 16.10 ? 19  ARG A CB  1 
ATOM   128  C CG  . ARG A 1 18  ? 2.404   -3.485  -12.940 1.00 15.56 ? 19  ARG A CG  1 
ATOM   129  C CD  . ARG A 1 18  ? 3.673   -4.006  -13.655 1.00 15.04 ? 19  ARG A CD  1 
ATOM   130  N NE  . ARG A 1 18  ? 3.726   -5.432  -13.540 1.00 13.73 ? 19  ARG A NE  1 
ATOM   131  C CZ  . ARG A 1 18  ? 4.777   -6.141  -13.863 1.00 16.43 ? 19  ARG A CZ  1 
ATOM   132  N NH1 . ARG A 1 18  ? 5.859   -5.536  -14.315 1.00 16.35 ? 19  ARG A NH1 1 
ATOM   133  N NH2 . ARG A 1 18  ? 4.748   -7.425  -13.729 1.00 16.33 ? 19  ARG A NH2 1 
ATOM   134  N N   . VAL A 1 19  ? 0.109   -1.940  -11.026 1.00 11.58 ? 20  VAL A N   1 
ATOM   135  C CA  . VAL A 1 19  ? 0.402   -0.676  -10.396 1.00 12.52 ? 20  VAL A CA  1 
ATOM   136  C C   . VAL A 1 19  ? 1.919   -0.569  -10.179 1.00 11.79 ? 20  VAL A C   1 
ATOM   137  O O   . VAL A 1 19  ? 2.497   -1.460  -9.580  1.00 11.86 ? 20  VAL A O   1 
ATOM   138  C CB  . VAL A 1 19  ? -0.340  -0.484  -9.050  1.00 12.42 ? 20  VAL A CB  1 
ATOM   139  C CG1 . VAL A 1 19  ? -0.151  0.914   -8.483  1.00 12.36 ? 20  VAL A CG1 1 
ATOM   140  C CG2 . VAL A 1 19  ? -1.843  -0.707  -9.250  1.00 12.73 ? 20  VAL A CG2 1 
ATOM   141  N N   . VAL A 1 20  ? 2.496   0.477   -10.707 1.00 10.79 ? 21  VAL A N   1 
ATOM   142  C CA  . VAL A 1 20  ? 3.949   0.769   -10.509 1.00 11.43 ? 21  VAL A CA  1 
ATOM   143  C C   . VAL A 1 20  ? 4.086   1.923   -9.572  1.00 9.75  ? 21  VAL A C   1 
ATOM   144  O O   . VAL A 1 20  ? 3.515   3.054   -9.745  1.00 11.12 ? 21  VAL A O   1 
ATOM   145  C CB  . VAL A 1 20  ? 4.679   1.028   -11.848 1.00 11.26 ? 21  VAL A CB  1 
ATOM   146  C CG1 . VAL A 1 20  ? 6.147   1.298   -11.559 1.00 11.89 ? 21  VAL A CG1 1 
ATOM   147  C CG2 . VAL A 1 20  ? 4.511   -0.160  -12.810 1.00 12.90 ? 21  VAL A CG2 1 
ATOM   148  N N   . LEU A 1 21  ? 4.923   1.716   -8.550  1.00 10.70 ? 22  LEU A N   1 
ATOM   149  C CA  . LEU A 1 21  ? 5.129   2.638   -7.485  1.00 10.33 ? 22  LEU A CA  1 
ATOM   150  C C   . LEU A 1 21  ? 6.607   3.061   -7.308  1.00 9.50  ? 22  LEU A C   1 
ATOM   151  O O   . LEU A 1 21  ? 7.455   2.173   -7.367  1.00 10.16 ? 22  LEU A O   1 
ATOM   152  C CB  . LEU A 1 21  ? 4.689   1.982   -6.159  1.00 10.77 ? 22  LEU A CB  1 
ATOM   153  C CG  . LEU A 1 21  ? 3.225   1.505   -6.106  1.00 11.05 ? 22  LEU A CG  1 
ATOM   154  C CD1 . LEU A 1 21  ? 3.064   0.407   -5.034  1.00 13.20 ? 22  LEU A CD1 1 
ATOM   155  C CD2 . LEU A 1 21  ? 2.399   2.769   -5.873  1.00 11.59 ? 22  LEU A CD2 1 
ATOM   156  N N   . GLU A 1 22  ? 6.850   4.349   -7.149  1.00 9.59  ? 23  GLU A N   1 
ATOM   157  C CA  . GLU A 1 22  ? 8.120   4.844   -6.693  1.00 10.45 ? 23  GLU A CA  1 
ATOM   158  C C   . GLU A 1 22  ? 8.128   4.894   -5.173  1.00 11.41 ? 23  GLU A C   1 
ATOM   159  O O   . GLU A 1 22  ? 7.253   5.525   -4.552  1.00 11.42 ? 23  GLU A O   1 
ATOM   160  C CB  . GLU A 1 22  ? 8.395   6.287   -7.217  1.00 12.24 ? 23  GLU A CB  1 
ATOM   161  C CG  . GLU A 1 22  ? 9.775   6.808   -6.792  1.00 12.83 ? 23  GLU A CG  1 
ATOM   162  C CD  . GLU A 1 22  ? 10.180  8.169   -7.390  1.00 14.93 ? 23  GLU A CD  1 
ATOM   163  O OE1 . GLU A 1 22  ? 9.568   8.635   -8.409  1.00 14.77 ? 23  GLU A OE1 1 
ATOM   164  O OE2 . GLU A 1 22  ? 11.154  8.761   -6.858  1.00 14.40 ? 23  GLU A OE2 1 
ATOM   165  N N   . LEU A 1 23  ? 9.197   4.387   -4.583  1.00 11.06 ? 24  LEU A N   1 
ATOM   166  C CA  . LEU A 1 23  ? 9.390   4.446   -3.125  1.00 10.49 ? 24  LEU A CA  1 
ATOM   167  C C   . LEU A 1 23  ? 10.471  5.498   -2.801  1.00 10.77 ? 24  LEU A C   1 
ATOM   168  O O   . LEU A 1 23  ? 11.579  5.401   -3.355  1.00 12.09 ? 24  LEU A O   1 
ATOM   169  C CB  . LEU A 1 23  ? 9.784   3.084   -2.610  1.00 10.31 ? 24  LEU A CB  1 
ATOM   170  C CG  . LEU A 1 23  ? 8.996   1.882   -3.020  1.00 10.78 ? 24  LEU A CG  1 
ATOM   171  C CD1 . LEU A 1 23  ? 9.437   0.600   -2.363  1.00 11.82 ? 24  LEU A CD1 1 
ATOM   172  C CD2 . LEU A 1 23  ? 7.474   2.026   -2.791  1.00 11.46 ? 24  LEU A CD2 1 
ATOM   173  N N   . LYS A 1 24  ? 10.136  6.475   -1.963  1.00 10.00 ? 25  LYS A N   1 
ATOM   174  C CA  . LYS A 1 24  ? 10.943  7.657   -1.701  1.00 10.59 ? 25  LYS A CA  1 
ATOM   175  C C   . LYS A 1 24  ? 12.014  7.361   -0.589  1.00 10.51 ? 25  LYS A C   1 
ATOM   176  O O   . LYS A 1 24  ? 12.002  7.954   0.456   1.00 12.22 ? 25  LYS A O   1 
ATOM   177  C CB  . LYS A 1 24  ? 10.087  8.813   -1.355  1.00 13.52 ? 25  LYS A CB  1 
ATOM   178  C CG  . LYS A 1 24  ? 9.188   9.205   -2.548  1.00 14.00 ? 25  LYS A CG  1 
ATOM   179  C CD  . LYS A 1 24  ? 9.892   10.087  -3.507  1.00 17.65 ? 25  LYS A CD  1 
ATOM   180  C CE  . LYS A 1 24  ? 10.052  11.482  -2.862  1.00 23.44 ? 25  LYS A CE  1 
ATOM   181  N NZ  . LYS A 1 24  ? 11.236  12.250  -3.376  1.00 29.59 ? 25  LYS A NZ  1 
ATOM   182  N N   . ALA A 1 25  ? 12.930  6.495   -0.953  1.00 11.53 ? 26  ALA A N   1 
ATOM   183  C CA  . ALA A 1 25  ? 14.044  6.058   -0.134  1.00 11.83 ? 26  ALA A CA  1 
ATOM   184  C C   . ALA A 1 25  ? 14.936  7.247   0.190   1.00 14.48 ? 26  ALA A C   1 
ATOM   185  O O   . ALA A 1 25  ? 15.540  7.284   1.230   1.00 14.52 ? 26  ALA A O   1 
ATOM   186  C CB  . ALA A 1 25  ? 14.833  4.947   -0.763  1.00 11.69 ? 26  ALA A CB  1 
ATOM   187  N N   . ASP A 1 26  ? 15.010  8.216   -0.706  1.00 14.24 ? 27  ASP A N   1 
ATOM   188  C CA  . ASP A 1 26  ? 15.680  9.416   -0.425  1.00 16.14 ? 27  ASP A CA  1 
ATOM   189  C C   . ASP A 1 26  ? 15.120  10.296  0.730   1.00 17.95 ? 27  ASP A C   1 
ATOM   190  O O   . ASP A 1 26  ? 15.857  11.160  1.261   1.00 18.22 ? 27  ASP A O   1 
ATOM   191  C CB  . ASP A 1 26  ? 15.857  10.185  -1.731  1.00 18.93 ? 27  ASP A CB  1 
ATOM   192  C CG  . ASP A 1 26  ? 14.561  10.680  -2.309  1.00 22.42 ? 27  ASP A CG  1 
ATOM   193  O OD1 . ASP A 1 26  ? 13.484  10.158  -2.023  1.00 20.13 ? 27  ASP A OD1 1 
ATOM   194  O OD2 . ASP A 1 26  ? 14.648  11.633  -3.074  1.00 26.24 ? 27  ASP A OD2 1 
ATOM   195  N N   . VAL A 1 27  ? 13.862  10.089  1.146   1.00 13.99 ? 28  VAL A N   1 
ATOM   196  C CA  . VAL A 1 27  ? 13.237  10.857  2.176   1.00 14.21 ? 28  VAL A CA  1 
ATOM   197  C C   . VAL A 1 27  ? 12.918  9.952   3.395   1.00 12.03 ? 28  VAL A C   1 
ATOM   198  O O   . VAL A 1 27  ? 13.098  10.395  4.506   1.00 11.51 ? 28  VAL A O   1 
ATOM   199  C CB  . VAL A 1 27  ? 11.933  11.546  1.653   1.00 13.61 ? 28  VAL A CB  1 
ATOM   200  C CG1 . VAL A 1 27  ? 11.217  12.299  2.772   1.00 14.11 ? 28  VAL A CG1 1 
ATOM   201  C CG2 . VAL A 1 27  ? 12.230  12.499  0.506   1.00 14.92 ? 28  VAL A CG2 1 
ATOM   202  N N   . VAL A 1 28  ? 12.477  8.738   3.146   1.00 12.30 ? 29  VAL A N   1 
ATOM   203  C CA  . VAL A 1 28  ? 12.068  7.753   4.214   1.00 11.80 ? 29  VAL A CA  1 
ATOM   204  C C   . VAL A 1 28  ? 12.652  6.415   3.888   1.00 11.85 ? 29  VAL A C   1 
ATOM   205  O O   . VAL A 1 28  ? 11.980  5.487   3.496   1.00 11.39 ? 29  VAL A O   1 
ATOM   206  C CB  . VAL A 1 28  ? 10.508  7.708   4.296   1.00 11.24 ? 29  VAL A CB  1 
ATOM   207  C CG1 . VAL A 1 28  ? 10.039  8.824   5.132   1.00 12.12 ? 29  VAL A CG1 1 
ATOM   208  C CG2 . VAL A 1 28  ? 9.786   7.615   2.940   1.00 11.78 ? 29  VAL A CG2 1 
ATOM   209  N N   . PRO A 1 29  ? 13.972  6.280   4.054   1.00 11.40 ? 30  PRO A N   1 
ATOM   210  C CA  . PRO A 1 29  ? 14.633  5.085   3.730   1.00 11.12 ? 30  PRO A CA  1 
ATOM   211  C C   . PRO A 1 29  ? 14.181  3.810   4.398   1.00 9.96  ? 30  PRO A C   1 
ATOM   212  O O   . PRO A 1 29  ? 14.087  2.744   3.779   1.00 10.52 ? 30  PRO A O   1 
ATOM   213  C CB  . PRO A 1 29  ? 16.107  5.438   3.997   1.00 11.96 ? 30  PRO A CB  1 
ATOM   214  C CG  . PRO A 1 29  ? 16.086  6.525   4.946   1.00 12.67 ? 30  PRO A CG  1 
ATOM   215  C CD  . PRO A 1 29  ? 14.892  7.320   4.569   1.00 12.71 ? 30  PRO A CD  1 
ATOM   216  N N   . LYS A 1 30  ? 13.903  3.906   5.676   1.00 10.78 ? 31  LYS A N   1 
ATOM   217  C CA  . LYS A 1 30  ? 13.492  2.723   6.423   1.00 10.72 ? 31  LYS A CA  1 
ATOM   218  C C   . LYS A 1 30  ? 12.088  2.247   5.998   1.00 9.88  ? 31  LYS A C   1 
ATOM   219  O O   . LYS A 1 30  ? 11.861  1.047   5.842   1.00 10.40 ? 31  LYS A O   1 
ATOM   220  C CB  . LYS A 1 30  ? 13.487  2.974   7.924   1.00 13.63 ? 31  LYS A CB  1 
ATOM   221  C CG  . LYS A 1 30  ? 14.890  3.342   8.496   1.00 14.68 ? 31  LYS A CG  1 
ATOM   222  C CD  . LYS A 1 30  ? 14.800  4.011   9.880   1.00 17.41 ? 31  LYS A CD  1 
ATOM   223  C CE  . LYS A 1 30  ? 16.207  4.081   10.441  1.00 23.66 ? 31  LYS A CE  1 
ATOM   224  N NZ  . LYS A 1 30  ? 16.907  5.254   9.832   1.00 26.38 ? 31  LYS A NZ  1 
ATOM   225  N N   . THR A 1 31  ? 11.233  3.200   5.784   1.00 9.88  ? 32  THR A N   1 
ATOM   226  C CA  . THR A 1 31  ? 9.789   2.885   5.343   1.00 9.94  ? 32  THR A CA  1 
ATOM   227  C C   . THR A 1 31  ? 9.795   2.367   3.904   1.00 10.46 ? 32  THR A C   1 
ATOM   228  O O   . THR A 1 31  ? 9.148   1.388   3.569   1.00 9.65  ? 32  THR A O   1 
ATOM   229  C CB  . THR A 1 31  ? 8.904   4.123   5.511   1.00 10.66 ? 32  THR A CB  1 
ATOM   230  O OG1 . THR A 1 31  ? 9.009   4.678   6.827   1.00 11.25 ? 32  THR A OG1 1 
ATOM   231  C CG2 . THR A 1 31  ? 7.486   3.816   5.211   1.00 11.03 ? 32  THR A CG2 1 
ATOM   232  N N   . ALA A 1 32  ? 10.551  3.028   3.037   1.00 10.30 ? 33  ALA A N   1 
ATOM   233  C CA  . ALA A 1 32  ? 10.706  2.540   1.679   1.00 10.30 ? 33  ALA A CA  1 
ATOM   234  C C   . ALA A 1 32  ? 11.261  1.129   1.592   1.00 10.69 ? 33  ALA A C   1 
ATOM   235  O O   . ALA A 1 32  ? 10.781  0.262   0.880   1.00 9.80  ? 33  ALA A O   1 
ATOM   236  C CB  . ALA A 1 32  ? 11.616  3.438   0.883   1.00 11.16 ? 33  ALA A CB  1 
ATOM   237  N N   . GLU A 1 33  ? 12.327  0.873   2.364   1.00 10.92 ? 34  GLU A N   1 
ATOM   238  C CA  . GLU A 1 33  ? 12.943  -0.423  2.385   1.00 11.10 ? 34  GLU A CA  1 
ATOM   239  C C   . GLU A 1 33  ? 12.000  -1.539  2.825   1.00 10.13 ? 34  GLU A C   1 
ATOM   240  O O   . GLU A 1 33  ? 12.000  -2.634  2.240   1.00 11.09 ? 34  GLU A O   1 
ATOM   241  C CB  . GLU A 1 33  ? 14.187  -0.418  3.290   1.00 12.44 ? 34  GLU A CB  1 
ATOM   242  C CG  . GLU A 1 33  ? 14.913  -1.746  3.367   1.00 14.40 ? 34  GLU A CG  1 
ATOM   243  C CD  . GLU A 1 33  ? 15.393  -2.389  2.078   1.00 16.38 ? 34  GLU A CD  1 
ATOM   244  O OE1 . GLU A 1 33  ? 15.534  -1.699  1.013   1.00 15.37 ? 34  GLU A OE1 1 
ATOM   245  O OE2 . GLU A 1 33  ? 15.619  -3.622  2.120   1.00 15.99 ? 34  GLU A OE2 1 
ATOM   246  N N   . ASN A 1 34  ? 11.228  -1.265  3.882   1.00 9.28  ? 35  ASN A N   1 
ATOM   247  C CA  . ASN A 1 34  ? 10.199  -2.207  4.332   1.00 9.31  ? 35  ASN A CA  1 
ATOM   248  C C   . ASN A 1 34  ? 9.256   -2.618  3.181   1.00 9.57  ? 35  ASN A C   1 
ATOM   249  O O   . ASN A 1 34  ? 9.062   -3.770  2.862   1.00 10.68 ? 35  ASN A O   1 
ATOM   250  C CB  . ASN A 1 34  ? 9.453   -1.606  5.443   1.00 9.23  ? 35  ASN A CB  1 
ATOM   251  C CG  . ASN A 1 34  ? 8.375   -2.537  5.985   1.00 9.11  ? 35  ASN A CG  1 
ATOM   252  O OD1 . ASN A 1 34  ? 8.662   -3.659  6.404   1.00 11.21 ? 35  ASN A OD1 1 
ATOM   253  N ND2 . ASN A 1 34  ? 7.136   -2.081  5.949   1.00 9.31  ? 35  ASN A ND2 1 
ATOM   254  N N   . PHE A 1 35  ? 8.709   -1.624  2.512   1.00 9.13  ? 36  PHE A N   1 
ATOM   255  C CA  . PHE A 1 35  ? 7.775   -1.912  1.433   1.00 8.90  ? 36  PHE A CA  1 
ATOM   256  C C   . PHE A 1 35  ? 8.440   -2.649  0.261   1.00 9.62  ? 36  PHE A C   1 
ATOM   257  O O   . PHE A 1 35  ? 7.913   -3.604  -0.245  1.00 9.83  ? 36  PHE A O   1 
ATOM   258  C CB  . PHE A 1 35  ? 7.118   -0.634  0.996   1.00 9.17  ? 36  PHE A CB  1 
ATOM   259  C CG  . PHE A 1 35  ? 5.953   -0.853  0.055   1.00 9.75  ? 36  PHE A CG  1 
ATOM   260  C CD1 . PHE A 1 35  ? 6.130   -0.899  -1.347  1.00 10.19 ? 36  PHE A CD1 1 
ATOM   261  C CD2 . PHE A 1 35  ? 4.671   -0.971  0.554   1.00 9.75  ? 36  PHE A CD2 1 
ATOM   262  C CE1 . PHE A 1 35  ? 5.054   -1.072  -2.203  1.00 10.25 ? 36  PHE A CE1 1 
ATOM   263  C CE2 . PHE A 1 35  ? 3.584   -1.105  -0.304  1.00 10.38 ? 36  PHE A CE2 1 
ATOM   264  C CZ  . PHE A 1 35  ? 3.776   -1.187  -1.671  1.00 10.79 ? 36  PHE A CZ  1 
ATOM   265  N N   . ARG A 1 36  ? 9.647   -2.205  -0.114  1.00 9.03  ? 37  ARG A N   1 
ATOM   266  C CA  . ARG A 1 36  ? 10.423  -2.796  -1.207  1.00 10.05 ? 37  ARG A CA  1 
ATOM   267  C C   . ARG A 1 36  ? 10.628  -4.310  -0.977  1.00 10.59 ? 37  ARG A C   1 
ATOM   268  O O   . ARG A 1 36  ? 10.328  -5.151  -1.840  1.00 10.08 ? 37  ARG A O   1 
ATOM   269  C CB  . ARG A 1 36  ? 11.766  -2.113  -1.332  1.00 9.98  ? 37  ARG A CB  1 
ATOM   270  C CG  . ARG A 1 36  ? 12.599  -2.630  -2.500  1.00 11.29 ? 37  ARG A CG  1 
ATOM   271  C CD  . ARG A 1 36  ? 14.076  -2.273  -2.390  1.00 12.81 ? 37  ARG A CD  1 
ATOM   272  N NE  . ARG A 1 36  ? 14.681  -3.050  -1.350  1.00 12.69 ? 37  ARG A NE  1 
ATOM   273  C CZ  . ARG A 1 36  ? 14.895  -4.339  -1.416  1.00 14.06 ? 37  ARG A CZ  1 
ATOM   274  N NH1 . ARG A 1 36  ? 14.648  -5.096  -2.487  1.00 15.73 ? 37  ARG A NH1 1 
ATOM   275  N NH2 . ARG A 1 36  ? 15.334  -4.931  -0.303  1.00 15.57 ? 37  ARG A NH2 1 
ATOM   276  N N   . ALA A 1 37  ? 11.090  -4.649  0.264   1.00 10.10 ? 38  ALA A N   1 
ATOM   277  C CA  . ALA A 1 37  ? 11.334  -6.018  0.634   1.00 10.86 ? 38  ALA A CA  1 
ATOM   278  C C   . ALA A 1 37  ? 10.067  -6.851  0.739   1.00 10.63 ? 38  ALA A C   1 
ATOM   279  O O   . ALA A 1 37  ? 10.088  -8.045  0.345   1.00 11.29 ? 38  ALA A O   1 
ATOM   280  C CB  . ALA A 1 37  ? 12.103  -6.062  1.960   1.00 11.67 ? 38  ALA A CB  1 
ATOM   281  N N   . LEU A 1 38  ? 8.952   -6.231  1.155   1.00 11.06 ? 39  LEU A N   1 
ATOM   282  C CA  . LEU A 1 38  ? 7.679   -6.966  1.206   1.00 11.11 ? 39  LEU A CA  1 
ATOM   283  C C   . LEU A 1 38  ? 7.121   -7.248  -0.196  1.00 10.87 ? 39  LEU A C   1 
ATOM   284  O O   . LEU A 1 38  ? 6.457   -8.244  -0.398  1.00 12.01 ? 39  LEU A O   1 
ATOM   285  C CB  . LEU A 1 38  ? 6.664   -6.259  2.104   1.00 12.12 ? 39  LEU A CB  1 
ATOM   286  C CG  . LEU A 1 38  ? 7.025   -6.175  3.585   1.00 13.49 ? 39  LEU A CG  1 
ATOM   287  C CD1 . LEU A 1 38  ? 6.056   -5.220  4.257   1.00 13.25 ? 39  LEU A CD1 1 
ATOM   288  C CD2 . LEU A 1 38  ? 7.024   -7.540  4.186   1.00 14.24 ? 39  LEU A CD2 1 
ATOM   289  N N   . CYS A 1 39  ? 7.503   -6.412  -1.181  1.00 10.90 ? 40  CYS A N   1 
ATOM   290  C CA  . CYS A 1 39  ? 7.141   -6.667  -2.602  1.00 12.98 ? 40  CYS A CA  1 
ATOM   291  C C   . CYS A 1 39  ? 7.995   -7.788  -3.194  1.00 12.18 ? 40  CYS A C   1 
ATOM   292  O O   . CYS A 1 39  ? 7.503   -8.654  -3.911  1.00 13.30 ? 40  CYS A O   1 
ATOM   293  C CB  . CYS A 1 39  ? 7.335   -5.393  -3.448  1.00 12.37 ? 40  CYS A CB  1 
ATOM   294  S SG  . CYS A 1 39  ? 6.123   -4.104  -3.161  1.00 13.16 ? 40  CYS A SG  1 
ATOM   295  N N   . THR A 1 40  ? 9.293   -7.798  -2.892  1.00 13.15 ? 41  THR A N   1 
ATOM   296  C CA  . THR A 1 40  ? 10.115  -8.876  -3.471  1.00 14.80 ? 41  THR A CA  1 
ATOM   297  C C   . THR A 1 40  ? 9.926   -10.193 -2.759  1.00 16.25 ? 41  THR A C   1 
ATOM   298  O O   . THR A 1 40  ? 10.203  -11.223 -3.357  1.00 17.26 ? 41  THR A O   1 
ATOM   299  C CB  . THR A 1 40  ? 11.613  -8.559  -3.433  1.00 14.71 ? 41  THR A CB  1 
ATOM   300  O OG1 . THR A 1 40  ? 12.045  -8.518  -2.051  1.00 13.81 ? 41  THR A OG1 1 
ATOM   301  C CG2 . THR A 1 40  ? 11.902  -7.214  -4.126  1.00 15.11 ? 41  THR A CG2 1 
ATOM   302  N N   . GLY A 1 41  ? 9.483   -10.192 -1.486  1.00 15.13 ? 42  GLY A N   1 
ATOM   303  C CA  . GLY A 1 41  ? 9.367   -11.403 -0.732  1.00 16.97 ? 42  GLY A CA  1 
ATOM   304  C C   . GLY A 1 41  ? 10.695  -11.939 -0.231  1.00 17.99 ? 42  GLY A C   1 
ATOM   305  O O   . GLY A 1 41  ? 10.727  -13.014 0.291   1.00 18.60 ? 42  GLY A O   1 
ATOM   306  N N   . GLU A 1 42  ? 11.778  -11.162 -0.346  1.00 18.51 ? 43  GLU A N   1 
ATOM   307  C CA  . GLU A 1 42  ? 13.135  -11.645 -0.053  1.00 20.14 ? 43  GLU A CA  1 
ATOM   308  C C   . GLU A 1 42  ? 13.361  -12.066 1.390   1.00 20.70 ? 43  GLU A C   1 
ATOM   309  O O   . GLU A 1 42  ? 14.301  -12.819 1.635   1.00 20.42 ? 43  GLU A O   1 
ATOM   310  C CB  . GLU A 1 42  ? 14.181  -10.642 -0.475  1.00 19.79 ? 43  GLU A CB  1 
ATOM   311  C CG  . GLU A 1 42  ? 14.194  -9.342  0.256   1.00 19.30 ? 43  GLU A CG  1 
ATOM   312  C CD  . GLU A 1 42  ? 14.987  -8.352  -0.533  1.00 22.15 ? 43  GLU A CD  1 
ATOM   313  O OE1 . GLU A 1 42  ? 14.558  -7.934  -1.681  1.00 20.61 ? 43  GLU A OE1 1 
ATOM   314  O OE2 . GLU A 1 42  ? 16.010  -7.967  -0.024  1.00 21.89 ? 43  GLU A OE2 1 
ATOM   315  N N   . LYS A 1 43  ? 12.562  -11.563 2.341   1.00 18.49 ? 44  LYS A N   1 
ATOM   316  C CA  . LYS A 1 43  ? 12.698  -11.973 3.763   1.00 19.69 ? 44  LYS A CA  1 
ATOM   317  C C   . LYS A 1 43  ? 11.928  -13.252 4.066   1.00 21.58 ? 44  LYS A C   1 
ATOM   318  O O   . LYS A 1 43  ? 11.964  -13.713 5.245   1.00 23.39 ? 44  LYS A O   1 
ATOM   319  C CB  . LYS A 1 43  ? 12.234  -10.862 4.726   1.00 19.70 ? 44  LYS A CB  1 
ATOM   320  C CG  . LYS A 1 43  ? 12.816  -9.486  4.500   1.00 19.12 ? 44  LYS A CG  1 
ATOM   321  C CD  . LYS A 1 43  ? 14.276  -9.481  4.556   1.00 22.67 ? 44  LYS A CD  1 
ATOM   322  C CE  . LYS A 1 43  ? 14.738  -8.044  4.500   1.00 25.03 ? 44  LYS A CE  1 
ATOM   323  N NZ  . LYS A 1 43  ? 16.186  -8.067  4.559   1.00 26.55 ? 44  LYS A NZ  1 
ATOM   324  N N   . GLY A 1 44  ? 11.183  -13.802 3.108   1.00 19.01 ? 45  GLY A N   1 
ATOM   325  C CA  . GLY A 1 44  ? 10.389  -15.030 3.305   1.00 21.33 ? 45  GLY A CA  1 
ATOM   326  C C   . GLY A 1 44  ? 8.926   -14.794 3.602   1.00 20.51 ? 45  GLY A C   1 
ATOM   327  O O   . GLY A 1 44  ? 8.164   -15.729 3.827   1.00 21.25 ? 45  GLY A O   1 
ATOM   328  N N   . PHE A 1 45  ? 8.525   -13.515 3.584   1.00 17.75 ? 46  PHE A N   1 
ATOM   329  C CA  . PHE A 1 45  ? 7.125   -13.142 3.661   1.00 15.64 ? 46  PHE A CA  1 
ATOM   330  C C   . PHE A 1 45  ? 6.901   -11.816 2.900   1.00 15.08 ? 46  PHE A C   1 
ATOM   331  O O   . PHE A 1 45  ? 7.846   -11.100 2.577   1.00 16.12 ? 46  PHE A O   1 
ATOM   332  C CB  . PHE A 1 45  ? 6.666   -13.014 5.094   1.00 16.34 ? 46  PHE A CB  1 
ATOM   333  C CG  . PHE A 1 45  ? 7.527   -12.140 5.926   1.00 17.93 ? 46  PHE A CG  1 
ATOM   334  C CD1 . PHE A 1 45  ? 7.306   -10.775 6.000   1.00 18.62 ? 46  PHE A CD1 1 
ATOM   335  C CD2 . PHE A 1 45  ? 8.609   -12.674 6.651   1.00 21.21 ? 46  PHE A CD2 1 
ATOM   336  C CE1 . PHE A 1 45  ? 8.083   -9.958  6.811   1.00 20.98 ? 46  PHE A CE1 1 
ATOM   337  C CE2 . PHE A 1 45  ? 9.443   -11.849 7.410   1.00 23.82 ? 46  PHE A CE2 1 
ATOM   338  C CZ  . PHE A 1 45  ? 9.167   -10.508 7.530   1.00 24.00 ? 46  PHE A CZ  1 
ATOM   339  N N   . GLY A 1 46  ? 5.634   -11.511 2.623   1.00 14.99 ? 47  GLY A N   1 
ATOM   340  C CA  . GLY A 1 46  ? 5.331   -10.262 1.982   1.00 13.75 ? 47  GLY A CA  1 
ATOM   341  C C   . GLY A 1 46  ? 3.979   -10.266 1.352   1.00 13.15 ? 47  GLY A C   1 
ATOM   342  O O   . GLY A 1 46  ? 3.056   -11.053 1.745   1.00 12.72 ? 47  GLY A O   1 
ATOM   343  N N   . TYR A 1 47  ? 3.842   -9.375  0.387   1.00 11.64 ? 48  TYR A N   1 
ATOM   344  C CA  . TYR A 1 47  ? 2.503   -9.051  -0.148  1.00 11.00 ? 48  TYR A CA  1 
ATOM   345  C C   . TYR A 1 47  ? 1.919   -10.036 -1.118  1.00 12.27 ? 48  TYR A C   1 
ATOM   346  O O   . TYR A 1 47  ? 0.675   -10.094 -1.297  1.00 14.16 ? 48  TYR A O   1 
ATOM   347  C CB  . TYR A 1 47  ? 2.603   -7.673  -0.812  1.00 11.57 ? 48  TYR A CB  1 
ATOM   348  C CG  . TYR A 1 47  ? 2.859   -6.536  0.114   1.00 10.22 ? 48  TYR A CG  1 
ATOM   349  C CD1 . TYR A 1 47  ? 2.245   -6.463  1.385   1.00 10.41 ? 48  TYR A CD1 1 
ATOM   350  C CD2 . TYR A 1 47  ? 3.794   -5.558  -0.201  1.00 10.41 ? 48  TYR A CD2 1 
ATOM   351  C CE1 . TYR A 1 47  ? 2.437   -5.373  2.227   1.00 9.37  ? 48  TYR A CE1 1 
ATOM   352  C CE2 . TYR A 1 47  ? 3.987   -4.432  0.630   1.00 9.76  ? 48  TYR A CE2 1 
ATOM   353  C CZ  . TYR A 1 47  ? 3.359   -4.353  1.861   1.00 8.97  ? 48  TYR A CZ  1 
ATOM   354  O OH  . TYR A 1 47  ? 3.613   -3.269  2.635   1.00 9.21  ? 48  TYR A OH  1 
ATOM   355  N N   . LYS A 1 48  ? 2.764   -10.853 -1.761  1.00 13.23 ? 49  LYS A N   1 
ATOM   356  C CA  . LYS A 1 48  ? 2.238   -11.758 -2.842  1.00 14.73 ? 49  LYS A CA  1 
ATOM   357  C C   . LYS A 1 48  ? 1.147   -12.689 -2.248  1.00 15.47 ? 49  LYS A C   1 
ATOM   358  O O   . LYS A 1 48  ? 1.357   -13.293 -1.190  1.00 13.94 ? 49  LYS A O   1 
ATOM   359  C CB  . LYS A 1 48  ? 3.368   -12.604 -3.425  1.00 15.68 ? 49  LYS A CB  1 
ATOM   360  C CG  . LYS A 1 48  ? 2.917   -13.384 -4.625  1.00 18.98 ? 49  LYS A CG  1 
ATOM   361  C CD  . LYS A 1 48  ? 4.110   -14.026 -5.322  1.00 23.10 ? 49  LYS A CD  1 
ATOM   362  C CE  . LYS A 1 48  ? 3.598   -14.910 -6.450  1.00 28.72 ? 49  LYS A CE  1 
ATOM   363  N NZ  . LYS A 1 48  ? 4.302   -14.541 -7.686  1.00 31.07 ? 49  LYS A NZ  1 
ATOM   364  N N   . GLY A 1 49  ? -0.013  -12.748 -2.893  1.00 15.67 ? 50  GLY A N   1 
ATOM   365  C CA  . GLY A 1 49  ? -1.134  -13.578 -2.470  1.00 18.13 ? 50  GLY A CA  1 
ATOM   366  C C   . GLY A 1 49  ? -2.068  -12.902 -1.471  1.00 19.61 ? 50  GLY A C   1 
ATOM   367  O O   . GLY A 1 49  ? -3.089  -13.453 -1.137  1.00 23.23 ? 50  GLY A O   1 
ATOM   368  N N   . SER A 1 50  ? -1.734  -11.716 -0.981  1.00 17.44 ? 51  SER A N   1 
ATOM   369  C CA  . SER A 1 50  ? -2.616  -11.010 -0.048  1.00 16.18 ? 51  SER A CA  1 
ATOM   370  C C   . SER A 1 50  ? -3.586  -10.067 -0.773  1.00 15.01 ? 51  SER A C   1 
ATOM   371  O O   . SER A 1 50  ? -3.639  -9.998  -2.012  1.00 15.20 ? 51  SER A O   1 
ATOM   372  C CB  . SER A 1 50  ? -1.780  -10.341 1.022   1.00 15.91 ? 51  SER A CB  1 
ATOM   373  O OG  . SER A 1 50  ? -1.075  -9.290  0.488   1.00 17.10 ? 51  SER A OG  1 
ATOM   374  N N   . THR A 1 51  ? -4.430  -9.376  0.002   1.00 13.77 ? 52  THR A N   1 
ATOM   375  C CA  . THR A 1 51  ? -5.627  -8.721  -0.567  1.00 13.17 ? 52  THR A CA  1 
ATOM   376  C C   . THR A 1 51  ? -5.631  -7.213  -0.327  1.00 12.39 ? 52  THR A C   1 
ATOM   377  O O   . THR A 1 51  ? -4.983  -6.715  0.613   1.00 12.74 ? 52  THR A O   1 
ATOM   378  C CB  . THR A 1 51  ? -6.932  -9.301  0.000   1.00 14.96 ? 52  THR A CB  1 
ATOM   379  O OG1 . THR A 1 51  ? -7.087  -8.873  1.350   1.00 14.86 ? 52  THR A OG1 1 
ATOM   380  C CG2 . THR A 1 51  ? -6.927  -10.780 -0.103  1.00 14.82 ? 52  THR A CG2 1 
ATOM   381  N N   . PHE A 1 52  ? -6.441  -6.512  -1.133  1.00 12.19 ? 53  PHE A N   1 
ATOM   382  C CA  . PHE A 1 52  ? -6.957  -5.206  -0.744  1.00 12.66 ? 53  PHE A CA  1 
ATOM   383  C C   . PHE A 1 52  ? -8.210  -5.518  0.098   1.00 13.25 ? 53  PHE A C   1 
ATOM   384  O O   . PHE A 1 52  ? -9.253  -5.837  -0.471  1.00 15.18 ? 53  PHE A O   1 
ATOM   385  C CB  . PHE A 1 52  ? -7.271  -4.255  -1.926  1.00 12.43 ? 53  PHE A CB  1 
ATOM   386  C CG  . PHE A 1 52  ? -6.051  -3.622  -2.532  1.00 12.95 ? 53  PHE A CG  1 
ATOM   387  C CD1 . PHE A 1 52  ? -5.188  -4.370  -3.344  1.00 13.66 ? 53  PHE A CD1 1 
ATOM   388  C CD2 . PHE A 1 52  ? -5.751  -2.279  -2.270  1.00 12.32 ? 53  PHE A CD2 1 
ATOM   389  C CE1 . PHE A 1 52  ? -4.031  -3.811  -3.855  1.00 12.60 ? 53  PHE A CE1 1 
ATOM   390  C CE2 . PHE A 1 52  ? -4.578  -1.734  -2.796  1.00 12.90 ? 53  PHE A CE2 1 
ATOM   391  C CZ  . PHE A 1 52  ? -3.738  -2.508  -3.566  1.00 12.51 ? 53  PHE A CZ  1 
ATOM   392  N N   . HIS A 1 53  ? -8.115  -5.293  1.406   1.00 13.29 ? 54  HIS A N   1 
ATOM   393  C CA  . HIS A 1 53  ? -9.204  -5.634  2.335   1.00 14.47 ? 54  HIS A CA  1 
ATOM   394  C C   . HIS A 1 53  ? -10.139 -4.459  2.615   1.00 14.95 ? 54  HIS A C   1 
ATOM   395  O O   . HIS A 1 53  ? -11.201 -4.694  3.210   1.00 16.08 ? 54  HIS A O   1 
ATOM   396  C CB  . HIS A 1 53  ? -8.662  -6.186  3.657   1.00 14.99 ? 54  HIS A CB  1 
ATOM   397  C CG  . HIS A 1 53  ? -7.938  -5.147  4.466   1.00 14.73 ? 54  HIS A CG  1 
ATOM   398  N ND1 . HIS A 1 53  ? -6.597  -4.870  4.256   1.00 14.41 ? 54  HIS A ND1 1 
ATOM   399  C CD2 . HIS A 1 53  ? -8.361  -4.274  5.412   1.00 14.71 ? 54  HIS A CD2 1 
ATOM   400  C CE1 . HIS A 1 53  ? -6.219  -3.921  5.081   1.00 15.75 ? 54  HIS A CE1 1 
ATOM   401  N NE2 . HIS A 1 53  ? -7.278  -3.502  5.756   1.00 14.66 ? 54  HIS A NE2 1 
ATOM   402  N N   . ARG A 1 54  ? -9.750  -3.196  2.344   1.00 13.03 ? 55  ARG A N   1 
ATOM   403  C CA  . ARG A 1 54  ? -10.551 -2.055  2.638   1.00 14.00 ? 55  ARG A CA  1 
ATOM   404  C C   . ARG A 1 54  ? -10.446 -1.034  1.556   1.00 13.62 ? 55  ARG A C   1 
ATOM   405  O O   . ARG A 1 54  ? -9.390  -0.438  1.390   1.00 13.84 ? 55  ARG A O   1 
ATOM   406  C CB  . ARG A 1 54  ? -10.185 -1.411  3.975   1.00 15.31 ? 55  ARG A CB  1 
ATOM   407  C CG  . ARG A 1 54  ? -11.078 -0.272  4.351   1.00 17.88 ? 55  ARG A CG  1 
ATOM   408  C CD  . ARG A 1 54  ? -11.042 0.047   5.806   1.00 25.05 ? 55  ARG A CD  1 
ATOM   409  N NE  . ARG A 1 54  ? -10.101 1.045   5.992   1.00 23.16 ? 55  ARG A NE  1 
ATOM   410  C CZ  . ARG A 1 54  ? -10.223 2.300   6.418   1.00 21.97 ? 55  ARG A CZ  1 
ATOM   411  N NH1 . ARG A 1 54  ? -9.102  3.031   6.503   1.00 17.35 ? 55  ARG A NH1 1 
ATOM   412  N NH2 . ARG A 1 54  ? -11.309 2.879   6.751   1.00 27.48 ? 55  ARG A NH2 1 
ATOM   413  N N   . VAL A 1 55  ? -11.508 -0.896  0.769   1.00 11.58 ? 56  VAL A N   1 
ATOM   414  C CA  . VAL A 1 55  ? -11.504 -0.048  -0.369  1.00 12.82 ? 56  VAL A CA  1 
ATOM   415  C C   . VAL A 1 55  ? -12.711 0.904   -0.299  1.00 13.26 ? 56  VAL A C   1 
ATOM   416  O O   . VAL A 1 55  ? -13.832 0.437   -0.348  1.00 13.34 ? 56  VAL A O   1 
ATOM   417  C CB  . VAL A 1 55  ? -11.479 -0.883  -1.660  1.00 12.47 ? 56  VAL A CB  1 
ATOM   418  C CG1 . VAL A 1 55  ? -11.487 0.038   -2.868  1.00 13.87 ? 56  VAL A CG1 1 
ATOM   419  C CG2 . VAL A 1 55  ? -10.266 -1.799  -1.703  1.00 12.34 ? 56  VAL A CG2 1 
ATOM   420  N N   . ILE A 1 56  ? -12.456 2.201   -0.121  1.00 11.80 ? 57  ILE A N   1 
ATOM   421  C CA  . ILE A 1 56  ? -13.514 3.175   0.043   1.00 12.80 ? 57  ILE A CA  1 
ATOM   422  C C   . ILE A 1 56  ? -13.463 4.104   -1.125  1.00 14.71 ? 57  ILE A C   1 
ATOM   423  O O   . ILE A 1 56  ? -12.512 4.921   -1.252  1.00 13.05 ? 57  ILE A O   1 
ATOM   424  C CB  . ILE A 1 56  ? -13.445 3.903   1.369   1.00 13.69 ? 57  ILE A CB  1 
ATOM   425  C CG1 . ILE A 1 56  ? -13.620 2.921   2.544   1.00 12.53 ? 57  ILE A CG1 1 
ATOM   426  C CG2 . ILE A 1 56  ? -14.501 5.019   1.391   1.00 13.89 ? 57  ILE A CG2 1 
ATOM   427  C CD1 . ILE A 1 56  ? -13.238 3.501   3.841   1.00 12.90 ? 57  ILE A CD1 1 
ATOM   428  N N   . PRO A 1 57  ? -14.515 4.046   -1.984  1.00 14.30 ? 58  PRO A N   1 
ATOM   429  C CA  . PRO A 1 57  ? -14.484 4.985   -3.151  1.00 14.76 ? 58  PRO A CA  1 
ATOM   430  C C   . PRO A 1 57  ? -14.406 6.410   -2.757  1.00 15.47 ? 58  PRO A C   1 
ATOM   431  O O   . PRO A 1 57  ? -14.903 6.807   -1.721  1.00 14.83 ? 58  PRO A O   1 
ATOM   432  C CB  . PRO A 1 57  ? -15.761 4.588   -3.957  1.00 16.81 ? 58  PRO A CB  1 
ATOM   433  C CG  . PRO A 1 57  ? -16.050 3.159   -3.555  1.00 16.21 ? 58  PRO A CG  1 
ATOM   434  C CD  . PRO A 1 57  ? -15.610 3.039   -2.122  1.00 15.71 ? 58  PRO A CD  1 
ATOM   435  N N   . SER A 1 58  ? -13.696 7.222   -3.566  1.00 14.48 ? 59  SER A N   1 
ATOM   436  C CA  . SER A 1 58  ? -13.432 8.615   -3.212  1.00 15.55 ? 59  SER A CA  1 
ATOM   437  C C   . SER A 1 58  ? -12.593 8.845   -1.991  1.00 13.09 ? 59  SER A C   1 
ATOM   438  O O   . SER A 1 58  ? -12.735 9.837   -1.322  1.00 14.57 ? 59  SER A O   1 
ATOM   439  C CB  . SER A 1 58  ? -14.735 9.446   -3.120  1.00 18.19 ? 59  SER A CB  1 
ATOM   440  O OG  . SER A 1 58  ? -15.367 9.345   -4.371  1.00 20.12 ? 59  SER A OG  1 
ATOM   441  N N   . PHE A 1 59  ? -11.798 7.859   -1.612  1.00 13.70 ? 60  PHE A N   1 
ATOM   442  C CA  . PHE A 1 59  ? -10.915 8.015   -0.489  1.00 14.28 ? 60  PHE A CA  1 
ATOM   443  C C   . PHE A 1 59  ? -9.586  7.286   -0.762  1.00 12.88 ? 60  PHE A C   1 
ATOM   444  O O   . PHE A 1 59  ? -8.590  7.919   -1.137  1.00 13.06 ? 60  PHE A O   1 
ATOM   445  C CB  . PHE A 1 59  ? -11.608 7.451   0.797   1.00 13.38 ? 60  PHE A CB  1 
ATOM   446  C CG  . PHE A 1 59  ? -10.770 7.506   2.068   1.00 13.82 ? 60  PHE A CG  1 
ATOM   447  C CD1 . PHE A 1 59  ? -9.611  8.331   2.197   1.00 13.87 ? 60  PHE A CD1 1 
ATOM   448  C CD2 . PHE A 1 59  ? -11.183 6.788   3.162   1.00 13.44 ? 60  PHE A CD2 1 
ATOM   449  C CE1 . PHE A 1 59  ? -8.921  8.378   3.385   1.00 12.66 ? 60  PHE A CE1 1 
ATOM   450  C CE2 . PHE A 1 59  ? -10.479 6.813   4.349   1.00 14.12 ? 60  PHE A CE2 1 
ATOM   451  C CZ  . PHE A 1 59  ? -9.396  7.651   4.500   1.00 12.25 ? 60  PHE A CZ  1 
ATOM   452  N N   . MET A 1 60  ? -9.599  5.953   -0.626  1.00 12.00 ? 61  MET A N   1 
ATOM   453  C CA  . MET A 1 60  ? -8.342  5.161   -0.707  1.00 12.10 ? 61  MET A CA  1 
ATOM   454  C C   . MET A 1 60  ? -8.582  3.670   -0.833  1.00 13.57 ? 61  MET A C   1 
ATOM   455  O O   . MET A 1 60  ? -9.688  3.179   -0.551  1.00 12.75 ? 61  MET A O   1 
ATOM   456  C CB  . MET A 1 60  ? -7.343  5.511   0.433   1.00 11.87 ? 61  MET A CB  1 
ATOM   457  C CG  . MET A 1 60  ? -7.867  5.199   1.822   1.00 12.80 ? 61  MET A CG  1 
ATOM   458  S SD  . MET A 1 60  ? -7.703  3.453   2.237   1.00 13.38 ? 61  MET A SD  1 
ATOM   459  C CE  . MET A 1 60  ? -9.374  3.049   2.833   1.00 11.64 ? 61  MET A CE  1 
ATOM   460  N N   . CYS A 1 61  ? -7.565  2.973   -1.321  1.00 11.63 ? 62  CYS A N   1 
ATOM   461  C CA  . CYS A 1 61  ? -7.544  1.558   -1.381  1.00 11.88 ? 62  CYS A CA  1 
ATOM   462  C C   . CYS A 1 61  ? -6.493  1.040   -0.418  1.00 11.03 ? 62  CYS A C   1 
ATOM   463  O O   . CYS A 1 61  ? -5.339  1.382   -0.593  1.00 10.54 ? 62  CYS A O   1 
ATOM   464  C CB  . CYS A 1 61  ? -7.142  1.132   -2.796  1.00 12.32 ? 62  CYS A CB  1 
ATOM   465  S SG  . CYS A 1 61  ? -8.258  1.741   -4.119  1.00 13.34 ? 62  CYS A SG  1 
ATOM   466  N N   . GLN A 1 62  ? -6.879  0.166   0.526   1.00 10.62 ? 63  GLN A N   1 
ATOM   467  C CA  . GLN A 1 62  ? -5.967  -0.277  1.603   1.00 11.10 ? 63  GLN A CA  1 
ATOM   468  C C   . GLN A 1 62  ? -5.681  -1.782  1.523   1.00 11.16 ? 63  GLN A C   1 
ATOM   469  O O   . GLN A 1 62  ? -6.546  -2.625  1.235   1.00 11.22 ? 63  GLN A O   1 
ATOM   470  C CB  . GLN A 1 62  ? -6.518  0.082   2.997   1.00 11.10 ? 63  GLN A CB  1 
ATOM   471  C CG  . GLN A 1 62  ? -5.573  -0.143  4.177   1.00 11.66 ? 63  GLN A CG  1 
ATOM   472  C CD  . GLN A 1 62  ? -6.179  0.349   5.468   1.00 13.49 ? 63  GLN A CD  1 
ATOM   473  O OE1 . GLN A 1 62  ? -6.977  1.281   5.435   1.00 14.44 ? 63  GLN A OE1 1 
ATOM   474  N NE2 . GLN A 1 62  ? -5.788  -0.235  6.603   1.00 14.55 ? 63  GLN A NE2 1 
ATOM   475  N N   . ALA A 1 63  ? -4.426  -2.121  1.746   1.00 10.27 ? 64  ALA A N   1 
ATOM   476  C CA  . ALA A 1 63  ? -3.929  -3.492  1.601   1.00 9.66  ? 64  ALA A CA  1 
ATOM   477  C C   . ALA A 1 63  ? -2.806  -3.751  2.600   1.00 10.10 ? 64  ALA A C   1 
ATOM   478  O O   . ALA A 1 63  ? -2.546  -2.917  3.496   1.00 9.89  ? 64  ALA A O   1 
ATOM   479  C CB  . ALA A 1 63  ? -3.425  -3.740  0.170   1.00 9.95  ? 64  ALA A CB  1 
ATOM   480  N N   . GLY A 1 64  ? -2.226  -4.952  2.476   1.00 10.24 ? 65  GLY A N   1 
ATOM   481  C CA  . GLY A 1 64  ? -0.993  -5.308  3.149   1.00 10.72 ? 65  GLY A CA  1 
ATOM   482  C C   . GLY A 1 64  ? -1.124  -6.116  4.431   1.00 11.03 ? 65  GLY A C   1 
ATOM   483  O O   . GLY A 1 64  ? -0.155  -6.294  5.120   1.00 10.72 ? 65  GLY A O   1 
ATOM   484  N N   . ASP A 1 65  ? -2.348  -6.492  4.789   1.00 11.14 ? 66  ASP A N   1 
ATOM   485  C CA  . ASP A 1 65  ? -2.530  -7.381  5.972   1.00 12.53 ? 66  ASP A CA  1 
ATOM   486  C C   . ASP A 1 65  ? -2.428  -8.826  5.522   1.00 13.02 ? 66  ASP A C   1 
ATOM   487  O O   . ASP A 1 65  ? -3.416  -9.527  5.259   1.00 11.91 ? 66  ASP A O   1 
ATOM   488  C CB  . ASP A 1 65  ? -3.845  -7.169  6.676   1.00 12.18 ? 66  ASP A CB  1 
ATOM   489  C CG  . ASP A 1 65  ? -3.989  -8.070  7.878   1.00 14.40 ? 66  ASP A CG  1 
ATOM   490  O OD1 . ASP A 1 65  ? -3.086  -8.937  8.108   1.00 14.84 ? 66  ASP A OD1 1 
ATOM   491  O OD2 . ASP A 1 65  ? -5.028  -7.981  8.579   1.00 14.39 ? 66  ASP A OD2 1 
ATOM   492  N N   . PHE A 1 66  ? -1.183  -9.281  5.427   1.00 15.04 ? 67  PHE A N   1 
ATOM   493  C CA  . PHE A 1 66  ? -0.926  -10.585 4.817   1.00 14.78 ? 67  PHE A CA  1 
ATOM   494  C C   . PHE A 1 66  ? -0.927  -11.660 5.916   1.00 18.13 ? 67  PHE A C   1 
ATOM   495  O O   . PHE A 1 66  ? -0.716  -12.860 5.584   1.00 19.29 ? 67  PHE A O   1 
ATOM   496  C CB  . PHE A 1 66  ? 0.372   -10.625 3.940   1.00 14.61 ? 67  PHE A CB  1 
ATOM   497  C CG  . PHE A 1 66  ? 1.588   -10.189 4.639   1.00 13.45 ? 67  PHE A CG  1 
ATOM   498  C CD1 . PHE A 1 66  ? 2.187   -10.991 5.606   1.00 14.85 ? 67  PHE A CD1 1 
ATOM   499  C CD2 . PHE A 1 66  ? 2.127   -8.935  4.391   1.00 13.22 ? 67  PHE A CD2 1 
ATOM   500  C CE1 . PHE A 1 66  ? 3.384   -10.570 6.233   1.00 14.02 ? 67  PHE A CE1 1 
ATOM   501  C CE2 . PHE A 1 66  ? 3.276   -8.507  5.073   1.00 13.95 ? 67  PHE A CE2 1 
ATOM   502  C CZ  . PHE A 1 66  ? 3.850   -9.285  6.016   1.00 12.06 ? 67  PHE A CZ  1 
ATOM   503  N N   . THR A 1 67  ? -1.212  -11.279 7.166   1.00 19.52 ? 68  THR A N   1 
ATOM   504  C CA  . THR A 1 67  ? -1.369  -12.278 8.252   1.00 21.43 ? 68  THR A CA  1 
ATOM   505  C C   . THR A 1 67  ? -2.827  -12.663 8.517   1.00 24.89 ? 68  THR A C   1 
ATOM   506  O O   . THR A 1 67  ? -3.231  -13.870 8.503   1.00 24.30 ? 68  THR A O   1 
ATOM   507  C CB  . THR A 1 67  ? -0.569  -11.850 9.503   1.00 19.78 ? 68  THR A CB  1 
ATOM   508  O OG1 . THR A 1 67  ? -0.986  -10.614 10.075  1.00 22.80 ? 68  THR A OG1 1 
ATOM   509  C CG2 . THR A 1 67  ? 0.867   -11.582 9.144   1.00 20.99 ? 68  THR A CG2 1 
ATOM   510  N N   . ASN A 1 68  ? -3.667  -11.650 8.676   1.00 20.89 ? 69  ASN A N   1 
ATOM   511  C CA  . ASN A 1 68  ? -5.086  -11.862 9.014   1.00 20.25 ? 69  ASN A CA  1 
ATOM   512  C C   . ASN A 1 68  ? -6.038  -11.514 7.922   1.00 19.41 ? 69  ASN A C   1 
ATOM   513  O O   . ASN A 1 68  ? -7.239  -11.802 8.031   1.00 20.58 ? 69  ASN A O   1 
ATOM   514  C CB  . ASN A 1 68  ? -5.385  -11.067 10.259  1.00 22.32 ? 69  ASN A CB  1 
ATOM   515  C CG  . ASN A 1 68  ? -4.650  -11.561 11.469  1.00 23.88 ? 69  ASN A CG  1 
ATOM   516  O OD1 . ASN A 1 68  ? -4.219  -12.702 11.514  1.00 28.52 ? 69  ASN A OD1 1 
ATOM   517  N ND2 . ASN A 1 68  ? -4.529  -10.725 12.480  1.00 23.80 ? 69  ASN A ND2 1 
ATOM   518  N N   . HIS A 1 69  ? -5.604  -10.853 6.855   1.00 15.61 ? 70  HIS A N   1 
ATOM   519  C CA  . HIS A 1 69  ? -6.444  -10.609 5.721   1.00 18.06 ? 70  HIS A CA  1 
ATOM   520  C C   . HIS A 1 69  ? -7.684  -9.786  6.023   1.00 18.02 ? 70  HIS A C   1 
ATOM   521  O O   . HIS A 1 69  ? -8.638  -9.804  5.238   1.00 17.56 ? 70  HIS A O   1 
ATOM   522  C CB  . HIS A 1 69  ? -6.774  -11.891 4.989   1.00 19.79 ? 70  HIS A CB  1 
ATOM   523  C CG  . HIS A 1 69  ? -5.564  -12.650 4.657   1.00 20.95 ? 70  HIS A CG  1 
ATOM   524  N ND1 . HIS A 1 69  ? -4.717  -12.255 3.620   1.00 21.35 ? 70  HIS A ND1 1 
ATOM   525  C CD2 . HIS A 1 69  ? -5.006  -13.744 5.222   1.00 24.04 ? 70  HIS A CD2 1 
ATOM   526  C CE1 . HIS A 1 69  ? -3.721  -13.114 3.533   1.00 21.26 ? 70  HIS A CE1 1 
ATOM   527  N NE2 . HIS A 1 69  ? -3.863  -14.020 4.493   1.00 23.29 ? 70  HIS A NE2 1 
ATOM   528  N N   . ASN A 1 70  ? -7.603  -8.954  7.083   1.00 15.74 ? 71  ASN A N   1 
ATOM   529  C CA  . ASN A 1 70  ? -8.767  -8.210  7.487   1.00 15.80 ? 71  ASN A CA  1 
ATOM   530  C C   . ASN A 1 70  ? -8.550  -6.851  8.130   1.00 16.59 ? 71  ASN A C   1 
ATOM   531  O O   . ASN A 1 70  ? -9.505  -6.311  8.706   1.00 16.15 ? 71  ASN A O   1 
ATOM   532  C CB  . ASN A 1 70  ? -9.604  -9.099  8.406   1.00 16.96 ? 71  ASN A CB  1 
ATOM   533  C CG  . ASN A 1 70  ? -8.963  -9.368  9.729   1.00 16.87 ? 71  ASN A CG  1 
ATOM   534  O OD1 . ASN A 1 70  ? -7.943  -8.777  10.171  1.00 16.47 ? 71  ASN A OD1 1 
ATOM   535  N ND2 . ASN A 1 70  ? -9.571  -10.285 10.434  1.00 19.93 ? 71  ASN A ND2 1 
ATOM   536  N N   . GLY A 1 71  ? -7.340  -6.305  8.073   1.00 13.14 ? 72  GLY A N   1 
ATOM   537  C CA  . GLY A 1 71  ? -7.063  -5.038  8.674   1.00 12.71 ? 72  GLY A CA  1 
ATOM   538  C C   . GLY A 1 71  ? -6.619  -5.007  10.102  1.00 13.25 ? 72  GLY A C   1 
ATOM   539  O O   . GLY A 1 71  ? -6.257  -3.942  10.628  1.00 14.72 ? 72  GLY A O   1 
ATOM   540  N N   . THR A 1 72  ? -6.542  -6.213  10.729  1.00 14.25 ? 73  THR A N   1 
ATOM   541  C CA  . THR A 1 72  ? -5.987  -6.301  12.051  1.00 15.16 ? 73  THR A CA  1 
ATOM   542  C C   . THR A 1 72  ? -4.546  -6.560  12.131  1.00 16.77 ? 73  THR A C   1 
ATOM   543  O O   . THR A 1 72  ? -3.980  -6.333  13.211  1.00 19.61 ? 73  THR A O   1 
ATOM   544  C CB  . THR A 1 72  ? -6.717  -7.346  12.907  1.00 15.36 ? 73  THR A CB  1 
ATOM   545  O OG1 . THR A 1 72  ? -6.652  -8.647  12.300  1.00 15.01 ? 73  THR A OG1 1 
ATOM   546  C CG2 . THR A 1 72  ? -8.158  -6.923  12.920  1.00 17.93 ? 73  THR A CG2 1 
ATOM   547  N N   . GLY A 1 73  ? -3.944  -7.139  11.082  1.00 15.60 ? 74  GLY A N   1 
ATOM   548  C CA  . GLY A 1 73  ? -2.587  -7.634  11.182  1.00 16.49 ? 74  GLY A CA  1 
ATOM   549  C C   . GLY A 1 73  ? -1.555  -7.058  10.217  1.00 17.02 ? 74  GLY A C   1 
ATOM   550  O O   . GLY A 1 73  ? -1.608  -5.899  9.874   1.00 16.80 ? 74  GLY A O   1 
ATOM   551  N N   . GLY A 1 74  ? -0.657  -7.925  9.797   1.00 20.62 ? 75  GLY A N   1 
ATOM   552  C CA  . GLY A 1 74  ? 0.616   -7.532  9.108   1.00 18.17 ? 75  GLY A CA  1 
ATOM   553  C C   . GLY A 1 74  ? 1.825   -7.437  10.040  1.00 18.83 ? 75  GLY A C   1 
ATOM   554  O O   . GLY A 1 74  ? 1.749   -7.504  11.309  1.00 17.30 ? 75  GLY A O   1 
ATOM   555  N N   . LYS A 1 75  ? 2.998   -7.316  9.427   1.00 15.59 ? 76  LYS A N   1 
ATOM   556  C CA  . LYS A 1 75  ? 4.236   -7.151  10.186  1.00 16.64 ? 76  LYS A CA  1 
ATOM   557  C C   . LYS A 1 75  ? 5.246   -6.581  9.227   1.00 15.19 ? 76  LYS A C   1 
ATOM   558  O O   . LYS A 1 75  ? 5.143   -6.771  7.988   1.00 12.29 ? 76  LYS A O   1 
ATOM   559  C CB  . LYS A 1 75  ? 4.772   -8.445  10.766  1.00 19.08 ? 76  LYS A CB  1 
ATOM   560  C CG  . LYS A 1 75  ? 5.088   -9.521  9.769   1.00 19.72 ? 76  LYS A CG  1 
ATOM   561  C CD  . LYS A 1 75  ? 5.611   -10.793 10.416  1.00 24.80 ? 76  LYS A CD  1 
ATOM   562  C CE  . LYS A 1 75  ? 5.846   -11.821 9.377   1.00 25.95 ? 76  LYS A CE  1 
ATOM   563  N NZ  . LYS A 1 75  ? 6.282   -13.122 9.929   1.00 27.43 ? 76  LYS A NZ  1 
ATOM   564  N N   . SER A 1 76  ? 6.230   -5.926  9.802   1.00 12.20 ? 77  SER A N   1 
ATOM   565  C CA  . SER A 1 76  ? 7.291   -5.351  8.976   1.00 12.32 ? 77  SER A CA  1 
ATOM   566  C C   . SER A 1 76  ? 8.477   -6.300  8.869   1.00 11.76 ? 77  SER A C   1 
ATOM   567  O O   . SER A 1 76  ? 8.601   -7.370  9.565   1.00 11.20 ? 77  SER A O   1 
ATOM   568  C CB  . SER A 1 76  ? 7.757   -4.027  9.544   1.00 12.06 ? 77  SER A CB  1 
ATOM   569  O OG  . SER A 1 76  ? 8.613   -4.164  10.654  1.00 12.93 ? 77  SER A OG  1 
ATOM   570  N N   . ILE A 1 77  ? 9.450   -5.878  8.071   1.00 11.20 ? 78  ILE A N   1 
ATOM   571  C CA  . ILE A 1 77  ? 10.653  -6.673  7.919   1.00 10.76 ? 78  ILE A CA  1 
ATOM   572  C C   . ILE A 1 77  ? 11.513  -6.518  9.188   1.00 12.87 ? 78  ILE A C   1 
ATOM   573  O O   . ILE A 1 77  ? 12.512  -7.279  9.351   1.00 13.69 ? 78  ILE A O   1 
ATOM   574  C CB  . ILE A 1 77  ? 11.478  -6.197  6.682   1.00 11.47 ? 78  ILE A CB  1 
ATOM   575  C CG1 . ILE A 1 77  ? 12.031  -4.773  6.781   1.00 11.71 ? 78  ILE A CG1 1 
ATOM   576  C CG2 . ILE A 1 77  ? 10.608  -6.404  5.450   1.00 11.39 ? 78  ILE A CG2 1 
ATOM   577  C CD1 . ILE A 1 77  ? 13.009  -4.456  5.639   1.00 12.99 ? 78  ILE A CD1 1 
ATOM   578  N N   . TYR A 1 78  ? 11.190  -5.565  10.037  1.00 10.69 ? 79  TYR A N   1 
ATOM   579  C CA  . TYR A 1 78  ? 12.005  -5.225  11.209  1.00 12.17 ? 79  TYR A CA  1 
ATOM   580  C C   . TYR A 1 78  ? 11.516  -5.970  12.476  1.00 13.45 ? 79  TYR A C   1 
ATOM   581  O O   . TYR A 1 78  ? 12.287  -6.107  13.432  1.00 14.64 ? 79  TYR A O   1 
ATOM   582  C CB  . TYR A 1 78  ? 12.040  -3.762  11.547  1.00 10.74 ? 79  TYR A CB  1 
ATOM   583  C CG  . TYR A 1 78  ? 12.406  -2.903  10.330  1.00 11.19 ? 79  TYR A CG  1 
ATOM   584  C CD1 . TYR A 1 78  ? 13.662  -2.985  9.792   1.00 12.33 ? 79  TYR A CD1 1 
ATOM   585  C CD2 . TYR A 1 78  ? 11.490  -2.072  9.736   1.00 11.09 ? 79  TYR A CD2 1 
ATOM   586  C CE1 . TYR A 1 78  ? 14.012  -2.282  8.645   1.00 12.05 ? 79  TYR A CE1 1 
ATOM   587  C CE2 . TYR A 1 78  ? 11.848  -1.247  8.614   1.00 11.66 ? 79  TYR A CE2 1 
ATOM   588  C CZ  . TYR A 1 78  ? 13.093  -1.375  8.071   1.00 12.50 ? 79  TYR A CZ  1 
ATOM   589  O OH  . TYR A 1 78  ? 13.581  -0.652  6.954   1.00 12.13 ? 79  TYR A OH  1 
ATOM   590  N N   . GLY A 1 79  ? 10.285  -6.421  12.436  1.00 11.79 ? 80  GLY A N   1 
ATOM   591  C CA  . GLY A 1 79  ? 9.548   -6.806  13.635  1.00 13.07 ? 80  GLY A CA  1 
ATOM   592  C C   . GLY A 1 79  ? 8.108   -6.492  13.438  1.00 13.75 ? 80  GLY A C   1 
ATOM   593  O O   . GLY A 1 79  ? 7.631   -6.159  12.324  1.00 13.23 ? 80  GLY A O   1 
ATOM   594  N N   . SER A 1 80  ? 7.349   -6.565  14.502  1.00 12.72 ? 81  SER A N   1 
ATOM   595  C CA  . SER A 1 80  ? 5.906   -6.390  14.305  1.00 13.95 ? 81  SER A CA  1 
ATOM   596  C C   . SER A 1 80  ? 5.500   -4.989  13.910  1.00 16.64 ? 81  SER A C   1 
ATOM   597  O O   . SER A 1 80  ? 4.616   -4.841  13.041  1.00 16.97 ? 81  SER A O   1 
ATOM   598  C CB  . SER A 1 80  ? 5.093   -6.933  15.536  1.00 16.29 ? 81  SER A CB  1 
ATOM   599  O OG  . SER A 1 80  ? 5.243   -6.159  16.652  1.00 22.13 ? 81  SER A OG  1 
ATOM   600  N N   . ARG A 1 81  ? 6.145   -3.969  14.496  1.00 14.11 ? 82  ARG A N   1 
ATOM   601  C CA  . ARG A 1 81  ? 5.863   -2.577  14.256  1.00 14.87 ? 82  ARG A CA  1 
ATOM   602  C C   . ARG A 1 81  ? 7.143   -1.793  14.264  1.00 14.51 ? 82  ARG A C   1 
ATOM   603  O O   . ARG A 1 81  ? 8.157   -2.248  14.834  1.00 13.45 ? 82  ARG A O   1 
ATOM   604  C CB  . ARG A 1 81  ? 4.924   -2.024  15.345  1.00 20.52 ? 82  ARG A CB  1 
ATOM   605  C CG  . ARG A 1 81  ? 3.486   -2.429  15.030  1.00 25.48 ? 82  ARG A CG  1 
ATOM   606  C CD  . ARG A 1 81  ? 2.547   -2.854  16.164  1.00 31.46 ? 82  ARG A CD  1 
ATOM   607  N NE  . ARG A 1 81  ? 3.051   -2.393  17.478  1.00 34.65 ? 82  ARG A NE  1 
ATOM   608  C CZ  . ARG A 1 81  ? 2.288   -1.899  18.451  1.00 28.81 ? 82  ARG A CZ  1 
ATOM   609  N NH1 . ARG A 1 81  ? 0.982   -1.854  18.281  1.00 26.62 ? 82  ARG A NH1 1 
ATOM   610  N NH2 . ARG A 1 81  ? 2.857   -1.445  19.569  1.00 27.76 ? 82  ARG A NH2 1 
ATOM   611  N N   . PHE A 1 82  ? 7.133   -0.687  13.541  1.00 12.05 ? 83  PHE A N   1 
ATOM   612  C CA  . PHE A 1 82  ? 8.257   0.219   13.575  1.00 11.24 ? 83  PHE A CA  1 
ATOM   613  C C   . PHE A 1 82  ? 7.843   1.659   13.640  1.00 11.83 ? 83  PHE A C   1 
ATOM   614  O O   . PHE A 1 82  ? 6.712   2.005   13.296  1.00 10.16 ? 83  PHE A O   1 
ATOM   615  C CB  . PHE A 1 82  ? 9.272   -0.086  12.449  1.00 11.49 ? 83  PHE A CB  1 
ATOM   616  C CG  . PHE A 1 82  ? 8.759   0.223   11.043  1.00 10.33 ? 83  PHE A CG  1 
ATOM   617  C CD1 . PHE A 1 82  ? 7.855   -0.656  10.374  1.00 9.45  ? 83  PHE A CD1 1 
ATOM   618  C CD2 . PHE A 1 82  ? 9.208   1.324   10.368  1.00 10.31 ? 83  PHE A CD2 1 
ATOM   619  C CE1 . PHE A 1 82  ? 7.433   -0.394  9.073   1.00 9.12  ? 83  PHE A CE1 1 
ATOM   620  C CE2 . PHE A 1 82  ? 8.739   1.616   9.070   1.00 10.72 ? 83  PHE A CE2 1 
ATOM   621  C CZ  . PHE A 1 82  ? 7.900   0.736   8.407   1.00 9.66  ? 83  PHE A CZ  1 
ATOM   622  N N   . PRO A 1 83  ? 8.747   2.534   14.096  1.00 10.95 ? 84  PRO A N   1 
ATOM   623  C CA  . PRO A 1 83  ? 8.350   3.898   14.341  1.00 12.13 ? 84  PRO A CA  1 
ATOM   624  C C   . PRO A 1 83  ? 7.981   4.686   13.074  1.00 12.11 ? 84  PRO A C   1 
ATOM   625  O O   . PRO A 1 83  ? 8.399   4.301   11.959  1.00 13.36 ? 84  PRO A O   1 
ATOM   626  C CB  . PRO A 1 83  ? 9.599   4.569   14.977  1.00 13.02 ? 84  PRO A CB  1 
ATOM   627  C CG  . PRO A 1 83  ? 10.410  3.419   15.446  1.00 13.00 ? 84  PRO A CG  1 
ATOM   628  C CD  . PRO A 1 83  ? 10.138  2.288   14.558  1.00 12.70 ? 84  PRO A CD  1 
ATOM   629  N N   . ASP A 1 84  ? 7.272   5.772   13.333  1.00 11.95 ? 85  ASP A N   1 
ATOM   630  C CA  . ASP A 1 84  ? 7.013   6.780   12.294  1.00 12.56 ? 85  ASP A CA  1 
ATOM   631  C C   . ASP A 1 84  ? 8.311   7.466   11.917  1.00 12.92 ? 85  ASP A C   1 
ATOM   632  O O   . ASP A 1 84  ? 8.946   8.097   12.773  1.00 11.10 ? 85  ASP A O   1 
ATOM   633  C CB  . ASP A 1 84  ? 5.987   7.813   12.716  1.00 12.64 ? 85  ASP A CB  1 
ATOM   634  C CG  . ASP A 1 84  ? 4.618   7.230   13.010  1.00 12.97 ? 85  ASP A CG  1 
ATOM   635  O OD1 . ASP A 1 84  ? 4.126   6.450   12.179  1.00 13.78 ? 85  ASP A OD1 1 
ATOM   636  O OD2 . ASP A 1 84  ? 4.001   7.716   14.023  1.00 13.68 ? 85  ASP A OD2 1 
ATOM   637  N N   . GLU A 1 85  ? 8.759   7.275   10.678  1.00 11.26 ? 86  GLU A N   1 
ATOM   638  C CA  . GLU A 1 85  ? 10.046  7.746   10.265  1.00 11.53 ? 86  GLU A CA  1 
ATOM   639  C C   . GLU A 1 85  ? 10.152  9.270   10.210  1.00 12.96 ? 86  GLU A C   1 
ATOM   640  O O   . GLU A 1 85  ? 11.069  9.886   10.856  1.00 13.35 ? 86  GLU A O   1 
ATOM   641  C CB  . GLU A 1 85  ? 10.452  7.063   8.982   1.00 12.73 ? 86  GLU A CB  1 
ATOM   642  C CG  . GLU A 1 85  ? 11.901  7.337   8.563   1.00 13.10 ? 86  GLU A CG  1 
ATOM   643  C CD  . GLU A 1 85  ? 12.332  6.445   7.430   1.00 14.50 ? 86  GLU A CD  1 
ATOM   644  O OE1 . GLU A 1 85  ? 11.450  5.868   6.732   1.00 12.23 ? 86  GLU A OE1 1 
ATOM   645  O OE2 . GLU A 1 85  ? 13.598  6.348   7.218   1.00 13.94 ? 86  GLU A OE2 1 
ATOM   646  N N   . ASN A 1 86  ? 9.256   9.911   9.484   1.00 11.85 ? 87  ASN A N   1 
ATOM   647  C CA  . ASN A 1 86  ? 9.087   11.332  9.487   1.00 13.07 ? 87  ASN A CA  1 
ATOM   648  C C   . ASN A 1 86  ? 7.803   11.640  8.793   1.00 12.60 ? 87  ASN A C   1 
ATOM   649  O O   . ASN A 1 86  ? 7.155   10.722  8.303   1.00 14.24 ? 87  ASN A O   1 
ATOM   650  C CB  . ASN A 1 86  ? 10.241  12.081  8.820   1.00 12.30 ? 87  ASN A CB  1 
ATOM   651  C CG  . ASN A 1 86  ? 10.432  11.711  7.373   1.00 11.70 ? 87  ASN A CG  1 
ATOM   652  O OD1 . ASN A 1 86  ? 9.511   11.840  6.518   1.00 11.22 ? 87  ASN A OD1 1 
ATOM   653  N ND2 . ASN A 1 86  ? 11.612  11.262  7.070   1.00 11.33 ? 87  ASN A ND2 1 
ATOM   654  N N   . PHE A 1 87  ? 7.390   12.887  8.832   1.00 12.27 ? 88  PHE A N   1 
ATOM   655  C CA  . PHE A 1 87  ? 6.129   13.230  8.099   1.00 12.58 ? 88  PHE A CA  1 
ATOM   656  C C   . PHE A 1 87  ? 6.416   14.289  7.005   1.00 13.07 ? 88  PHE A C   1 
ATOM   657  O O   . PHE A 1 87  ? 5.644   15.248  6.796   1.00 14.77 ? 88  PHE A O   1 
ATOM   658  C CB  . PHE A 1 87  ? 5.030   13.696  9.003   1.00 13.19 ? 88  PHE A CB  1 
ATOM   659  C CG  . PHE A 1 87  ? 4.640   12.687  10.048  1.00 12.74 ? 88  PHE A CG  1 
ATOM   660  C CD1 . PHE A 1 87  ? 3.889   11.594  9.659   1.00 13.39 ? 88  PHE A CD1 1 
ATOM   661  C CD2 . PHE A 1 87  ? 5.014   12.806  11.390  1.00 14.16 ? 88  PHE A CD2 1 
ATOM   662  C CE1 . PHE A 1 87  ? 3.502   10.594  10.590  1.00 13.28 ? 88  PHE A CE1 1 
ATOM   663  C CE2 . PHE A 1 87  ? 4.671   11.822  12.322  1.00 13.41 ? 88  PHE A CE2 1 
ATOM   664  C CZ  . PHE A 1 87  ? 3.905   10.692  11.922  1.00 12.10 ? 88  PHE A CZ  1 
ATOM   665  N N   . THR A 1 88  ? 7.580   14.156  6.416   1.00 12.75 ? 89  THR A N   1 
ATOM   666  C CA  . THR A 1 88  ? 8.034   15.176  5.441   1.00 13.45 ? 89  THR A CA  1 
ATOM   667  C C   . THR A 1 88  ? 7.143   15.247  4.204   1.00 14.74 ? 89  THR A C   1 
ATOM   668  O O   . THR A 1 88  ? 6.772   16.314  3.738   1.00 13.72 ? 89  THR A O   1 
ATOM   669  C CB  . THR A 1 88  ? 9.479   14.846  5.066   1.00 13.94 ? 89  THR A CB  1 
ATOM   670  O OG1 . THR A 1 88  ? 10.248  14.979  6.276   1.00 12.67 ? 89  THR A OG1 1 
ATOM   671  C CG2 . THR A 1 88  ? 9.992   15.850  4.053   1.00 14.76 ? 89  THR A CG2 1 
ATOM   672  N N   . LEU A 1 89  ? 6.853   14.076  3.677   1.00 12.46 ? 90  LEU A N   1 
ATOM   673  C CA  . LEU A 1 89  ? 5.955   13.945  2.496   1.00 12.20 ? 90  LEU A CA  1 
ATOM   674  C C   . LEU A 1 89  ? 4.512   14.022  2.922   1.00 14.24 ? 90  LEU A C   1 
ATOM   675  O O   . LEU A 1 89  ? 4.115   13.535  4.026   1.00 15.78 ? 90  LEU A O   1 
ATOM   676  C CB  . LEU A 1 89  ? 6.237   12.673  1.768   1.00 13.41 ? 90  LEU A CB  1 
ATOM   677  C CG  . LEU A 1 89  ? 7.629   12.529  1.153   1.00 13.89 ? 90  LEU A CG  1 
ATOM   678  C CD1 . LEU A 1 89  ? 7.898   11.140  0.651   1.00 13.90 ? 90  LEU A CD1 1 
ATOM   679  C CD2 . LEU A 1 89  ? 7.849   13.550  0.024   1.00 17.06 ? 90  LEU A CD2 1 
ATOM   680  N N   . LYS A 1 90  ? 3.708   14.683  2.090   1.00 14.36 ? 91  LYS A N   1 
ATOM   681  C CA  . LYS A 1 90  ? 2.310   14.979  2.423   1.00 12.50 ? 91  LYS A CA  1 
ATOM   682  C C   . LYS A 1 90  ? 1.356   14.272  1.509   1.00 11.37 ? 91  LYS A C   1 
ATOM   683  O O   . LYS A 1 90  ? 1.709   13.829  0.440   1.00 12.58 ? 91  LYS A O   1 
ATOM   684  C CB  . LYS A 1 90  ? 2.022   16.497  2.416   1.00 14.58 ? 91  LYS A CB  1 
ATOM   685  C CG  . LYS A 1 90  ? 2.972   17.353  3.254   1.00 15.90 ? 91  LYS A CG  1 
ATOM   686  C CD  . LYS A 1 90  ? 3.049   16.983  4.705   1.00 17.70 ? 91  LYS A CD  1 
ATOM   687  C CE  . LYS A 1 90  ? 4.032   17.858  5.431   1.00 19.41 ? 91  LYS A CE  1 
ATOM   688  N NZ  . LYS A 1 90  ? 4.173   17.486  6.868   1.00 24.25 ? 91  LYS A NZ  1 
ATOM   689  N N   . HIS A 1 91  ? 0.101   14.233  1.923   1.00 12.30 ? 92  HIS A N   1 
ATOM   690  C CA  . HIS A 1 91  ? -0.963  13.535  1.184   1.00 11.23 ? 92  HIS A CA  1 
ATOM   691  C C   . HIS A 1 91  ? -1.567  14.537  0.181   1.00 13.91 ? 92  HIS A C   1 
ATOM   692  O O   . HIS A 1 91  ? -2.520  15.216  0.482   1.00 14.92 ? 92  HIS A O   1 
ATOM   693  C CB  . HIS A 1 91  ? -2.040  13.059  2.134   1.00 11.68 ? 92  HIS A CB  1 
ATOM   694  C CG  . HIS A 1 91  ? -1.576  12.000  3.078   1.00 10.55 ? 92  HIS A CG  1 
ATOM   695  N ND1 . HIS A 1 91  ? -0.929  12.303  4.253   1.00 10.65 ? 92  HIS A ND1 1 
ATOM   696  C CD2 . HIS A 1 91  ? -1.700  10.647  3.032   1.00 10.87 ? 92  HIS A CD2 1 
ATOM   697  C CE1 . HIS A 1 91  ? -0.649  11.161  4.874   1.00 11.30 ? 92  HIS A CE1 1 
ATOM   698  N NE2 . HIS A 1 91  ? -1.078  10.152  4.141   1.00 12.35 ? 92  HIS A NE2 1 
ATOM   699  N N   . VAL A 1 92  ? -0.862  14.688  -0.933  1.00 14.48 ? 93  VAL A N   1 
ATOM   700  C CA  . VAL A 1 92  ? -1.097  15.846  -1.832  1.00 16.24 ? 93  VAL A CA  1 
ATOM   701  C C   . VAL A 1 92  ? -2.159  15.612  -2.903  1.00 16.32 ? 93  VAL A C   1 
ATOM   702  O O   . VAL A 1 92  ? -2.608  16.555  -3.544  1.00 17.28 ? 93  VAL A O   1 
ATOM   703  C CB  . VAL A 1 92  ? 0.204   16.252  -2.511  1.00 14.83 ? 93  VAL A CB  1 
ATOM   704  C CG1 . VAL A 1 92  ? 1.259   16.759  -1.491  1.00 17.45 ? 93  VAL A CG1 1 
ATOM   705  C CG2 . VAL A 1 92  ? 0.756   15.127  -3.364  1.00 16.12 ? 93  VAL A CG2 1 
ATOM   706  N N   . GLY A 1 93  ? -2.555  14.377  -3.125  1.00 14.23 ? 94  GLY A N   1 
ATOM   707  C CA  . GLY A 1 93  ? -3.542  14.053  -4.127  1.00 14.82 ? 94  GLY A CA  1 
ATOM   708  C C   . GLY A 1 93  ? -3.706  12.592  -4.316  1.00 14.46 ? 94  GLY A C   1 
ATOM   709  O O   . GLY A 1 93  ? -3.083  11.745  -3.591  1.00 14.29 ? 94  GLY A O   1 
ATOM   710  N N   . PRO A 1 94  ? -4.450  12.206  -5.361  1.00 13.68 ? 95  PRO A N   1 
ATOM   711  C CA  . PRO A 1 94  ? -4.526  10.847  -5.735  1.00 13.41 ? 95  PRO A CA  1 
ATOM   712  C C   . PRO A 1 94  ? -3.182  10.265  -6.168  1.00 13.65 ? 95  PRO A C   1 
ATOM   713  O O   . PRO A 1 94  ? -2.367  11.004  -6.711  1.00 13.40 ? 95  PRO A O   1 
ATOM   714  C CB  . PRO A 1 94  ? -5.491  10.827  -6.949  1.00 15.61 ? 95  PRO A CB  1 
ATOM   715  C CG  . PRO A 1 94  ? -6.021  12.167  -7.057  1.00 17.62 ? 95  PRO A CG  1 
ATOM   716  C CD  . PRO A 1 94  ? -5.211  13.126  -6.284  1.00 15.74 ? 95  PRO A CD  1 
ATOM   717  N N   . GLY A 1 95  ? -2.977  9.001   -5.809  1.00 10.79 ? 96  GLY A N   1 
ATOM   718  C CA  . GLY A 1 95  ? -1.819  8.163   -6.146  1.00 11.42 ? 96  GLY A CA  1 
ATOM   719  C C   . GLY A 1 95  ? -0.737  8.175   -5.091  1.00 10.84 ? 96  GLY A C   1 
ATOM   720  O O   . GLY A 1 95  ? 0.293   7.560   -5.270  1.00 10.32 ? 96  GLY A O   1 
ATOM   721  N N   . VAL A 1 96  ? -0.942  8.975   -4.042  1.00 10.25 ? 97  VAL A N   1 
ATOM   722  C CA  . VAL A 1 96  ? -0.049  8.948   -2.866  1.00 11.13 ? 97  VAL A CA  1 
ATOM   723  C C   . VAL A 1 96  ? -0.120  7.550   -2.240  1.00 10.28 ? 97  VAL A C   1 
ATOM   724  O O   . VAL A 1 96  ? -1.189  6.986   -2.062  1.00 9.82  ? 97  VAL A O   1 
ATOM   725  C CB  . VAL A 1 96  ? -0.460  10.020  -1.848  1.00 11.20 ? 97  VAL A CB  1 
ATOM   726  C CG1 . VAL A 1 96  ? 0.180   9.779   -0.461  1.00 11.10 ? 97  VAL A CG1 1 
ATOM   727  C CG2 . VAL A 1 96  ? -0.072  11.382  -2.325  1.00 12.43 ? 97  VAL A CG2 1 
ATOM   728  N N   . LEU A 1 97  ? 1.056   7.041   -1.925  1.00 9.85  ? 98  LEU A N   1 
ATOM   729  C CA  . LEU A 1 97  ? 1.300   5.789   -1.185  1.00 9.41  ? 98  LEU A CA  1 
ATOM   730  C C   . LEU A 1 97  ? 1.758   6.106   0.266   1.00 9.42  ? 98  LEU A C   1 
ATOM   731  O O   . LEU A 1 97  ? 2.738   6.825   0.494   1.00 10.13 ? 98  LEU A O   1 
ATOM   732  C CB  . LEU A 1 97  ? 2.357   4.967   -1.910  1.00 9.45  ? 98  LEU A CB  1 
ATOM   733  C CG  . LEU A 1 97  ? 2.846   3.677   -1.266  1.00 10.42 ? 98  LEU A CG  1 
ATOM   734  C CD1 . LEU A 1 97  ? 1.767   2.587   -1.363  1.00 11.24 ? 98  LEU A CD1 1 
ATOM   735  C CD2 . LEU A 1 97  ? 4.067   3.092   -1.988  1.00 11.48 ? 98  LEU A CD2 1 
ATOM   736  N N   . SER A 1 98  ? 0.998   5.587   1.240   1.00 8.74  ? 99  SER A N   1 
ATOM   737  C CA  . SER A 1 98  ? 1.134   5.974   2.633   1.00 8.40  ? 99  SER A CA  1 
ATOM   738  C C   . SER A 1 98  ? 0.912   4.757   3.543   1.00 9.78  ? 99  SER A C   1 
ATOM   739  O O   . SER A 1 98  ? 0.254   3.746   3.147   1.00 8.20  ? 99  SER A O   1 
ATOM   740  C CB  . SER A 1 98  ? 0.158   7.129   2.955   1.00 9.40  ? 99  SER A CB  1 
ATOM   741  O OG  . SER A 1 98  ? 0.317   7.651   4.247   1.00 9.84  ? 99  SER A OG  1 
ATOM   742  N N   . MET A 1 99  ? 1.514   4.817   4.726   1.00 9.19  ? 100 MET A N   1 
ATOM   743  C CA  . MET A 1 99  ? 1.348   3.699   5.679   1.00 9.40  ? 100 MET A CA  1 
ATOM   744  C C   . MET A 1 99  ? 0.063   3.812   6.480   1.00 8.81  ? 100 MET A C   1 
ATOM   745  O O   . MET A 1 99  ? -0.192  4.830   7.125   1.00 9.85  ? 100 MET A O   1 
ATOM   746  C CB  . MET A 1 99  ? 2.470   3.704   6.677   1.00 9.16  ? 100 MET A CB  1 
ATOM   747  C CG  . MET A 1 99  ? 3.768   3.168   6.034   1.00 9.11  ? 100 MET A CG  1 
ATOM   748  S SD  . MET A 1 99  ? 3.848   1.633   5.214   1.00 10.60 ? 100 MET A SD  1 
ATOM   749  C CE  . MET A 1 99  ? 3.914   0.518   6.663   1.00 10.46 ? 100 MET A CE  1 
ATOM   750  N N   . ALA A 1 100 ? -0.661  2.708   6.539   1.00 9.29  ? 101 ALA A N   1 
ATOM   751  C CA  . ALA A 1 100 ? -1.786  2.573   7.501   1.00 8.77  ? 101 ALA A CA  1 
ATOM   752  C C   . ALA A 1 100 ? -1.214  2.399   8.896   1.00 9.73  ? 101 ALA A C   1 
ATOM   753  O O   . ALA A 1 100 ? -0.059  1.958   9.070   1.00 11.00 ? 101 ALA A O   1 
ATOM   754  C CB  . ALA A 1 100 ? -2.603  1.291   7.163   1.00 9.47  ? 101 ALA A CB  1 
ATOM   755  N N   . ASN A 1 101 ? -1.986  2.760   9.924   1.00 9.47  ? 102 ASN A N   1 
ATOM   756  C CA  . ASN A 1 101 ? -1.503  2.529   11.271  1.00 10.89 ? 102 ASN A CA  1 
ATOM   757  C C   . ASN A 1 101 ? -2.670  2.464   12.258  1.00 11.16 ? 102 ASN A C   1 
ATOM   758  O O   . ASN A 1 101 ? -3.820  2.633   11.869  1.00 11.34 ? 102 ASN A O   1 
ATOM   759  C CB  . ASN A 1 101 ? -0.449  3.545   11.647  1.00 10.09 ? 102 ASN A CB  1 
ATOM   760  C CG  . ASN A 1 101 ? -0.981  4.941   11.745  1.00 11.33 ? 102 ASN A CG  1 
ATOM   761  O OD1 . ASN A 1 101 ? -2.002  5.143   12.387  1.00 11.23 ? 102 ASN A OD1 1 
ATOM   762  N ND2 . ASN A 1 101 ? -0.268  5.918   11.159  1.00 11.77 ? 102 ASN A ND2 1 
ATOM   763  N N   . ALA A 1 102 ? -2.302  2.088   13.491  1.00 11.67 ? 103 ALA A N   1 
ATOM   764  C CA  . ALA A 1 102 ? -3.242  1.986   14.628  1.00 11.99 ? 103 ALA A CA  1 
ATOM   765  C C   . ALA A 1 102 ? -2.832  3.018   15.698  1.00 14.37 ? 103 ALA A C   1 
ATOM   766  O O   . ALA A 1 102 ? -2.892  2.772   16.914  1.00 15.23 ? 103 ALA A O   1 
ATOM   767  C CB  . ALA A 1 102 ? -3.266  0.569   15.168  1.00 11.43 ? 103 ALA A CB  1 
ATOM   768  N N   . GLY A 1 103 ? -2.363  4.180   15.238  1.00 12.37 ? 104 GLY A N   1 
ATOM   769  C CA  . GLY A 1 103 ? -1.810  5.156   16.149  1.00 12.68 ? 104 GLY A CA  1 
ATOM   770  C C   . GLY A 1 103 ? -0.349  5.446   15.908  1.00 12.63 ? 104 GLY A C   1 
ATOM   771  O O   . GLY A 1 103 ? 0.338   4.822   15.041  1.00 11.53 ? 104 GLY A O   1 
ATOM   772  N N   . PRO A 1 104 ? 0.195   6.382   16.701  1.00 13.63 ? 105 PRO A N   1 
ATOM   773  C CA  . PRO A 1 104 ? 1.650   6.678   16.560  1.00 14.28 ? 105 PRO A CA  1 
ATOM   774  C C   . PRO A 1 104 ? 2.572   5.493   16.728  1.00 13.74 ? 105 PRO A C   1 
ATOM   775  O O   . PRO A 1 104 ? 2.354   4.658   17.561  1.00 11.77 ? 105 PRO A O   1 
ATOM   776  C CB  . PRO A 1 104 ? 1.904   7.708   17.652  1.00 15.85 ? 105 PRO A CB  1 
ATOM   777  C CG  . PRO A 1 104 ? 0.606   8.339   17.863  1.00 15.70 ? 105 PRO A CG  1 
ATOM   778  C CD  . PRO A 1 104 ? -0.432  7.235   17.719  1.00 15.19 ? 105 PRO A CD  1 
ATOM   779  N N   . ASN A 1 105 ? 3.570   5.404   15.873  1.00 12.33 ? 106 ASN A N   1 
ATOM   780  C CA  . ASN A 1 105 ? 4.576   4.378   15.927  1.00 12.59 ? 106 ASN A CA  1 
ATOM   781  C C   . ASN A 1 105 ? 4.063   2.950   15.872  1.00 11.18 ? 106 ASN A C   1 
ATOM   782  O O   . ASN A 1 105 ? 4.481   2.039   16.638  1.00 12.44 ? 106 ASN A O   1 
ATOM   783  C CB  . ASN A 1 105 ? 5.527   4.647   17.085  1.00 12.37 ? 106 ASN A CB  1 
ATOM   784  C CG  . ASN A 1 105 ? 6.054   6.016   17.035  1.00 13.93 ? 106 ASN A CG  1 
ATOM   785  O OD1 . ASN A 1 105 ? 6.801   6.378   16.136  1.00 11.14 ? 106 ASN A OD1 1 
ATOM   786  N ND2 . ASN A 1 105 ? 5.713   6.801   18.014  1.00 14.20 ? 106 ASN A ND2 1 
ATOM   787  N N   . THR A 1 106 ? 3.147   2.719   14.927  1.00 10.36 ? 107 THR A N   1 
ATOM   788  C CA  . THR A 1 106 ? 2.536   1.381   14.730  1.00 11.68 ? 107 THR A CA  1 
ATOM   789  C C   . THR A 1 106 ? 2.552   0.928   13.260  1.00 11.06 ? 107 THR A C   1 
ATOM   790  O O   . THR A 1 106 ? 1.768   0.043   12.830  1.00 13.40 ? 107 THR A O   1 
ATOM   791  C CB  . THR A 1 106 ? 1.094   1.288   15.241  1.00 13.44 ? 107 THR A CB  1 
ATOM   792  O OG1 . THR A 1 106 ? 0.273   2.242   14.631  1.00 11.41 ? 107 THR A OG1 1 
ATOM   793  C CG2 . THR A 1 106 ? 1.058   1.532   16.754  1.00 14.25 ? 107 THR A CG2 1 
ATOM   794  N N   . ASN A 1 107 ? 3.527   1.395   12.531  1.00 11.20 ? 108 ASN A N   1 
ATOM   795  C CA  . ASN A 1 107 ? 3.690   0.913   11.141  1.00 11.37 ? 108 ASN A CA  1 
ATOM   796  C C   . ASN A 1 107 ? 4.092   -0.530  11.118  1.00 11.73 ? 108 ASN A C   1 
ATOM   797  O O   . ASN A 1 107 ? 4.971   -0.964  11.855  1.00 10.43 ? 108 ASN A O   1 
ATOM   798  C CB  . ASN A 1 107 ? 4.768   1.725   10.413  1.00 11.16 ? 108 ASN A CB  1 
ATOM   799  C CG  . ASN A 1 107 ? 4.455   3.176   10.450  1.00 11.47 ? 108 ASN A CG  1 
ATOM   800  O OD1 . ASN A 1 107 ? 3.585   3.625   9.735   1.00 10.47 ? 108 ASN A OD1 1 
ATOM   801  N ND2 . ASN A 1 107 ? 5.167   3.945   11.333  1.00 12.98 ? 108 ASN A ND2 1 
ATOM   802  N N   . GLY A 1 108 ? 3.464   -1.283  10.207  1.00 11.08 ? 109 GLY A N   1 
ATOM   803  C CA  . GLY A 1 108 ? 3.717   -2.646  9.990   1.00 10.38 ? 109 GLY A CA  1 
ATOM   804  C C   . GLY A 1 108 ? 3.967   -2.928  8.498   1.00 10.87 ? 109 GLY A C   1 
ATOM   805  O O   . GLY A 1 108 ? 5.052   -2.645  7.962   1.00 11.45 ? 109 GLY A O   1 
ATOM   806  N N   . SER A 1 109 ? 2.954   -3.513  7.886   1.00 9.73  ? 110 SER A N   1 
ATOM   807  C CA  . SER A 1 109 ? 2.900   -3.806  6.462   1.00 9.56  ? 110 SER A CA  1 
ATOM   808  C C   . SER A 1 109 ? 1.720   -3.195  5.781   1.00 9.30  ? 110 SER A C   1 
ATOM   809  O O   . SER A 1 109 ? 1.739   -3.025  4.534   1.00 9.06  ? 110 SER A O   1 
ATOM   810  C CB  . SER A 1 109 ? 2.930   -5.294  6.201   1.00 9.84  ? 110 SER A CB  1 
ATOM   811  O OG  . SER A 1 109 ? 1.864   -5.997  6.861   1.00 10.78 ? 110 SER A OG  1 
ATOM   812  N N   . GLN A 1 110 ? 0.662   -2.832  6.519   1.00 8.90  ? 111 GLN A N   1 
ATOM   813  C CA  . GLN A 1 110 ? -0.489  -2.267  5.854   1.00 8.77  ? 111 GLN A CA  1 
ATOM   814  C C   . GLN A 1 110 ? -0.176  -0.883  5.268   1.00 8.90  ? 111 GLN A C   1 
ATOM   815  O O   . GLN A 1 110 ? 0.518   -0.036  5.891   1.00 8.98  ? 111 GLN A O   1 
ATOM   816  C CB  . GLN A 1 110 ? -1.715  -2.219  6.759   1.00 9.23  ? 111 GLN A CB  1 
ATOM   817  C CG  . GLN A 1 110 ? -2.296  -3.580  7.074   1.00 10.10 ? 111 GLN A CG  1 
ATOM   818  C CD  . GLN A 1 110 ? -3.599  -3.421  7.849   1.00 10.68 ? 111 GLN A CD  1 
ATOM   819  O OE1 . GLN A 1 110 ? -4.471  -2.635  7.462   1.00 12.04 ? 111 GLN A OE1 1 
ATOM   820  N NE2 . GLN A 1 110 ? -3.651  -4.034  9.001   1.00 11.49 ? 111 GLN A NE2 1 
ATOM   821  N N   . PHE A 1 111 ? -0.765  -0.669  4.114   1.00 7.61  ? 112 PHE A N   1 
ATOM   822  C CA  . PHE A 1 111 ? -0.582  0.551   3.366   1.00 8.29  ? 112 PHE A CA  1 
ATOM   823  C C   . PHE A 1 111 ? -1.821  0.960   2.614   1.00 7.86  ? 112 PHE A C   1 
ATOM   824  O O   . PHE A 1 111 ? -2.773  0.163   2.454   1.00 8.44  ? 112 PHE A O   1 
ATOM   825  C CB  . PHE A 1 111 ? 0.598   0.387   2.371   1.00 7.98  ? 112 PHE A CB  1 
ATOM   826  C CG  . PHE A 1 111 ? 0.332   -0.584  1.252   1.00 7.99  ? 112 PHE A CG  1 
ATOM   827  C CD1 . PHE A 1 111 ? 0.529   -1.959  1.392   1.00 9.08  ? 112 PHE A CD1 1 
ATOM   828  C CD2 . PHE A 1 111 ? -0.191  -0.126  0.018   1.00 9.12  ? 112 PHE A CD2 1 
ATOM   829  C CE1 . PHE A 1 111 ? 0.348   -2.870  0.370   1.00 8.93  ? 112 PHE A CE1 1 
ATOM   830  C CE2 . PHE A 1 111 ? -0.427  -1.071  -0.999  1.00 8.51  ? 112 PHE A CE2 1 
ATOM   831  C CZ  . PHE A 1 111 ? -0.178  -2.427  -0.852  1.00 8.82  ? 112 PHE A CZ  1 
ATOM   832  N N   . PHE A 1 112 ? -1.801  2.150   2.074   1.00 7.24  ? 113 PHE A N   1 
ATOM   833  C CA  . PHE A 1 112 ? -2.907  2.616   1.230   1.00 8.63  ? 113 PHE A CA  1 
ATOM   834  C C   . PHE A 1 112 ? -2.420  3.457   0.050   1.00 9.04  ? 113 PHE A C   1 
ATOM   835  O O   . PHE A 1 112 ? -1.357  4.102   0.142   1.00 9.91  ? 113 PHE A O   1 
ATOM   836  C CB  . PHE A 1 112 ? -4.037  3.276   2.052   1.00 7.92  ? 113 PHE A CB  1 
ATOM   837  C CG  . PHE A 1 112 ? -3.637  4.518   2.782   1.00 8.77  ? 113 PHE A CG  1 
ATOM   838  C CD1 . PHE A 1 112 ? -2.985  4.476   4.021   1.00 9.46  ? 113 PHE A CD1 1 
ATOM   839  C CD2 . PHE A 1 112 ? -3.904  5.758   2.245   1.00 9.60  ? 113 PHE A CD2 1 
ATOM   840  C CE1 . PHE A 1 112 ? -2.681  5.617   4.693   1.00 10.46 ? 113 PHE A CE1 1 
ATOM   841  C CE2 . PHE A 1 112 ? -3.612  6.915   2.928   1.00 10.56 ? 113 PHE A CE2 1 
ATOM   842  C CZ  . PHE A 1 112 ? -2.929  6.860   4.134   1.00 11.08 ? 113 PHE A CZ  1 
ATOM   843  N N   . ILE A 1 113 ? -3.220  3.396   -1.023  1.00 9.38  ? 114 ILE A N   1 
ATOM   844  C CA  . ILE A 1 113 ? -3.040  4.247   -2.207  1.00 10.46 ? 114 ILE A CA  1 
ATOM   845  C C   . ILE A 1 113 ? -4.259  5.149   -2.274  1.00 10.12 ? 114 ILE A C   1 
ATOM   846  O O   . ILE A 1 113 ? -5.441  4.674   -2.341  1.00 10.21 ? 114 ILE A O   1 
ATOM   847  C CB  . ILE A 1 113 ? -2.826  3.459   -3.521  1.00 11.31 ? 114 ILE A CB  1 
ATOM   848  C CG1 . ILE A 1 113 ? -1.713  2.414   -3.378  1.00 11.95 ? 114 ILE A CG1 1 
ATOM   849  C CG2 . ILE A 1 113 ? -2.585  4.461   -4.642  1.00 11.32 ? 114 ILE A CG2 1 
ATOM   850  C CD1 . ILE A 1 113 ? -1.716  1.391   -4.466  1.00 12.62 ? 114 ILE A CD1 1 
ATOM   851  N N   . CYS A 1 114 ? -4.007  6.437   -2.229  1.00 9.50  ? 115 CYS A N   1 
ATOM   852  C CA  . CYS A 1 114 ? -5.041  7.449   -2.182  1.00 10.71 ? 115 CYS A CA  1 
ATOM   853  C C   . CYS A 1 114 ? -5.718  7.600   -3.547  1.00 11.42 ? 115 CYS A C   1 
ATOM   854  O O   . CYS A 1 114 ? -5.075  7.486   -4.583  1.00 12.23 ? 115 CYS A O   1 
ATOM   855  C CB  . CYS A 1 114 ? -4.529  8.794   -1.771  1.00 10.42 ? 115 CYS A CB  1 
ATOM   856  S SG  . CYS A 1 114 ? -3.768  8.771   -0.125  1.00 13.12 ? 115 CYS A SG  1 
ATOM   857  N N   . THR A 1 115 ? -7.024  7.818   -3.530  1.00 10.21 ? 116 THR A N   1 
ATOM   858  C CA  . THR A 1 115 ? -7.745  8.123   -4.801  1.00 12.81 ? 116 THR A CA  1 
ATOM   859  C C   . THR A 1 115 ? -8.319  9.529   -4.769  1.00 13.29 ? 116 THR A C   1 
ATOM   860  O O   . THR A 1 115 ? -9.031  9.948   -5.706  1.00 14.32 ? 116 THR A O   1 
ATOM   861  C CB  . THR A 1 115 ? -8.876  7.097   -5.061  1.00 12.58 ? 116 THR A CB  1 
ATOM   862  O OG1 . THR A 1 115 ? -9.751  7.064   -3.952  1.00 14.76 ? 116 THR A OG1 1 
ATOM   863  C CG2 . THR A 1 115 ? -8.329  5.716   -5.286  1.00 13.66 ? 116 THR A CG2 1 
ATOM   864  N N   . ILE A 1 116 ? -7.976  10.276  -3.740  1.00 14.06 ? 117 ILE A N   1 
ATOM   865  C CA  . ILE A 1 116 ? -8.253  11.701  -3.598  1.00 15.00 ? 117 ILE A CA  1 
ATOM   866  C C   . ILE A 1 116 ? -7.124  12.291  -2.756  1.00 14.67 ? 117 ILE A C   1 
ATOM   867  O O   . ILE A 1 116 ? -6.367  11.561  -2.138  1.00 13.13 ? 117 ILE A O   1 
ATOM   868  C CB  . ILE A 1 116 ? -9.560  11.991  -2.857  1.00 18.90 ? 117 ILE A CB  1 
ATOM   869  C CG1 . ILE A 1 116 ? -9.527  11.557  -1.388  1.00 18.44 ? 117 ILE A CG1 1 
ATOM   870  C CG2 . ILE A 1 116 ? -10.723 11.360  -3.600  1.00 24.95 ? 117 ILE A CG2 1 
ATOM   871  C CD1 . ILE A 1 116 ? -10.673 12.051  -0.561  1.00 25.39 ? 117 ILE A CD1 1 
ATOM   872  N N   . LYS A 1 117 ? -7.055  13.611  -2.684  1.00 13.69 ? 118 LYS A N   1 
ATOM   873  C CA  . LYS A 1 117 ? -6.186  14.252  -1.697  1.00 13.42 ? 118 LYS A CA  1 
ATOM   874  C C   . LYS A 1 117 ? -6.644  14.025  -0.246  1.00 12.96 ? 118 LYS A C   1 
ATOM   875  O O   . LYS A 1 117 ? -7.776  14.371  0.134   1.00 14.27 ? 118 LYS A O   1 
ATOM   876  C CB  . LYS A 1 117 ? -6.172  15.736  -1.952  1.00 16.05 ? 118 LYS A CB  1 
ATOM   877  C CG  . LYS A 1 117 ? -5.301  16.578  -1.013  1.00 17.97 ? 118 LYS A CG  1 
ATOM   878  C CD  . LYS A 1 117 ? -5.236  18.017  -1.583  1.00 22.62 ? 118 LYS A CD  1 
ATOM   879  C CE  . LYS A 1 117 ? -4.537  18.990  -0.694  1.00 35.25 ? 118 LYS A CE  1 
ATOM   880  N NZ  . LYS A 1 117 ? -5.542  19.555  0.264   1.00 44.69 ? 118 LYS A NZ  1 
ATOM   881  N N   . THR A 1 118 ? -5.805  13.419  0.579   1.00 12.16 ? 119 THR A N   1 
ATOM   882  C CA  . THR A 1 118 ? -6.176  13.013  1.951   1.00 12.55 ? 119 THR A CA  1 
ATOM   883  C C   . THR A 1 118 ? -5.357  13.806  3.000   1.00 12.90 ? 119 THR A C   1 
ATOM   884  O O   . THR A 1 118 ? -4.692  13.266  3.885   1.00 11.76 ? 119 THR A O   1 
ATOM   885  C CB  . THR A 1 118 ? -6.032  11.487  2.164   1.00 11.62 ? 119 THR A CB  1 
ATOM   886  O OG1 . THR A 1 118 ? -4.664  11.078  2.032   1.00 10.44 ? 119 THR A OG1 1 
ATOM   887  C CG2 . THR A 1 118 ? -6.922  10.682  1.231   1.00 11.43 ? 119 THR A CG2 1 
ATOM   888  N N   . ASP A 1 119 ? -5.378  15.120  2.839   1.00 13.49 ? 120 ASP A N   1 
ATOM   889  C CA  . ASP A 1 119 ? -4.514  16.032  3.624   1.00 15.41 ? 120 ASP A CA  1 
ATOM   890  C C   . ASP A 1 119 ? -4.767  16.029  5.126   1.00 13.39 ? 120 ASP A C   1 
ATOM   891  O O   . ASP A 1 119 ? -3.880  16.389  5.948   1.00 15.14 ? 120 ASP A O   1 
ATOM   892  C CB  . ASP A 1 119 ? -4.598  17.414  3.034   1.00 17.74 ? 120 ASP A CB  1 
ATOM   893  C CG  . ASP A 1 119 ? -5.985  17.952  3.049   1.00 19.84 ? 120 ASP A CG  1 
ATOM   894  O OD1 . ASP A 1 119 ? -6.854  17.413  2.373   1.00 21.42 ? 120 ASP A OD1 1 
ATOM   895  O OD2 . ASP A 1 119 ? -6.193  18.940  3.760   1.00 29.46 ? 120 ASP A OD2 1 
ATOM   896  N N   . TRP A 1 120 ? -5.943  15.588  5.517   1.00 13.26 ? 121 TRP A N   1 
ATOM   897  C CA  . TRP A 1 120 ? -6.281  15.405  6.935   1.00 13.80 ? 121 TRP A CA  1 
ATOM   898  C C   . TRP A 1 120 ? -5.457  14.316  7.633   1.00 12.54 ? 121 TRP A C   1 
ATOM   899  O O   . TRP A 1 120 ? -5.422  14.240  8.884   1.00 12.80 ? 121 TRP A O   1 
ATOM   900  C CB  . TRP A 1 120 ? -7.792  15.107  7.152   1.00 15.20 ? 121 TRP A CB  1 
ATOM   901  C CG  . TRP A 1 120 ? -8.230  13.917  6.461   1.00 13.71 ? 121 TRP A CG  1 
ATOM   902  C CD1 . TRP A 1 120 ? -8.302  12.636  6.978   1.00 13.27 ? 121 TRP A CD1 1 
ATOM   903  C CD2 . TRP A 1 120 ? -8.787  13.858  5.172   1.00 15.22 ? 121 TRP A CD2 1 
ATOM   904  N NE1 . TRP A 1 120 ? -8.767  11.781  6.051   1.00 13.07 ? 121 TRP A NE1 1 
ATOM   905  C CE2 . TRP A 1 120 ? -9.070  12.491  4.912   1.00 14.04 ? 121 TRP A CE2 1 
ATOM   906  C CE3 . TRP A 1 120 ? -9.023  14.823  4.174   1.00 14.52 ? 121 TRP A CE3 1 
ATOM   907  C CZ2 . TRP A 1 120 ? -9.555  12.046  3.684   1.00 14.69 ? 121 TRP A CZ2 1 
ATOM   908  C CZ3 . TRP A 1 120 ? -9.501  14.378  2.976   1.00 16.15 ? 121 TRP A CZ3 1 
ATOM   909  C CH2 . TRP A 1 120 ? -9.766  12.992  2.739   1.00 14.64 ? 121 TRP A CH2 1 
ATOM   910  N N   . LEU A 1 121 ? -4.741  13.525  6.830   1.00 10.68 ? 122 LEU A N   1 
ATOM   911  C CA  . LEU A 1 121 ? -3.802  12.496  7.337   1.00 11.15 ? 122 LEU A CA  1 
ATOM   912  C C   . LEU A 1 121 ? -2.363  12.956  7.480   1.00 11.25 ? 122 LEU A C   1 
ATOM   913  O O   . LEU A 1 121 ? -1.484  12.242  7.991   1.00 10.02 ? 122 LEU A O   1 
ATOM   914  C CB  . LEU A 1 121 ? -3.891  11.239  6.449   1.00 10.92 ? 122 LEU A CB  1 
ATOM   915  C CG  . LEU A 1 121 ? -5.300  10.634  6.256   1.00 11.83 ? 122 LEU A CG  1 
ATOM   916  C CD1 . LEU A 1 121 ? -5.165  9.391   5.386   1.00 11.23 ? 122 LEU A CD1 1 
ATOM   917  C CD2 . LEU A 1 121 ? -5.910  10.291  7.609   1.00 12.52 ? 122 LEU A CD2 1 
ATOM   918  N N   . ASP A 1 122 ? -2.100  14.171  7.065   1.00 12.57 ? 123 ASP A N   1 
ATOM   919  C CA  . ASP A 1 122 ? -0.750  14.726  7.165   1.00 12.55 ? 123 ASP A CA  1 
ATOM   920  C C   . ASP A 1 122 ? -0.283  14.851  8.638   1.00 12.38 ? 123 ASP A C   1 
ATOM   921  O O   . ASP A 1 122 ? -1.044  15.303  9.483   1.00 13.83 ? 123 ASP A O   1 
ATOM   922  C CB  . ASP A 1 122 ? -0.749  16.122  6.581   1.00 13.43 ? 123 ASP A CB  1 
ATOM   923  C CG  . ASP A 1 122 ? -0.783  16.122  5.080   1.00 14.74 ? 123 ASP A CG  1 
ATOM   924  O OD1 . ASP A 1 122 ? -0.663  15.052  4.452   1.00 13.03 ? 123 ASP A OD1 1 
ATOM   925  O OD2 . ASP A 1 122 ? -0.890  17.221  4.487   1.00 13.79 ? 123 ASP A OD2 1 
ATOM   926  N N   . GLY A 1 123 ? 0.939   14.391  8.899   1.00 12.69 ? 124 GLY A N   1 
ATOM   927  C CA  . GLY A 1 123 ? 1.498   14.279  10.218  1.00 13.12 ? 124 GLY A CA  1 
ATOM   928  C C   . GLY A 1 123 ? 0.988   13.124  11.059  1.00 13.01 ? 124 GLY A C   1 
ATOM   929  O O   . GLY A 1 123 ? 1.387   13.021  12.233  1.00 13.74 ? 124 GLY A O   1 
ATOM   930  N N   . LYS A 1 124 ? 0.093   12.306  10.495  1.00 11.81 ? 125 LYS A N   1 
ATOM   931  C CA  . LYS A 1 124 ? -0.443  11.118  11.164  1.00 12.35 ? 125 LYS A CA  1 
ATOM   932  C C   . LYS A 1 124 ? -0.077  9.812   10.469  1.00 12.03 ? 125 LYS A C   1 
ATOM   933  O O   . LYS A 1 124 ? 0.100   8.806   11.153  1.00 11.52 ? 125 LYS A O   1 
ATOM   934  C CB  . LYS A 1 124 ? -1.952  11.234  11.311  1.00 13.65 ? 125 LYS A CB  1 
ATOM   935  C CG  . LYS A 1 124 ? -2.375  12.427  12.166  1.00 16.55 ? 125 LYS A CG  1 
ATOM   936  C CD  . LYS A 1 124 ? -3.845  12.723  11.947  1.00 19.84 ? 125 LYS A CD  1 
ATOM   937  C CE  . LYS A 1 124 ? -4.421  13.651  12.959  1.00 23.49 ? 125 LYS A CE  1 
ATOM   938  N NZ  . LYS A 1 124 ? -3.781  14.955  12.834  1.00 27.25 ? 125 LYS A NZ  1 
ATOM   939  N N   . HIS A 1 125 ? 0.007   9.817   9.142   1.00 10.13 ? 126 HIS A N   1 
ATOM   940  C CA  . HIS A 1 125 ? 0.434   8.694   8.357   1.00 9.83  ? 126 HIS A CA  1 
ATOM   941  C C   . HIS A 1 125 ? 1.653   9.034   7.544   1.00 10.11 ? 126 HIS A C   1 
ATOM   942  O O   . HIS A 1 125 ? 1.760   10.183  7.027   1.00 11.69 ? 126 HIS A O   1 
ATOM   943  C CB  . HIS A 1 125 ? -0.694  8.260   7.431   1.00 9.81  ? 126 HIS A CB  1 
ATOM   944  C CG  . HIS A 1 125 ? -1.868  7.765   8.186   1.00 10.65 ? 126 HIS A CG  1 
ATOM   945  N ND1 . HIS A 1 125 ? -2.099  6.422   8.424   1.00 10.40 ? 126 HIS A ND1 1 
ATOM   946  C CD2 . HIS A 1 125 ? -2.865  8.443   8.793   1.00 10.80 ? 126 HIS A CD2 1 
ATOM   947  C CE1 . HIS A 1 125 ? -3.185  6.295   9.177   1.00 11.87 ? 126 HIS A CE1 1 
ATOM   948  N NE2 . HIS A 1 125 ? -3.678  7.500   9.415   1.00 10.67 ? 126 HIS A NE2 1 
ATOM   949  N N   . VAL A 1 126 ? 2.621   8.119   7.557   1.00 9.79  ? 127 VAL A N   1 
ATOM   950  C CA  . VAL A 1 126 ? 3.903   8.330   6.848   1.00 10.57 ? 127 VAL A CA  1 
ATOM   951  C C   . VAL A 1 126 ? 3.707   7.989   5.370   1.00 9.64  ? 127 VAL A C   1 
ATOM   952  O O   . VAL A 1 126 ? 3.504   6.850   4.949   1.00 9.70  ? 127 VAL A O   1 
ATOM   953  C CB  . VAL A 1 126 ? 5.030   7.479   7.439   1.00 12.15 ? 127 VAL A CB  1 
ATOM   954  C CG1 . VAL A 1 126 ? 6.325   7.659   6.656   1.00 12.23 ? 127 VAL A CG1 1 
ATOM   955  C CG2 . VAL A 1 126 ? 5.212   7.785   8.957   1.00 12.68 ? 127 VAL A CG2 1 
ATOM   956  N N   . VAL A 1 127 ? 3.766   9.065   4.593   1.00 10.00 ? 128 VAL A N   1 
ATOM   957  C CA  . VAL A 1 127 ? 3.784   8.961   3.121   1.00 10.70 ? 128 VAL A CA  1 
ATOM   958  C C   . VAL A 1 127 ? 5.169   8.517   2.679   1.00 10.61 ? 128 VAL A C   1 
ATOM   959  O O   . VAL A 1 127 ? 6.206   9.054   3.178   1.00 10.51 ? 128 VAL A O   1 
ATOM   960  C CB  . VAL A 1 127 ? 3.438   10.315  2.500   1.00 10.59 ? 128 VAL A CB  1 
ATOM   961  C CG1 . VAL A 1 127 ? 3.628   10.258  0.958   1.00 12.28 ? 128 VAL A CG1 1 
ATOM   962  C CG2 . VAL A 1 127 ? 2.006   10.670  2.852   1.00 10.94 ? 128 VAL A CG2 1 
ATOM   963  N N   . PHE A 1 128 ? 5.238   7.569   1.743   1.00 9.80  ? 129 PHE A N   1 
ATOM   964  C CA  . PHE A 1 128 ? 6.535   7.055   1.305   1.00 9.91  ? 129 PHE A CA  1 
ATOM   965  C C   . PHE A 1 128 ? 6.708   6.763   -0.160  1.00 9.20  ? 129 PHE A C   1 
ATOM   966  O O   . PHE A 1 128 ? 7.706   6.182   -0.554  1.00 8.58  ? 129 PHE A O   1 
ATOM   967  C CB  . PHE A 1 128 ? 6.997   5.780   2.109   1.00 10.17 ? 129 PHE A CB  1 
ATOM   968  C CG  . PHE A 1 128 ? 6.094   4.573   1.944   1.00 10.19 ? 129 PHE A CG  1 
ATOM   969  C CD1 . PHE A 1 128 ? 4.833   4.517   2.603   1.00 10.24 ? 129 PHE A CD1 1 
ATOM   970  C CD2 . PHE A 1 128 ? 6.442   3.541   1.054   1.00 9.73  ? 129 PHE A CD2 1 
ATOM   971  C CE1 . PHE A 1 128 ? 3.995   3.425   2.369   1.00 9.86  ? 129 PHE A CE1 1 
ATOM   972  C CE2 . PHE A 1 128 ? 5.612   2.427   0.874   1.00 9.73  ? 129 PHE A CE2 1 
ATOM   973  C CZ  . PHE A 1 128 ? 4.393   2.364   1.576   1.00 10.02 ? 129 PHE A CZ  1 
ATOM   974  N N   . GLY A 1 129 ? 5.742   7.169   -0.970  1.00 9.30  ? 130 GLY A N   1 
ATOM   975  C CA  . GLY A 1 129 ? 5.834   6.897   -2.402  1.00 9.57  ? 130 GLY A CA  1 
ATOM   976  C C   . GLY A 1 129 ? 4.618   7.420   -3.128  1.00 8.93  ? 130 GLY A C   1 
ATOM   977  O O   . GLY A 1 129 ? 3.775   8.133   -2.577  1.00 9.41  ? 130 GLY A O   1 
ATOM   978  N N   . HIS A 1 130 ? 4.571   7.065   -4.422  1.00 9.50  ? 131 HIS A N   1 
ATOM   979  C CA  . HIS A 1 130 ? 3.452   7.398   -5.267  1.00 10.25 ? 131 HIS A CA  1 
ATOM   980  C C   . HIS A 1 130 ? 3.406   6.551   -6.502  1.00 9.49  ? 131 HIS A C   1 
ATOM   981  O O   . HIS A 1 130 ? 4.355   5.862   -6.871  1.00 10.08 ? 131 HIS A O   1 
ATOM   982  C CB  . HIS A 1 130 ? 3.458   8.857   -5.709  1.00 11.81 ? 131 HIS A CB  1 
ATOM   983  C CG  . HIS A 1 130 ? 4.565   9.194   -6.635  1.00 12.64 ? 131 HIS A CG  1 
ATOM   984  N ND1 . HIS A 1 130 ? 5.822   9.592   -6.207  1.00 14.57 ? 131 HIS A ND1 1 
ATOM   985  C CD2 . HIS A 1 130 ? 4.595   9.255   -7.988  1.00 15.41 ? 131 HIS A CD2 1 
ATOM   986  C CE1 . HIS A 1 130 ? 6.606   9.789   -7.261  1.00 15.29 ? 131 HIS A CE1 1 
ATOM   987  N NE2 . HIS A 1 130 ? 5.880   9.625   -8.343  1.00 15.07 ? 131 HIS A NE2 1 
ATOM   988  N N   . VAL A 1 131 ? 2.268   6.584   -7.137  1.00 9.08  ? 132 VAL A N   1 
ATOM   989  C CA  . VAL A 1 131 ? 1.972   5.801   -8.339  1.00 10.02 ? 132 VAL A CA  1 
ATOM   990  C C   . VAL A 1 131 ? 2.629   6.466   -9.552  1.00 9.62  ? 132 VAL A C   1 
ATOM   991  O O   . VAL A 1 131 ? 2.367   7.629   -9.881  1.00 10.95 ? 132 VAL A O   1 
ATOM   992  C CB  . VAL A 1 131 ? 0.422   5.716   -8.594  1.00 10.07 ? 132 VAL A CB  1 
ATOM   993  C CG1 . VAL A 1 131 ? 0.183   4.977   -9.895  1.00 10.71 ? 132 VAL A CG1 1 
ATOM   994  C CG2 . VAL A 1 131 ? -0.230  4.891   -7.483  1.00 10.59 ? 132 VAL A CG2 1 
ATOM   995  N N   . ILE A 1 132 ? 3.478   5.703   -10.179 1.00 10.84 ? 133 ILE A N   1 
ATOM   996  C CA  . ILE A 1 132 ? 4.158   6.073   -11.447 1.00 11.72 ? 133 ILE A CA  1 
ATOM   997  C C   . ILE A 1 132 ? 3.353   5.686   -12.669 1.00 13.18 ? 133 ILE A C   1 
ATOM   998  O O   . ILE A 1 132 ? 3.314   6.487   -13.645 1.00 14.41 ? 133 ILE A O   1 
ATOM   999  C CB  . ILE A 1 132 ? 5.493   5.338   -11.522 1.00 12.08 ? 133 ILE A CB  1 
ATOM   1000 C CG1 . ILE A 1 132 ? 6.439   5.914   -10.485 1.00 12.28 ? 133 ILE A CG1 1 
ATOM   1001 C CG2 . ILE A 1 132 ? 6.140   5.440   -12.966 1.00 12.57 ? 133 ILE A CG2 1 
ATOM   1002 C CD1 . ILE A 1 132 ? 6.960   7.268   -10.713 1.00 12.93 ? 133 ILE A CD1 1 
ATOM   1003 N N   . GLU A 1 133 ? 2.737   4.529   -12.625 1.00 12.01 ? 134 GLU A N   1 
ATOM   1004 C CA  . GLU A 1 133 ? 1.905   3.985   -13.710 1.00 14.57 ? 134 GLU A CA  1 
ATOM   1005 C C   . GLU A 1 133 ? 0.809   3.159   -13.107 1.00 15.77 ? 134 GLU A C   1 
ATOM   1006 O O   . GLU A 1 133 ? 1.023   2.548   -12.044 1.00 13.04 ? 134 GLU A O   1 
ATOM   1007 C CB  . GLU A 1 133 ? 2.756   3.083   -14.564 1.00 16.75 ? 134 GLU A CB  1 
ATOM   1008 C CG  . GLU A 1 133 ? 2.158   2.644   -15.844 1.00 20.41 ? 134 GLU A CG  1 
ATOM   1009 C CD  . GLU A 1 133 ? 2.986   1.546   -16.491 1.00 20.27 ? 134 GLU A CD  1 
ATOM   1010 O OE1 . GLU A 1 133 ? 4.164   1.831   -16.871 1.00 18.22 ? 134 GLU A OE1 1 
ATOM   1011 O OE2 . GLU A 1 133 ? 2.425   0.396   -16.648 1.00 19.70 ? 134 GLU A OE2 1 
ATOM   1012 N N   . GLY A 1 134 ? -0.362  3.087   -13.820 1.00 14.53 ? 135 GLY A N   1 
ATOM   1013 C CA  . GLY A 1 134 ? -1.450  2.235   -13.379 1.00 15.16 ? 135 GLY A CA  1 
ATOM   1014 C C   . GLY A 1 134 ? -2.412  2.861   -12.406 1.00 15.46 ? 135 GLY A C   1 
ATOM   1015 O O   . GLY A 1 134 ? -3.071  2.116   -11.643 1.00 15.53 ? 135 GLY A O   1 
ATOM   1016 N N   . MET A 1 135 ? -2.538  4.190   -12.428 1.00 15.85 ? 136 MET A N   1 
ATOM   1017 C CA  . MET A 1 135 ? -3.641  4.838   -11.708 1.00 16.37 ? 136 MET A CA  1 
ATOM   1018 C C   . MET A 1 135 ? -4.993  4.331   -12.223 1.00 17.59 ? 136 MET A C   1 
ATOM   1019 O O   . MET A 1 135 ? -5.914  4.179   -11.459 1.00 16.89 ? 136 MET A O   1 
ATOM   1020 C CB  . MET A 1 135 ? -3.606  6.315   -11.802 1.00 18.34 ? 136 MET A CB  1 
ATOM   1021 C CG  . MET A 1 135 ? -4.431  7.012   -10.735 1.00 19.50 ? 136 MET A CG  1 
ATOM   1022 S SD  . MET A 1 135 ? -3.813  6.637   -9.013  1.00 20.65 ? 136 MET A SD  1 
ATOM   1023 C CE  . MET A 1 135 ? -5.418  6.923   -8.283  1.00 20.62 ? 136 MET A CE  1 
ATOM   1024 N N   . ASP A 1 136 ? -5.046  3.960   -13.513 1.00 18.03 ? 137 ASP A N   1 
ATOM   1025 C CA  . ASP A 1 136 ? -6.278  3.334   -14.029 1.00 19.06 ? 137 ASP A CA  1 
ATOM   1026 C C   . ASP A 1 136 ? -6.569  1.994   -13.379 1.00 17.25 ? 137 ASP A C   1 
ATOM   1027 O O   . ASP A 1 136 ? -7.738  1.631   -13.121 1.00 17.40 ? 137 ASP A O   1 
ATOM   1028 C CB  . ASP A 1 136 ? -6.221  3.162   -15.553 1.00 20.18 ? 137 ASP A CB  1 
ATOM   1029 C CG  . ASP A 1 136 ? -5.091  2.250   -16.021 1.00 26.10 ? 137 ASP A CG  1 
ATOM   1030 O OD1 . ASP A 1 136 ? -3.997  2.258   -15.452 1.00 26.13 ? 137 ASP A OD1 1 
ATOM   1031 O OD2 . ASP A 1 136 ? -5.263  1.497   -17.013 1.00 30.36 ? 137 ASP A OD2 1 
ATOM   1032 N N   . VAL A 1 137 ? -5.510  1.257   -13.034 1.00 14.40 ? 138 VAL A N   1 
ATOM   1033 C CA  . VAL A 1 137 ? -5.696  0.028   -12.301 1.00 14.02 ? 138 VAL A CA  1 
ATOM   1034 C C   . VAL A 1 137 ? -6.199  0.285   -10.868 1.00 13.49 ? 138 VAL A C   1 
ATOM   1035 O O   . VAL A 1 137 ? -7.109  -0.402  -10.361 1.00 14.20 ? 138 VAL A O   1 
ATOM   1036 C CB  . VAL A 1 137 ? -4.402  -0.868  -12.298 1.00 15.29 ? 138 VAL A CB  1 
ATOM   1037 C CG1 . VAL A 1 137 ? -4.602  -2.169  -11.544 1.00 15.70 ? 138 VAL A CG1 1 
ATOM   1038 C CG2 . VAL A 1 137 ? -3.984  -1.187  -13.735 1.00 17.37 ? 138 VAL A CG2 1 
ATOM   1039 N N   . VAL A 1 138 ? -5.643  1.297   -10.219 1.00 13.47 ? 139 VAL A N   1 
ATOM   1040 C CA  . VAL A 1 138 ? -6.112  1.746   -8.921  1.00 12.45 ? 139 VAL A CA  1 
ATOM   1041 C C   . VAL A 1 138 ? -7.598  2.123   -8.971  1.00 13.15 ? 139 VAL A C   1 
ATOM   1042 O O   . VAL A 1 138 ? -8.377  1.705   -8.094  1.00 13.31 ? 139 VAL A O   1 
ATOM   1043 C CB  . VAL A 1 138 ? -5.303  2.907   -8.347  1.00 13.94 ? 139 VAL A CB  1 
ATOM   1044 C CG1 . VAL A 1 138 ? -5.848  3.392   -6.991  1.00 14.91 ? 139 VAL A CG1 1 
ATOM   1045 C CG2 . VAL A 1 138 ? -3.871  2.480   -8.127  1.00 15.16 ? 139 VAL A CG2 1 
ATOM   1046 N N   . LYS A 1 139 ? -7.988  2.827   -10.020 1.00 13.63 ? 140 LYS A N   1 
ATOM   1047 C CA  . LYS A 1 139 ? -9.386  3.195   -10.196 1.00 15.17 ? 140 LYS A CA  1 
ATOM   1048 C C   . LYS A 1 139 ? -10.265 1.962   -10.389 1.00 13.77 ? 140 LYS A C   1 
ATOM   1049 O O   . LYS A 1 139 ? -11.387 1.926   -9.914  1.00 16.14 ? 140 LYS A O   1 
ATOM   1050 C CB  . LYS A 1 139 ? -9.498  4.159   -11.349 1.00 16.71 ? 140 LYS A CB  1 
ATOM   1051 C CG  . LYS A 1 139 ? -8.856  5.490   -11.135 1.00 18.65 ? 140 LYS A CG  1 
ATOM   1052 C CD  . LYS A 1 139 ? -9.373  6.375   -10.072 1.00 21.46 ? 140 LYS A CD  1 
ATOM   1053 C CE  . LYS A 1 139 ? -10.799 6.894   -10.313 1.00 21.81 ? 140 LYS A CE  1 
ATOM   1054 N NZ  . LYS A 1 139 ? -11.055 7.708   -9.119  1.00 21.91 ? 140 LYS A NZ  1 
ATOM   1055 N N   . LYS A 1 140 ? -9.791  0.928   -11.070 1.00 14.44 ? 141 LYS A N   1 
ATOM   1056 C CA  . LYS A 1 140 ? -10.537 -0.322  -11.122 1.00 16.31 ? 141 LYS A CA  1 
ATOM   1057 C C   . LYS A 1 140 ? -10.695 -0.967  -9.772  1.00 17.16 ? 141 LYS A C   1 
ATOM   1058 O O   . LYS A 1 140 ? -11.773 -1.471  -9.430  1.00 16.85 ? 141 LYS A O   1 
ATOM   1059 C CB  . LYS A 1 140 ? -9.879  -1.341  -12.059 1.00 17.71 ? 141 LYS A CB  1 
ATOM   1060 C CG  . LYS A 1 140 ? -9.738  -0.937  -13.513 1.00 21.68 ? 141 LYS A CG  1 
ATOM   1061 C CD  . LYS A 1 140 ? -8.973  -2.009  -14.299 1.00 23.91 ? 141 LYS A CD  1 
ATOM   1062 C CE  . LYS A 1 140 ? -8.527  -1.403  -15.601 1.00 29.91 ? 141 LYS A CE  1 
ATOM   1063 N NZ  . LYS A 1 140 ? -7.835  -2.481  -16.329 1.00 32.69 ? 141 LYS A NZ  1 
ATOM   1064 N N   . ILE A 1 141 ? -9.598  -1.068  -8.998  1.00 14.04 ? 142 ILE A N   1 
ATOM   1065 C CA  . ILE A 1 141 ? -9.742  -1.585  -7.617  1.00 14.53 ? 142 ILE A CA  1 
ATOM   1066 C C   . ILE A 1 141 ? -10.840 -0.784  -6.858  1.00 14.32 ? 142 ILE A C   1 
ATOM   1067 O O   . ILE A 1 141 ? -11.747 -1.375  -6.198  1.00 15.29 ? 142 ILE A O   1 
ATOM   1068 C CB  . ILE A 1 141 ? -8.404  -1.480  -6.836  1.00 14.47 ? 142 ILE A CB  1 
ATOM   1069 C CG1 . ILE A 1 141 ? -7.325  -2.380  -7.503  1.00 15.29 ? 142 ILE A CG1 1 
ATOM   1070 C CG2 . ILE A 1 141 ? -8.606  -1.782  -5.358  1.00 14.73 ? 142 ILE A CG2 1 
ATOM   1071 C CD1 . ILE A 1 141 ? -5.913  -2.065  -7.014  1.00 16.47 ? 142 ILE A CD1 1 
ATOM   1072 N N   . GLU A 1 142 ? -10.751 0.531   -6.927  1.00 14.83 ? 143 GLU A N   1 
ATOM   1073 C CA  . GLU A 1 142 ? -11.645 1.485   -6.228  1.00 16.06 ? 143 GLU A CA  1 
ATOM   1074 C C   . GLU A 1 142 ? -13.094 1.193   -6.560  1.00 17.68 ? 143 GLU A C   1 
ATOM   1075 O O   . GLU A 1 142 ? -13.944 1.248   -5.676  1.00 14.63 ? 143 GLU A O   1 
ATOM   1076 C CB  . GLU A 1 142 ? -11.343 2.918   -6.637  1.00 17.22 ? 143 GLU A CB  1 
ATOM   1077 C CG  . GLU A 1 142 ? -12.170 3.982   -5.914  1.00 18.09 ? 143 GLU A CG  1 
ATOM   1078 C CD  . GLU A 1 142 ? -11.914 5.400   -6.356  1.00 19.57 ? 143 GLU A CD  1 
ATOM   1079 O OE1 . GLU A 1 142 ? -11.520 5.586   -7.516  1.00 20.59 ? 143 GLU A OE1 1 
ATOM   1080 O OE2 . GLU A 1 142 ? -12.083 6.328   -5.532  1.00 20.20 ? 143 GLU A OE2 1 
ATOM   1081 N N   . SER A 1 143 ? -13.305 0.863   -7.840  1.00 18.72 ? 144 SER A N   1 
ATOM   1082 C CA  . SER A 1 143 ? -14.658 0.480   -8.363  1.00 18.85 ? 144 SER A CA  1 
ATOM   1083 C C   . SER A 1 143 ? -15.276 -0.698  -7.672  1.00 18.87 ? 144 SER A C   1 
ATOM   1084 O O   . SER A 1 143 ? -16.567 -0.839  -7.691  1.00 21.40 ? 144 SER A O   1 
ATOM   1085 C CB  . SER A 1 143 ? -14.583 0.279   -9.907  1.00 18.12 ? 144 SER A CB  1 
ATOM   1086 O OG  . SER A 1 143 ? -14.253 -1.039  -10.281 1.00 17.59 ? 144 SER A OG  1 
ATOM   1087 N N   . PHE A 1 144 ? -14.473 -1.610  -7.163  1.00 18.25 ? 145 PHE A N   1 
ATOM   1088 C CA  . PHE A 1 144 ? -15.003 -2.759  -6.394  1.00 19.31 ? 145 PHE A CA  1 
ATOM   1089 C C   . PHE A 1 144 ? -15.155 -2.534  -4.886  1.00 19.14 ? 145 PHE A C   1 
ATOM   1090 O O   . PHE A 1 144 ? -15.505 -3.456  -4.146  1.00 17.51 ? 145 PHE A O   1 
ATOM   1091 C CB  . PHE A 1 144 ? -14.182 -3.973  -6.613  1.00 20.59 ? 145 PHE A CB  1 
ATOM   1092 C CG  . PHE A 1 144 ? -14.095 -4.358  -8.051  1.00 22.66 ? 145 PHE A CG  1 
ATOM   1093 C CD1 . PHE A 1 144 ? -15.278 -4.597  -8.767  1.00 27.51 ? 145 PHE A CD1 1 
ATOM   1094 C CD2 . PHE A 1 144 ? -12.883 -4.357  -8.729  1.00 21.89 ? 145 PHE A CD2 1 
ATOM   1095 C CE1 . PHE A 1 144 ? -15.236 -4.887  -10.097 1.00 29.52 ? 145 PHE A CE1 1 
ATOM   1096 C CE2 . PHE A 1 144 ? -12.826 -4.654  -10.069 1.00 26.15 ? 145 PHE A CE2 1 
ATOM   1097 C CZ  . PHE A 1 144 ? -13.998 -4.954  -10.749 1.00 26.22 ? 145 PHE A CZ  1 
ATOM   1098 N N   . GLY A 1 145 ? -14.840 -1.340  -4.401  1.00 16.63 ? 146 GLY A N   1 
ATOM   1099 C CA  . GLY A 1 145 ? -15.065 -1.036  -2.972  1.00 15.72 ? 146 GLY A CA  1 
ATOM   1100 C C   . GLY A 1 145 ? -16.472 -0.557  -2.703  1.00 15.64 ? 146 GLY A C   1 
ATOM   1101 O O   . GLY A 1 145 ? -17.404 -0.594  -3.594  1.00 16.94 ? 146 GLY A O   1 
ATOM   1102 N N   . SER A 1 146 ? -16.630 -0.043  -1.497  1.00 13.83 ? 147 SER A N   1 
ATOM   1103 C CA  . SER A 1 146 ? -17.902 0.489   -1.059  1.00 14.67 ? 147 SER A CA  1 
ATOM   1104 C C   . SER A 1 146 ? -17.658 1.447   0.034   1.00 13.82 ? 147 SER A C   1 
ATOM   1105 O O   . SER A 1 146 ? -16.574 1.479   0.581   1.00 12.81 ? 147 SER A O   1 
ATOM   1106 C CB  . SER A 1 146 ? -18.795 -0.642  -0.579  1.00 14.28 ? 147 SER A CB  1 
ATOM   1107 O OG  . SER A 1 146 ? -18.293 -1.316  0.544   1.00 14.19 ? 147 SER A OG  1 
ATOM   1108 N N   . LYS A 1 147 ? -18.702 2.186   0.431   1.00 13.49 ? 148 LYS A N   1 
ATOM   1109 C CA  . LYS A 1 147 ? -18.554 3.137   1.486   1.00 15.17 ? 148 LYS A CA  1 
ATOM   1110 C C   . LYS A 1 147 ? -18.209 2.465   2.812   1.00 13.88 ? 148 LYS A C   1 
ATOM   1111 O O   . LYS A 1 147 ? -17.518 3.075   3.663   1.00 13.84 ? 148 LYS A O   1 
ATOM   1112 C CB  . LYS A 1 147 ? -19.838 4.006   1.571   1.00 17.85 ? 148 LYS A CB  1 
ATOM   1113 C CG  . LYS A 1 147 ? -19.725 5.315   2.233   1.00 24.27 ? 148 LYS A CG  1 
ATOM   1114 C CD  . LYS A 1 147 ? -20.854 6.300   1.786   1.00 26.52 ? 148 LYS A CD  1 
ATOM   1115 C CE  . LYS A 1 147 ? -20.688 7.626   2.524   1.00 31.27 ? 148 LYS A CE  1 
ATOM   1116 N NZ  . LYS A 1 147 ? -21.843 8.572   2.260   1.00 31.75 ? 148 LYS A NZ  1 
ATOM   1117 N N   . SER A 1 148 ? -18.638 1.235   3.003   1.00 13.97 ? 149 SER A N   1 
ATOM   1118 C CA  . SER A 1 148 ? -18.231 0.470   4.219   1.00 15.15 ? 149 SER A CA  1 
ATOM   1119 C C   . SER A 1 148 ? -16.750 0.020   4.196   1.00 14.51 ? 149 SER A C   1 
ATOM   1120 O O   . SER A 1 148 ? -16.237 -0.442  5.231   1.00 14.46 ? 149 SER A O   1 
ATOM   1121 C CB  . SER A 1 148 ? -19.037 -0.773  4.366   1.00 16.57 ? 149 SER A CB  1 
ATOM   1122 O OG  . SER A 1 148 ? -18.716 -1.722  3.326   1.00 15.86 ? 149 SER A OG  1 
ATOM   1123 N N   . GLY A 1 149 ? -16.144 0.063   3.033   1.00 15.55 ? 150 GLY A N   1 
ATOM   1124 C CA  . GLY A 1 149 ? -14.808 -0.476  2.787   1.00 15.81 ? 150 GLY A CA  1 
ATOM   1125 C C   . GLY A 1 149 ? -14.805 -1.905  2.329   1.00 17.27 ? 150 GLY A C   1 
ATOM   1126 O O   . GLY A 1 149 ? -13.793 -2.414  1.806   1.00 13.51 ? 150 GLY A O   1 
ATOM   1127 N N   . ARG A 1 150 ? -15.936 -2.608  2.465   1.00 17.33 ? 151 ARG A N   1 
ATOM   1128 C CA  . ARG A 1 150 ? -16.005 -3.971  1.923   1.00 18.16 ? 151 ARG A CA  1 
ATOM   1129 C C   . ARG A 1 150 ? -15.962 -4.024  0.421   1.00 16.98 ? 151 ARG A C   1 
ATOM   1130 O O   . ARG A 1 150 ? -16.600 -3.206  -0.307  1.00 16.59 ? 151 ARG A O   1 
ATOM   1131 C CB  . ARG A 1 150 ? -17.327 -4.664  2.400   1.00 18.78 ? 151 ARG A CB  1 
ATOM   1132 C CG  . ARG A 1 150 ? -17.283 -4.965  3.835   1.00 21.66 ? 151 ARG A CG  1 
ATOM   1133 C CD  . ARG A 1 150 ? -18.120 -6.285  4.024   1.00 25.60 ? 151 ARG A CD  1 
ATOM   1134 N NE  . ARG A 1 150 ? -18.143 -6.530  5.428   1.00 29.46 ? 151 ARG A NE  1 
ATOM   1135 C CZ  . ARG A 1 150 ? -19.047 -7.284  6.056   1.00 24.87 ? 151 ARG A CZ  1 
ATOM   1136 N NH1 . ARG A 1 150 ? -20.032 -7.888  5.365   1.00 26.72 ? 151 ARG A NH1 1 
ATOM   1137 N NH2 . ARG A 1 150 ? -18.929 -7.373  7.353   1.00 29.38 ? 151 ARG A NH2 1 
ATOM   1138 N N   . THR A 1 151 ? -15.248 -5.019  -0.114  1.00 17.17 ? 152 THR A N   1 
ATOM   1139 C CA  . THR A 1 151 ? -15.172 -5.138  -1.536  1.00 17.36 ? 152 THR A CA  1 
ATOM   1140 C C   . THR A 1 151 ? -16.175 -6.161  -2.023  1.00 19.53 ? 152 THR A C   1 
ATOM   1141 O O   . THR A 1 151 ? -16.489 -7.075  -1.304  1.00 21.29 ? 152 THR A O   1 
ATOM   1142 C CB  . THR A 1 151 ? -13.748 -5.630  -2.031  1.00 17.93 ? 152 THR A CB  1 
ATOM   1143 O OG1 . THR A 1 151 ? -13.404 -6.768  -1.284  1.00 18.46 ? 152 THR A OG1 1 
ATOM   1144 C CG2 . THR A 1 151 ? -12.715 -4.493  -1.718  1.00 20.83 ? 152 THR A CG2 1 
ATOM   1145 N N   . SER A 1 152 ? -16.636 -5.939  -3.203  1.00 20.54 ? 153 SER A N   1 
ATOM   1146 C CA  . SER A 1 152 ? -17.673 -6.771  -3.842  1.00 26.06 ? 153 SER A CA  1 
ATOM   1147 C C   . SER A 1 152 ? -17.066 -7.939  -4.596  1.00 26.92 ? 153 SER A C   1 
ATOM   1148 O O   . SER A 1 152 ? -17.783 -8.859  -5.012  1.00 24.49 ? 153 SER A O   1 
ATOM   1149 C CB  . SER A 1 152 ? -18.509 -5.888  -4.744  1.00 24.29 ? 153 SER A CB  1 
ATOM   1150 O OG  . SER A 1 152 ? -17.848 -5.432  -5.896  1.00 25.61 ? 153 SER A OG  1 
ATOM   1151 N N   . LYS A 1 153 ? -15.749 -7.899  -4.817  1.00 23.90 ? 154 LYS A N   1 
ATOM   1152 C CA  . LYS A 1 153 ? -15.008 -9.030  -5.406  1.00 25.64 ? 154 LYS A CA  1 
ATOM   1153 C C   . LYS A 1 153 ? -13.736 -9.167  -4.601  1.00 24.32 ? 154 LYS A C   1 
ATOM   1154 O O   . LYS A 1 153 ? -13.303 -8.169  -4.011  1.00 21.73 ? 154 LYS A O   1 
ATOM   1155 C CB  . LYS A 1 153 ? -14.597 -8.741  -6.849  1.00 28.70 ? 154 LYS A CB  1 
ATOM   1156 C CG  . LYS A 1 153 ? -15.786 -8.617  -7.780  1.00 37.39 ? 154 LYS A CG  1 
ATOM   1157 C CD  . LYS A 1 153 ? -15.496 -9.230  -9.133  1.00 44.72 ? 154 LYS A CD  1 
ATOM   1158 C CE  . LYS A 1 153 ? -14.807 -8.280  -10.074 1.00 51.37 ? 154 LYS A CE  1 
ATOM   1159 N NZ  . LYS A 1 153 ? -15.755 -7.843  -11.135 1.00 60.04 ? 154 LYS A NZ  1 
ATOM   1160 N N   . LYS A 1 154 ? -13.160 -10.370 -4.560  1.00 20.68 ? 155 LYS A N   1 
ATOM   1161 C CA  . LYS A 1 154 ? -11.897 -10.554 -3.837  1.00 20.78 ? 155 LYS A CA  1 
ATOM   1162 C C   . LYS A 1 154 ? -10.720 -9.920  -4.644  1.00 19.42 ? 155 LYS A C   1 
ATOM   1163 O O   . LYS A 1 154 ? -10.416 -10.352 -5.784  1.00 17.76 ? 155 LYS A O   1 
ATOM   1164 C CB  . LYS A 1 154 ? -11.627 -12.005 -3.581  1.00 22.76 ? 155 LYS A CB  1 
ATOM   1165 C CG  . LYS A 1 154 ? -10.603 -12.197 -2.504  1.00 27.23 ? 155 LYS A CG  1 
ATOM   1166 C CD  . LYS A 1 154 ? -10.078 -13.604 -2.510  1.00 32.93 ? 155 LYS A CD  1 
ATOM   1167 C CE  . LYS A 1 154 ? -8.971  -13.729 -1.504  1.00 35.49 ? 155 LYS A CE  1 
ATOM   1168 N NZ  . LYS A 1 154 ? -8.641  -15.158 -1.361  1.00 36.36 ? 155 LYS A NZ  1 
ATOM   1169 N N   . ILE A 1 155 ? -10.017 -8.947  -4.041  1.00 16.12 ? 156 ILE A N   1 
ATOM   1170 C CA  . ILE A 1 155 ? -9.011  -8.160  -4.809  1.00 14.26 ? 156 ILE A CA  1 
ATOM   1171 C C   . ILE A 1 155 ? -7.646  -8.593  -4.292  1.00 14.33 ? 156 ILE A C   1 
ATOM   1172 O O   . ILE A 1 155 ? -7.379  -8.367  -3.097  1.00 14.43 ? 156 ILE A O   1 
ATOM   1173 C CB  . ILE A 1 155 ? -9.204  -6.629  -4.616  1.00 14.37 ? 156 ILE A CB  1 
ATOM   1174 C CG1 . ILE A 1 155 ? -10.651 -6.191  -4.917  1.00 17.12 ? 156 ILE A CG1 1 
ATOM   1175 C CG2 . ILE A 1 155 ? -8.179  -5.846  -5.457  1.00 15.80 ? 156 ILE A CG2 1 
ATOM   1176 C CD1 . ILE A 1 155 ? -11.069 -6.516  -6.350  1.00 19.32 ? 156 ILE A CD1 1 
ATOM   1177 N N   . VAL A 1 156 ? -6.814  -9.212  -5.148  1.00 13.48 ? 157 VAL A N   1 
ATOM   1178 C CA  . VAL A 1 156 ? -5.628  -9.997  -4.697  1.00 14.37 ? 157 VAL A CA  1 
ATOM   1179 C C   . VAL A 1 156 ? -4.421  -9.492  -5.393  1.00 14.07 ? 157 VAL A C   1 
ATOM   1180 O O   . VAL A 1 156 ? -4.495  -9.250  -6.581  1.00 13.24 ? 157 VAL A O   1 
ATOM   1181 C CB  . VAL A 1 156 ? -5.789  -11.491 -4.981  1.00 17.77 ? 157 VAL A CB  1 
ATOM   1182 C CG1 . VAL A 1 156 ? -4.503  -12.269 -4.667  1.00 18.83 ? 157 VAL A CG1 1 
ATOM   1183 C CG2 . VAL A 1 156 ? -6.900  -12.011 -4.136  1.00 18.86 ? 157 VAL A CG2 1 
ATOM   1184 N N   . ILE A 1 157 ? -3.333  -9.236  -4.660  1.00 13.36 ? 158 ILE A N   1 
ATOM   1185 C CA  . ILE A 1 157 ? -2.059  -8.928  -5.255  1.00 13.65 ? 158 ILE A CA  1 
ATOM   1186 C C   . ILE A 1 157 ? -1.504  -10.270 -5.687  1.00 15.55 ? 158 ILE A C   1 
ATOM   1187 O O   . ILE A 1 157 ? -0.993  -11.037 -4.868  1.00 15.76 ? 158 ILE A O   1 
ATOM   1188 C CB  . ILE A 1 157 ? -1.093  -8.219  -4.246  1.00 13.73 ? 158 ILE A CB  1 
ATOM   1189 C CG1 . ILE A 1 157 ? -1.708  -6.911  -3.779  1.00 13.06 ? 158 ILE A CG1 1 
ATOM   1190 C CG2 . ILE A 1 157 ? 0.298   -8.052  -4.880  1.00 13.45 ? 158 ILE A CG2 1 
ATOM   1191 C CD1 . ILE A 1 157 ? -1.037  -6.168  -2.665  1.00 14.31 ? 158 ILE A CD1 1 
ATOM   1192 N N   . THR A 1 158 ? -1.659  -10.579 -6.973  1.00 15.95 ? 159 THR A N   1 
ATOM   1193 C CA  . THR A 1 158 ? -1.201  -11.911 -7.450  1.00 18.86 ? 159 THR A CA  1 
ATOM   1194 C C   . THR A 1 158 ? 0.282   -12.025 -7.588  1.00 18.72 ? 159 THR A C   1 
ATOM   1195 O O   . THR A 1 158 ? 0.815   -13.104 -7.522  1.00 18.34 ? 159 THR A O   1 
ATOM   1196 C CB  . THR A 1 158 ? -1.815  -12.336 -8.785  1.00 22.50 ? 159 THR A CB  1 
ATOM   1197 O OG1 . THR A 1 158 ? -1.577  -11.346 -9.721  1.00 22.42 ? 159 THR A OG1 1 
ATOM   1198 C CG2 . THR A 1 158 ? -3.205  -12.461 -8.627  1.00 28.86 ? 159 THR A CG2 1 
ATOM   1199 N N   . ASP A 1 159 ? 0.927   -10.913 -7.868  1.00 18.19 ? 160 ASP A N   1 
ATOM   1200 C CA  . ASP A 1 159 ? 2.383   -10.891 -7.940  1.00 17.85 ? 160 ASP A CA  1 
ATOM   1201 C C   . ASP A 1 159 ? 2.843   -9.517  -7.592  1.00 14.50 ? 160 ASP A C   1 
ATOM   1202 O O   . ASP A 1 159 ? 2.106   -8.537  -7.738  1.00 15.45 ? 160 ASP A O   1 
ATOM   1203 C CB  . ASP A 1 159 ? 2.816   -11.232 -9.383  1.00 18.86 ? 160 ASP A CB  1 
ATOM   1204 C CG  . ASP A 1 159 ? 4.280   -11.721 -9.477  1.00 24.12 ? 160 ASP A CG  1 
ATOM   1205 O OD1 . ASP A 1 159 ? 4.952   -11.994 -8.431  1.00 21.04 ? 160 ASP A OD1 1 
ATOM   1206 O OD2 . ASP A 1 159 ? 4.768   -11.782 -10.629 1.00 29.51 ? 160 ASP A OD2 1 
ATOM   1207 N N   . CYS A 1 160 ? 4.106   -9.426  -7.202  1.00 12.74 ? 161 CYS A N   1 
ATOM   1208 C CA  . CYS A 1 160 ? 4.708   -8.162  -6.859  1.00 13.22 ? 161 CYS A CA  1 
ATOM   1209 C C   . CYS A 1 160 ? 6.225   -8.275  -6.854  1.00 12.50 ? 161 CYS A C   1 
ATOM   1210 O O   . CYS A 1 160 ? 6.739   -9.401  -6.845  1.00 15.46 ? 161 CYS A O   1 
ATOM   1211 C CB  . CYS A 1 160 ? 4.144   -7.626  -5.565  1.00 12.25 ? 161 CYS A CB  1 
ATOM   1212 S SG  . CYS A 1 160 ? 4.176   -8.837  -4.218  1.00 13.98 ? 161 CYS A SG  1 
ATOM   1213 N N   . GLY A 1 161 ? 6.931   -7.158  -6.903  1.00 11.82 ? 162 GLY A N   1 
ATOM   1214 C CA  . GLY A 1 161 ? 8.364   -7.184  -7.087  1.00 12.69 ? 162 GLY A CA  1 
ATOM   1215 C C   . GLY A 1 161 ? 9.015   -5.852  -7.299  1.00 12.45 ? 162 GLY A C   1 
ATOM   1216 O O   . GLY A 1 161 ? 8.353   -4.843  -7.195  1.00 13.18 ? 162 GLY A O   1 
ATOM   1217 N N   . GLN A 1 162 ? 10.292  -5.880  -7.688  1.00 12.60 ? 163 GLN A N   1 
ATOM   1218 C CA  . GLN A 1 162 ? 11.020  -4.673  -7.910  1.00 13.37 ? 163 GLN A CA  1 
ATOM   1219 C C   . GLN A 1 162 ? 11.473  -4.616  -9.356  1.00 13.95 ? 163 GLN A C   1 
ATOM   1220 O O   . GLN A 1 162 ? 11.993  -5.612  -9.839  1.00 15.64 ? 163 GLN A O   1 
ATOM   1221 C CB  . GLN A 1 162 ? 12.220  -4.638  -6.971  1.00 13.86 ? 163 GLN A CB  1 
ATOM   1222 C CG  . GLN A 1 162 ? 13.026  -3.400  -7.111  1.00 14.30 ? 163 GLN A CG  1 
ATOM   1223 C CD  . GLN A 1 162 ? 14.078  -3.216  -6.033  1.00 13.17 ? 163 GLN A CD  1 
ATOM   1224 O OE1 . GLN A 1 162 ? 14.326  -4.158  -5.244  1.00 14.70 ? 163 GLN A OE1 1 
ATOM   1225 N NE2 . GLN A 1 162 ? 14.655  -2.040  -5.961  1.00 14.12 ? 163 GLN A NE2 1 
ATOM   1226 N N   . LEU A 1 163 ? 11.285  -3.481  -9.993  1.00 13.33 ? 164 LEU A N   1 
ATOM   1227 C CA  . LEU A 1 163 ? 11.754  -3.247  -11.416 1.00 15.52 ? 164 LEU A CA  1 
ATOM   1228 C C   . LEU A 1 163 ? 13.135  -2.623  -11.544 1.00 16.63 ? 164 LEU A C   1 
ATOM   1229 O O   . LEU A 1 163 ? 13.841  -2.837  -12.570 1.00 16.98 ? 164 LEU A O   1 
ATOM   1230 C CB  . LEU A 1 163 ? 10.788  -2.291  -12.107 1.00 17.73 ? 164 LEU A CB  1 
ATOM   1231 C CG  . LEU A 1 163 ? 9.373   -2.818  -12.267 1.00 16.60 ? 164 LEU A CG  1 
ATOM   1232 C CD1 . LEU A 1 163 ? 8.449   -1.748  -12.851 1.00 20.89 ? 164 LEU A CD1 1 
ATOM   1233 C CD2 . LEU A 1 163 ? 9.227   -4.113  -13.063 1.00 18.23 ? 164 LEU A CD2 1 
ATOM   1234 N N   . SER A 1 164 ? 13.494  -1.785  -10.590 1.00 12.96 ? 165 SER A N   1 
ATOM   1235 C CA  . SER A 1 164 ? 14.782  -1.088  -10.539 1.00 15.36 ? 165 SER A CA  1 
ATOM   1236 C C   . SER A 1 164 ? 14.966  -0.450  -9.162  1.00 15.67 ? 165 SER A C   1 
ATOM   1237 O O   . SER A 1 164 ? 16.040  0.159   -8.851  1.00 15.45 ? 165 SER A O   1 
ATOM   1238 C CB  . SER A 1 164 ? 14.920  -0.021  -11.655 1.00 14.80 ? 165 SER A CB  1 
ATOM   1239 O OG  . SER A 1 164 ? 13.989  1.031   -11.499 1.00 15.19 ? 165 SER A OG  1 
ATOM   1240 O OXT . SER A 1 164 ? 14.015  -0.500  -8.321  1.00 13.49 ? 165 SER A OXT 1 
HETATM 1241 K K   . K   B 2 .   ? -15.917 9.773   4.727   0.50 22.65 ? 201 K   A K   1 
HETATM 1242 K K   . K   C 2 .   ? 7.765   -11.429 -8.302  1.00 35.59 ? 202 K   A K   1 
HETATM 1243 C C   . FMT D 3 .   ? 7.339   -11.646 -4.700  1.00 32.40 ? 203 FMT A C   1 
HETATM 1244 O O1  . FMT D 3 .   ? 7.548   -12.441 -5.655  1.00 39.15 ? 203 FMT A O1  1 
HETATM 1245 O O2  . FMT D 3 .   ? 6.888   -12.162 -3.557  1.00 32.74 ? 203 FMT A O2  1 
HETATM 1246 O O1  . PG4 E 4 .   ? 0.243   17.900  -6.684  1.00 47.57 ? 204 PG4 A O1  1 
HETATM 1247 C C1  . PG4 E 4 .   ? -0.947  17.216  -7.086  1.00 51.32 ? 204 PG4 A C1  1 
HETATM 1248 C C2  . PG4 E 4 .   ? -0.642  15.985  -7.958  1.00 54.51 ? 204 PG4 A C2  1 
HETATM 1249 O O2  . PG4 E 4 .   ? -0.911  14.780  -7.207  1.00 55.77 ? 204 PG4 A O2  1 
HETATM 1250 C C3  . PG4 E 4 .   ? -0.644  13.503  -7.816  1.00 51.08 ? 204 PG4 A C3  1 
HETATM 1251 C C4  . PG4 E 4 .   ? 0.068   12.578  -6.795  1.00 45.02 ? 204 PG4 A C4  1 
HETATM 1252 O O3  . PG4 E 4 .   ? 1.324   13.140  -6.490  1.00 37.62 ? 204 PG4 A O3  1 
HETATM 1253 C C5  . PG4 E 4 .   ? 2.191   12.362  -5.666  1.00 36.67 ? 204 PG4 A C5  1 
HETATM 1254 C C6  . PG4 E 4 .   ? 3.471   13.188  -5.580  1.00 35.17 ? 204 PG4 A C6  1 
HETATM 1255 O O4  . PG4 E 4 .   ? 3.979   13.158  -6.918  1.00 36.24 ? 204 PG4 A O4  1 
HETATM 1256 C C7  . PG4 E 4 .   ? 5.394   13.249  -7.105  1.00 33.18 ? 204 PG4 A C7  1 
HETATM 1257 C C8  . PG4 E 4 .   ? 5.655   12.965  -8.599  1.00 30.16 ? 204 PG4 A C8  1 
HETATM 1258 O O5  . PG4 E 4 .   ? 5.090   13.932  -9.489  1.00 31.21 ? 204 PG4 A O5  1 
HETATM 1259 C C1  . PGE F 5 .   ? -13.190 9.643   6.971   1.00 26.30 ? 205 PGE A C1  1 
HETATM 1260 O O1  . PGE F 5 .   ? -13.871 8.393   6.644   1.00 23.16 ? 205 PGE A O1  1 
HETATM 1261 C C2  . PGE F 5 .   ? -12.665 10.525  5.842   1.00 24.23 ? 205 PGE A C2  1 
HETATM 1262 O O2  . PGE F 5 .   ? -13.456 10.750  4.706   1.00 27.13 ? 205 PGE A O2  1 
HETATM 1263 C C3  . PGE F 5 .   ? -12.715 10.995  3.438   1.00 28.97 ? 205 PGE A C3  1 
HETATM 1264 C C4  . PGE F 5 .   ? -13.540 10.944  2.142   1.00 31.11 ? 205 PGE A C4  1 
HETATM 1265 O O4  . PGE F 5 .   ? -17.001 9.158   2.021   1.00 37.32 ? 205 PGE A O4  1 
HETATM 1266 C C6  . PGE F 5 .   ? -16.082 8.494   1.163   1.00 34.82 ? 205 PGE A C6  1 
HETATM 1267 C C5  . PGE F 5 .   ? -14.913 9.423   1.048   1.00 34.09 ? 205 PGE A C5  1 
HETATM 1268 O O3  . PGE F 5 .   ? -14.382 9.843   2.320   1.00 28.16 ? 205 PGE A O3  1 
HETATM 1269 C C1  . 502 G 6 .   ? -5.571  -1.051  11.257  1.00 16.06 ? 206 502 A C1  1 
HETATM 1270 C C2  . 502 G 6 .   ? -4.145  -1.429  11.332  1.00 15.13 ? 206 502 A C2  1 
HETATM 1271 C C6  . 502 G 6 .   ? -1.808  -1.123  10.718  1.00 14.18 ? 206 502 A C6  1 
HETATM 1272 C C7  . 502 G 6 .   ? -3.140  -0.729  10.644  1.00 14.85 ? 206 502 A C7  1 
HETATM 1273 C C3  . 502 G 6 .   ? -3.764  -2.531  12.061  1.00 15.38 ? 206 502 A C3  1 
HETATM 1274 C C4  . 502 G 6 .   ? -2.418  -2.885  12.129  1.00 16.76 ? 206 502 A C4  1 
HETATM 1275 C C9  . 502 G 6 .   ? -6.354  1.011   10.258  1.00 15.57 ? 206 502 A C9  1 
HETATM 1276 N N5  . 502 G 6 .   ? -1.444  -2.176  11.419  1.00 17.19 ? 206 502 A N5  1 
HETATM 1277 N N8  . 502 G 6 .   ? -5.717  0.358   11.208  1.00 17.37 ? 206 502 A N8  1 
HETATM 1278 N N10 . 502 G 6 .   ? -6.401  2.306   10.464  1.00 15.65 ? 206 502 A N10 1 
HETATM 1279 O O11 . 502 G 6 .   ? -6.862  0.498   9.270   1.00 17.89 ? 206 502 A O11 1 
HETATM 1280 C C12 . 502 G 6 .   ? -6.972  3.216   9.524   1.00 15.94 ? 206 502 A C12 1 
HETATM 1281 C C13 . 502 G 6 .   ? -5.898  3.555   8.511   1.00 15.64 ? 206 502 A C13 1 
HETATM 1282 O O14 . 502 G 6 .   ? -6.403  4.225   7.412   1.00 16.34 ? 206 502 A O14 1 
HETATM 1283 O O15 . 502 G 6 .   ? -4.705  3.403   8.663   1.00 13.65 ? 206 502 A O15 1 
HETATM 1284 C C16 . 502 G 6 .   ? -5.529  4.718   6.363   1.00 16.76 ? 206 502 A C16 1 
HETATM 1285 C C17 . 502 G 6 .   ? -6.413  5.437   5.382   1.00 17.94 ? 206 502 A C17 1 
HETATM 1286 N N18 . 502 G 6 .   ? -1.991  -4.061  12.885  1.00 18.85 ? 206 502 A N18 1 
HETATM 1287 O O   . HOH H 7 .   ? -9.027  -12.363 -6.710  1.00 29.59 ? 301 HOH A O   1 
HETATM 1288 O O   . HOH H 7 .   ? 15.356  7.471   8.594   1.00 17.77 ? 302 HOH A O   1 
HETATM 1289 O O   . HOH H 7 .   ? 16.087  -0.318  6.657   1.00 23.04 ? 303 HOH A O   1 
HETATM 1290 O O   . HOH H 7 .   ? 20.344  5.409   -9.447  1.00 23.89 ? 304 HOH A O   1 
HETATM 1291 O O   . HOH H 7 .   ? -9.768  15.842  -0.518  1.00 19.89 ? 305 HOH A O   1 
HETATM 1292 O O   . HOH H 7 .   ? 18.208  12.074  1.709   1.00 32.06 ? 306 HOH A O   1 
HETATM 1293 O O   . HOH H 7 .   ? 3.043   -11.049 -12.843 1.00 35.87 ? 307 HOH A O   1 
HETATM 1294 O O   . HOH H 7 .   ? -2.274  -7.031  0.694   1.00 18.87 ? 308 HOH A O   1 
HETATM 1295 O O   . HOH H 7 .   ? 5.792   -10.746 -1.715  1.00 14.46 ? 309 HOH A O   1 
HETATM 1296 O O   . HOH H 7 .   ? -3.479  16.106  9.737   1.00 28.43 ? 310 HOH A O   1 
HETATM 1297 O O   . HOH H 7 .   ? 2.030   -4.772  13.066  1.00 32.99 ? 311 HOH A O   1 
HETATM 1298 O O   . HOH H 7 .   ? -20.673 -8.639  8.791   1.00 15.36 ? 312 HOH A O   1 
HETATM 1299 O O   . HOH H 7 .   ? 16.587  1.091   -6.497  1.00 21.22 ? 313 HOH A O   1 
HETATM 1300 O O   . HOH H 7 .   ? -3.442  -15.173 11.567  1.00 42.29 ? 314 HOH A O   1 
HETATM 1301 O O   . HOH H 7 .   ? 6.151   19.076  7.444   1.00 43.00 ? 315 HOH A O   1 
HETATM 1302 O O   . HOH H 7 .   ? -9.174  17.926  1.309   1.00 39.13 ? 316 HOH A O   1 
HETATM 1303 O O   . HOH H 7 .   ? 8.591   -9.150  11.476  1.00 21.54 ? 317 HOH A O   1 
HETATM 1304 O O   . HOH H 7 .   ? 1.126   -2.413  12.212  1.00 31.46 ? 318 HOH A O   1 
HETATM 1305 O O   . HOH H 7 .   ? -19.155 -0.938  -7.334  1.00 26.42 ? 319 HOH A O   1 
HETATM 1306 O O   . HOH H 7 .   ? -11.593 -10.350 -20.111 1.00 19.17 ? 320 HOH A O   1 
HETATM 1307 O O   . HOH H 7 .   ? 13.142  5.820   -9.036  1.00 27.43 ? 321 HOH A O   1 
HETATM 1308 O O   . HOH H 7 .   ? -10.772 -7.742  -1.486  1.00 15.78 ? 322 HOH A O   1 
HETATM 1309 O O   . HOH H 7 .   ? 13.505  10.399  11.734  1.00 11.68 ? 323 HOH A O   1 
HETATM 1310 O O   . HOH H 7 .   ? 12.872  14.696  6.120   1.00 24.70 ? 324 HOH A O   1 
HETATM 1311 O O   . HOH H 7 .   ? -17.647 -5.081  7.673   1.00 27.55 ? 325 HOH A O   1 
HETATM 1312 O O   . HOH H 7 .   ? 4.792   11.539  5.628   1.00 11.48 ? 326 HOH A O   1 
HETATM 1313 O O   . HOH H 7 .   ? -0.013  -0.170  -15.586 1.00 16.84 ? 327 HOH A O   1 
HETATM 1314 O O   . HOH H 7 .   ? 2.963   14.842  13.368  1.00 19.74 ? 328 HOH A O   1 
HETATM 1315 O O   . HOH H 7 .   ? 4.672   9.760   15.598  1.00 23.97 ? 329 HOH A O   1 
HETATM 1316 O O   . HOH H 7 .   ? -9.471  -9.443  2.409   1.00 27.40 ? 330 HOH A O   1 
HETATM 1317 O O   . HOH H 7 .   ? 7.429   18.718  4.700   1.00 31.67 ? 331 HOH A O   1 
HETATM 1318 O O   . HOH H 7 .   ? 10.251  -9.948  2.378   1.00 17.40 ? 332 HOH A O   1 
HETATM 1319 O O   . HOH H 7 .   ? -1.220  19.679  5.490   1.00 28.95 ? 333 HOH A O   1 
HETATM 1320 O O   . HOH H 7 .   ? 17.236  7.099   -3.296  1.00 21.03 ? 334 HOH A O   1 
HETATM 1321 O O   . HOH H 7 .   ? 2.915   -6.196  17.969  1.00 23.99 ? 335 HOH A O   1 
HETATM 1322 O O   . HOH H 7 .   ? -4.935  -9.731  2.757   1.00 15.40 ? 336 HOH A O   1 
HETATM 1323 O O   . HOH H 7 .   ? -8.273  -13.525 9.805   1.00 27.48 ? 337 HOH A O   1 
HETATM 1324 O O   . HOH H 7 .   ? 17.137  -9.039  2.162   1.00 23.62 ? 338 HOH A O   1 
HETATM 1325 O O   . HOH H 7 .   ? 14.421  12.699  4.888   1.00 23.77 ? 339 HOH A O   1 
HETATM 1326 O O   . HOH H 7 .   ? 1.098   -0.426  8.612   1.00 9.80  ? 340 HOH A O   1 
HETATM 1327 O O   . HOH H 7 .   ? 8.557   14.814  10.317  1.00 23.39 ? 341 HOH A O   1 
HETATM 1328 O O   . HOH H 7 .   ? 0.453   4.236   19.432  1.00 16.75 ? 342 HOH A O   1 
HETATM 1329 O O   . HOH H 7 .   ? 10.271  -12.608 -5.677  1.00 28.79 ? 343 HOH A O   1 
HETATM 1330 O O   . HOH H 7 .   ? 6.497   10.820  -3.895  1.00 20.57 ? 344 HOH A O   1 
HETATM 1331 O O   . HOH H 7 .   ? 15.765  2.549   1.667   1.00 19.90 ? 345 HOH A O   1 
HETATM 1332 O O   . HOH H 7 .   ? 18.025  -2.317  0.145   1.00 34.85 ? 346 HOH A O   1 
HETATM 1333 O O   . HOH H 7 .   ? 16.482  -5.131  4.198   1.00 25.06 ? 347 HOH A O   1 
HETATM 1334 O O   . HOH H 7 .   ? 14.962  -5.689  13.250  1.00 21.78 ? 348 HOH A O   1 
HETATM 1335 O O   . HOH H 7 .   ? 14.997  0.662   -0.214  1.00 16.21 ? 349 HOH A O   1 
HETATM 1336 O O   . HOH H 7 .   ? 7.775   -3.961  16.910  1.00 22.67 ? 350 HOH A O   1 
HETATM 1337 O O   . HOH H 7 .   ? 2.217   4.728   13.067  1.00 13.52 ? 351 HOH A O   1 
HETATM 1338 O O   . HOH H 7 .   ? -9.857  2.565   -14.551 1.00 21.06 ? 352 HOH A O   1 
HETATM 1339 O O   . HOH H 7 .   ? -18.042 3.473   6.316   1.00 14.91 ? 353 HOH A O   1 
HETATM 1340 O O   . HOH H 7 .   ? 2.046   5.878   9.511   1.00 15.30 ? 354 HOH A O   1 
HETATM 1341 O O   . HOH H 7 .   ? 18.425  6.262   11.876  1.00 42.06 ? 355 HOH A O   1 
HETATM 1342 O O   . HOH H 7 .   ? -0.207  -15.235 -6.135  1.00 27.65 ? 356 HOH A O   1 
HETATM 1343 O O   . HOH H 7 .   ? 17.845  8.386   2.220   1.00 20.08 ? 357 HOH A O   1 
HETATM 1344 O O   . HOH H 7 .   ? 5.365   4.282   -17.151 1.00 16.21 ? 358 HOH A O   1 
HETATM 1345 O O   . HOH H 7 .   ? 2.127   12.866  6.579   1.00 12.44 ? 359 HOH A O   1 
HETATM 1346 O O   . HOH H 7 .   ? 3.722   6.418   -16.364 1.00 15.49 ? 360 HOH A O   1 
HETATM 1347 O O   . HOH H 7 .   ? 5.092   0.903   -19.288 1.00 17.17 ? 361 HOH A O   1 
HETATM 1348 O O   . HOH H 7 .   ? -11.707 8.944   -6.323  1.00 22.89 ? 362 HOH A O   1 
HETATM 1349 O O   . HOH H 7 .   ? 3.665   13.269  -1.424  1.00 16.64 ? 363 HOH A O   1 
HETATM 1350 O O   . HOH H 7 .   ? -0.841  4.194   -16.305 1.00 22.72 ? 364 HOH A O   1 
HETATM 1351 O O   . HOH H 7 .   ? 6.754   0.463   4.589   1.00 11.43 ? 365 HOH A O   1 
HETATM 1352 O O   . HOH H 7 .   ? -8.298  15.187  -4.586  1.00 19.70 ? 366 HOH A O   1 
HETATM 1353 O O   . HOH H 7 .   ? 10.129  -9.159  -10.085 1.00 34.85 ? 367 HOH A O   1 
HETATM 1354 O O   . HOH H 7 .   ? -2.105  19.164  -2.769  1.00 29.33 ? 368 HOH A O   1 
HETATM 1355 O O   . HOH H 7 .   ? -3.121  -10.314 -11.792 1.00 22.54 ? 369 HOH A O   1 
HETATM 1356 O O   . HOH H 7 .   ? 7.576   5.095   9.180   1.00 11.22 ? 370 HOH A O   1 
HETATM 1357 O O   . HOH H 7 .   ? -8.519  9.111   -8.324  1.00 30.32 ? 371 HOH A O   1 
HETATM 1358 O O   . HOH H 7 .   ? -13.139 4.091   -9.652  1.00 19.28 ? 372 HOH A O   1 
HETATM 1359 O O   . HOH H 7 .   ? 1.246   -0.447  -19.046 1.00 21.86 ? 373 HOH A O   1 
HETATM 1360 O O   . HOH H 7 .   ? -4.861  -6.903  3.410   1.00 11.65 ? 374 HOH A O   1 
HETATM 1361 O O   . HOH H 7 .   ? -1.827  1.278   -16.935 1.00 24.53 ? 375 HOH A O   1 
HETATM 1362 O O   . HOH H 7 .   ? 4.167   -1.799  -16.814 1.00 19.11 ? 376 HOH A O   1 
HETATM 1363 O O   . HOH H 7 .   ? 3.943   10.939  -2.549  1.00 24.94 ? 377 HOH A O   1 
HETATM 1364 O O   . HOH H 7 .   ? 9.199   7.752   16.659  1.00 22.92 ? 378 HOH A O   1 
HETATM 1365 O O   . HOH H 7 .   ? -14.567 -9.330  -1.222  1.00 28.79 ? 379 HOH A O   1 
HETATM 1366 O O   . HOH H 7 .   ? 7.455   11.248  4.688   1.00 11.33 ? 380 HOH A O   1 
HETATM 1367 O O   . HOH H 7 .   ? 18.316  -6.898  -1.246  1.00 36.35 ? 381 HOH A O   1 
HETATM 1368 O O   . HOH H 7 .   ? 2.217   14.773  -8.610  1.00 18.40 ? 382 HOH A O   1 
HETATM 1369 O O   . HOH H 7 .   ? -10.477 -4.348  10.491  1.00 23.25 ? 383 HOH A O   1 
HETATM 1370 O O   . HOH H 7 .   ? -22.358 -9.164  6.336   1.00 15.61 ? 384 HOH A O   1 
HETATM 1371 O O   . HOH H 7 .   ? 6.184   -15.251 8.070   1.00 30.77 ? 385 HOH A O   1 
HETATM 1372 O O   . HOH H 7 .   ? 16.805  -0.995  -4.435  1.00 20.19 ? 386 HOH A O   1 
HETATM 1373 O O   . HOH H 7 .   ? 11.032  4.376   10.903  1.00 14.59 ? 387 HOH A O   1 
HETATM 1374 O O   . HOH H 7 .   ? -1.119  16.012  12.233  1.00 37.34 ? 388 HOH A O   1 
HETATM 1375 O O   . HOH H 7 .   ? -17.439 5.891   -0.786  1.00 23.98 ? 389 HOH A O   1 
HETATM 1376 O O   . HOH H 7 .   ? 15.495  -6.720  -5.717  1.00 30.76 ? 390 HOH A O   1 
HETATM 1377 O O   . HOH H 7 .   ? 0.359   -3.887  9.390   1.00 13.47 ? 391 HOH A O   1 
HETATM 1378 O O   . HOH H 7 .   ? -3.357  12.064  -0.764  1.00 12.64 ? 392 HOH A O   1 
HETATM 1379 O O   . HOH H 7 .   ? -1.428  -2.571  -16.331 1.00 18.20 ? 393 HOH A O   1 
HETATM 1380 O O   . HOH H 7 .   ? -1.471  2.406   19.372  1.00 25.77 ? 394 HOH A O   1 
HETATM 1381 O O   . HOH H 7 .   ? 17.780  3.341   -3.116  1.00 30.14 ? 395 HOH A O   1 
HETATM 1382 O O   . HOH H 7 .   ? 0.847   9.481   -8.312  1.00 26.48 ? 396 HOH A O   1 
HETATM 1383 O O   . HOH H 7 .   ? -21.099 2.099   -1.152  1.00 23.82 ? 397 HOH A O   1 
HETATM 1384 O O   . HOH H 7 .   ? -7.508  14.382  10.859  1.00 16.93 ? 398 HOH A O   1 
HETATM 1385 O O   . HOH H 7 .   ? 7.358   17.241  1.064   1.00 30.72 ? 399 HOH A O   1 
HETATM 1386 O O   . HOH H 7 .   ? 13.893  11.184  8.870   1.00 21.48 ? 400 HOH A O   1 
HETATM 1387 O O   . HOH H 7 .   ? 10.867  -15.681 7.087   1.00 41.12 ? 401 HOH A O   1 
HETATM 1388 O O   . HOH H 7 .   ? -2.840  -8.028  -13.091 1.00 22.56 ? 402 HOH A O   1 
HETATM 1389 O O   . HOH H 7 .   ? -0.193  -0.167  20.364  1.00 27.11 ? 403 HOH A O   1 
HETATM 1390 O O   . HOH H 7 .   ? -18.628 -2.622  -5.316  1.00 25.59 ? 404 HOH A O   1 
HETATM 1391 O O   . HOH H 7 .   ? -5.491  5.045   11.899  1.00 26.74 ? 405 HOH A O   1 
HETATM 1392 O O   . HOH H 7 .   ? 4.892   16.421  0.036   1.00 17.63 ? 406 HOH A O   1 
HETATM 1393 O O   . HOH H 7 .   ? 11.370  -8.618  -7.671  1.00 19.52 ? 407 HOH A O   1 
HETATM 1394 O O   . HOH H 7 .   ? -8.201  -1.934  8.094   1.00 17.47 ? 408 HOH A O   1 
HETATM 1395 O O   . HOH H 7 .   ? 1.820   17.667  8.682   1.00 26.72 ? 409 HOH A O   1 
HETATM 1396 O O   . HOH H 7 .   ? 6.301   -2.768  -15.416 1.00 22.24 ? 410 HOH A O   1 
HETATM 1397 O O   . HOH H 7 .   ? -4.753  -15.621 10.482  1.00 34.20 ? 411 HOH A O   1 
HETATM 1398 O O   . HOH H 7 .   ? -13.387 -6.507  1.810   1.00 29.43 ? 412 HOH A O   1 
HETATM 1399 O O   . HOH H 7 .   ? -3.116  5.286   -15.494 1.00 31.31 ? 413 HOH A O   1 
HETATM 1400 O O   . HOH H 7 .   ? 3.665   -13.745 3.491   1.00 22.68 ? 414 HOH A O   1 
HETATM 1401 O O   . HOH H 7 .   ? 8.128   -14.711 0.067   1.00 27.73 ? 415 HOH A O   1 
HETATM 1402 O O   . HOH H 7 .   ? -13.734 0.917   6.895   1.00 39.21 ? 416 HOH A O   1 
HETATM 1403 O O   . HOH H 7 .   ? 8.386   -7.368  -14.455 1.00 35.56 ? 417 HOH A O   1 
HETATM 1404 O O   . HOH H 7 .   ? 18.109  4.051   7.186   1.00 26.17 ? 418 HOH A O   1 
HETATM 1405 O O   . HOH H 7 .   ? -13.688 10.592  -6.739  1.00 26.63 ? 419 HOH A O   1 
HETATM 1406 O O   . HOH H 7 .   ? 9.836   -10.507 -6.733  1.00 37.30 ? 420 HOH A O   1 
HETATM 1407 O O   . HOH H 7 .   ? -19.485 -4.418  -1.119  1.00 36.97 ? 421 HOH A O   1 
HETATM 1408 O O   . HOH H 7 .   ? 9.125   -11.915 11.047  1.00 29.13 ? 422 HOH A O   1 
HETATM 1409 O O   . HOH H 7 .   ? 6.797   -9.708  13.682  1.00 25.83 ? 423 HOH A O   1 
HETATM 1410 O O   . HOH H 7 .   ? -9.774  5.908   8.115   1.00 28.16 ? 424 HOH A O   1 
HETATM 1411 O O   . HOH H 7 .   ? -10.285 -7.479  -19.456 1.00 45.90 ? 425 HOH A O   1 
HETATM 1412 O O   . HOH H 7 .   ? 16.968  1.987   5.535   1.00 29.38 ? 426 HOH A O   1 
HETATM 1413 O O   . HOH H 7 .   ? -0.831  -13.857 2.193   1.00 35.58 ? 427 HOH A O   1 
HETATM 1414 O O   . HOH H 7 .   ? -12.489 1.935   -13.447 1.00 31.35 ? 428 HOH A O   1 
HETATM 1415 O O   . HOH H 7 .   ? 7.532   10.978  14.768  1.00 26.16 ? 429 HOH A O   1 
HETATM 1416 O O   . HOH H 7 .   ? 14.462  7.765   11.312  1.00 22.09 ? 430 HOH A O   1 
HETATM 1417 O O   . HOH H 7 .   ? 1.176   6.425   -17.165 1.00 34.60 ? 431 HOH A O   1 
HETATM 1418 O O   . HOH H 7 .   ? 16.895  0.706   -2.185  1.00 19.22 ? 432 HOH A O   1 
HETATM 1419 O O   . HOH H 7 .   ? 18.092  3.843   1.061   1.00 23.98 ? 433 HOH A O   1 
HETATM 1420 O O   . HOH H 7 .   ? 3.400   11.558  16.019  1.00 28.22 ? 434 HOH A O   1 
HETATM 1421 O O   . HOH H 7 .   ? -2.890  -15.038 -5.848  1.00 42.37 ? 435 HOH A O   1 
HETATM 1422 O O   . HOH H 7 .   ? 4.841   15.366  -2.500  1.00 17.55 ? 436 HOH A O   1 
HETATM 1423 O O   . HOH H 7 .   ? 3.698   18.930  0.132   1.00 28.25 ? 437 HOH A O   1 
HETATM 1424 O O   . HOH H 7 .   ? -6.817  9.878   -10.194 1.00 25.45 ? 438 HOH A O   1 
# 
